data_4B7R
#
_entry.id   4B7R
#
_cell.length_a   82.650
_cell.length_b   148.820
_cell.length_c   166.600
_cell.angle_alpha   90.00
_cell.angle_beta   90.00
_cell.angle_gamma   90.00
#
_symmetry.space_group_name_H-M   'P 21 21 21'
#
loop_
_entity.id
_entity.type
_entity.pdbx_description
1 polymer NEURAMINIDASE
2 branched 2-acetamido-2-deoxy-beta-D-glucopyranose-(1-4)-2-acetamido-2-deoxy-beta-D-glucopyranose
3 non-polymer 'CALCIUM ION'
4 non-polymer '(3R,4R,5S)-4-(acetylamino)-5-amino-3-(pentan-3-yloxy)cyclohex-1-ene-1-carboxylic acid'
5 non-polymer '4-(2-HYDROXYETHYL)-1-PIPERAZINE ETHANESULFONIC ACID'
6 non-polymer 2-acetamido-2-deoxy-beta-D-glucopyranose
7 water water
#
_entity_poly.entity_id   1
_entity_poly.type   'polypeptide(L)'
_entity_poly.pdbx_seq_one_letter_code
;VKLAGNSSLCPVSGWAIYSKDNSVRIGSKGDVFVIREPFISCSPLECRTFFLTQGALLNDKHSNGTIKDRSPYRTLMSCP
IGEVPSPYNSRFESVAWSASACHDGINWLTIGISGPDNGAVAVLKYNGIITDTIKSWRNNILRTQESECACVNGSCFTVM
TDGPSNGQASYKIFRIEKGKIVKSVEMNAPNYHYEECSCYPDSSEITCVCRDNWHGSNRPWVSFNQNLEYQIGYICSGIF
GDNPRPNDKTGSCGPVSSNGANGVKGFSFKYGNGVWIGRTKSISSRNGFEMIWDPNGWTGTDNNFSIKQDIVGINEWSGY
SGSFVQHPELTGLDCIRPCFWVELIRGRPKENTIWTSGSSISFCGVNSDTVGWSWPDGAELPFTIDK
;
_entity_poly.pdbx_strand_id   A,B,C,D
#
loop_
_chem_comp.id
_chem_comp.type
_chem_comp.name
_chem_comp.formula
CA non-polymer 'CALCIUM ION' 'Ca 2'
EPE non-polymer '4-(2-HYDROXYETHYL)-1-PIPERAZINE ETHANESULFONIC ACID' 'C8 H18 N2 O4 S'
G39 non-polymer '(3R,4R,5S)-4-(acetylamino)-5-amino-3-(pentan-3-yloxy)cyclohex-1-ene-1-carboxylic acid' 'C14 H24 N2 O4'
NAG D-saccharide, beta linking 2-acetamido-2-deoxy-beta-D-glucopyranose 'C8 H15 N O6'
#
# COMPACT_ATOMS: atom_id res chain seq x y z
N VAL A 1 -2.03 13.23 23.89
CA VAL A 1 -2.70 13.84 25.03
C VAL A 1 -4.22 13.84 24.84
N LYS A 2 -4.95 13.58 25.93
CA LYS A 2 -6.42 13.58 25.93
C LYS A 2 -6.98 14.83 25.28
N LEU A 3 -8.04 14.68 24.49
CA LEU A 3 -8.76 15.81 23.94
C LEU A 3 -9.56 16.49 25.06
N ALA A 4 -9.35 17.79 25.22
CA ALA A 4 -10.03 18.54 26.28
C ALA A 4 -11.54 18.56 26.07
N GLY A 5 -11.98 18.95 24.88
CA GLY A 5 -13.40 19.05 24.58
C GLY A 5 -14.13 20.14 25.35
N ASN A 6 -13.38 21.12 25.85
CA ASN A 6 -13.99 22.15 26.70
C ASN A 6 -14.20 23.50 26.04
N SER A 7 -13.73 23.68 24.81
CA SER A 7 -13.98 24.93 24.11
C SER A 7 -15.34 24.84 23.43
N SER A 8 -15.84 25.95 22.90
CA SER A 8 -17.13 25.94 22.26
C SER A 8 -16.99 25.65 20.77
N LEU A 9 -18.11 25.39 20.10
CA LEU A 9 -18.13 25.24 18.65
C LEU A 9 -17.77 26.53 17.97
N CYS A 10 -16.90 26.47 16.96
CA CYS A 10 -16.58 27.62 16.14
C CYS A 10 -17.85 28.10 15.45
N PRO A 11 -18.14 29.41 15.52
CA PRO A 11 -19.22 29.95 14.71
C PRO A 11 -18.81 29.84 13.25
N VAL A 12 -19.74 29.48 12.38
CA VAL A 12 -19.42 29.30 10.97
C VAL A 12 -20.49 29.94 10.10
N SER A 13 -20.08 30.48 8.95
CA SER A 13 -21.02 31.17 8.10
C SER A 13 -21.30 30.36 6.83
N GLY A 14 -20.51 29.32 6.62
CA GLY A 14 -20.63 28.50 5.43
C GLY A 14 -19.75 27.26 5.49
N TRP A 15 -19.84 26.43 4.46
CA TRP A 15 -19.20 25.12 4.47
C TRP A 15 -18.28 24.95 3.26
N ALA A 16 -17.02 24.64 3.53
CA ALA A 16 -16.01 24.49 2.49
C ALA A 16 -15.83 23.01 2.20
N ILE A 17 -15.74 22.63 0.93
CA ILE A 17 -15.60 21.21 0.65
C ILE A 17 -14.25 20.65 1.11
N TYR A 18 -14.30 19.48 1.74
CA TYR A 18 -13.14 18.91 2.41
C TYR A 18 -12.66 17.66 1.68
N SER A 19 -13.58 16.76 1.38
CA SER A 19 -13.21 15.52 0.69
C SER A 19 -14.31 14.99 -0.22
N LYS A 20 -13.89 14.20 -1.20
CA LYS A 20 -14.80 13.43 -2.04
C LYS A 20 -14.03 12.19 -2.50
N ASP A 21 -14.61 11.01 -2.31
CA ASP A 21 -13.86 9.78 -2.61
C ASP A 21 -14.15 9.13 -3.98
N ASN A 22 -15.29 9.45 -4.60
CA ASN A 22 -15.62 8.89 -5.91
C ASN A 22 -15.62 7.36 -5.92
N SER A 23 -15.98 6.75 -4.79
CA SER A 23 -15.82 5.31 -4.61
C SER A 23 -16.53 4.46 -5.63
N VAL A 24 -17.79 4.80 -5.92
CA VAL A 24 -18.58 3.96 -6.81
C VAL A 24 -18.06 4.06 -8.24
N ARG A 25 -17.75 5.29 -8.68
CA ARG A 25 -17.13 5.49 -9.98
C ARG A 25 -15.84 4.67 -10.15
N ILE A 26 -14.98 4.73 -9.15
CA ILE A 26 -13.70 4.02 -9.17
C ILE A 26 -13.92 2.52 -9.10
N GLY A 27 -14.92 2.12 -8.33
CA GLY A 27 -15.21 0.70 -8.10
C GLY A 27 -15.76 -0.04 -9.31
N SER A 28 -16.16 0.70 -10.33
CA SER A 28 -16.57 0.11 -11.59
C SER A 28 -15.45 -0.76 -12.18
N LYS A 29 -14.20 -0.36 -11.97
CA LYS A 29 -13.05 -1.13 -12.42
C LYS A 29 -12.14 -1.58 -11.28
N GLY A 30 -11.86 -0.68 -10.35
CA GLY A 30 -10.92 -0.97 -9.27
C GLY A 30 -11.56 -1.85 -8.21
N ASP A 31 -10.74 -2.30 -7.27
CA ASP A 31 -11.22 -3.18 -6.21
C ASP A 31 -11.65 -2.36 -5.02
N VAL A 32 -12.95 -2.09 -4.97
CA VAL A 32 -13.50 -1.20 -3.96
C VAL A 32 -14.60 -1.97 -3.24
N PHE A 33 -14.60 -1.93 -1.91
CA PHE A 33 -15.64 -2.60 -1.12
C PHE A 33 -17.01 -2.04 -1.44
N VAL A 34 -18.01 -2.91 -1.48
CA VAL A 34 -19.40 -2.51 -1.31
C VAL A 34 -19.56 -2.05 0.14
N ILE A 35 -20.04 -0.83 0.34
CA ILE A 35 -20.18 -0.29 1.69
C ILE A 35 -21.47 0.48 1.85
N ARG A 36 -21.89 0.65 3.10
CA ARG A 36 -22.85 1.70 3.44
C ARG A 36 -22.50 2.19 4.83
N GLU A 37 -23.28 3.15 5.30
CA GLU A 37 -23.07 3.76 6.61
C GLU A 37 -21.64 4.25 6.83
N PRO A 38 -21.11 5.05 5.90
CA PRO A 38 -19.76 5.56 6.14
C PRO A 38 -19.83 6.70 7.15
N PHE A 39 -18.72 7.02 7.81
CA PHE A 39 -18.67 8.21 8.63
C PHE A 39 -17.23 8.62 8.84
N ILE A 40 -17.01 9.85 9.29
CA ILE A 40 -15.64 10.34 9.47
C ILE A 40 -15.37 10.61 10.94
N SER A 41 -14.15 10.32 11.38
CA SER A 41 -13.74 10.68 12.72
C SER A 41 -12.27 11.04 12.69
N CYS A 42 -11.87 11.98 13.56
CA CYS A 42 -10.51 12.47 13.56
C CYS A 42 -9.78 12.18 14.87
N SER A 43 -8.46 11.98 14.77
CA SER A 43 -7.60 11.89 15.93
C SER A 43 -6.88 13.25 16.03
N PRO A 44 -5.91 13.39 16.94
CA PRO A 44 -5.16 14.65 16.85
C PRO A 44 -4.15 14.68 15.69
N LEU A 45 -4.06 13.60 14.92
CA LEU A 45 -3.07 13.53 13.84
C LEU A 45 -3.67 13.25 12.46
N GLU A 46 -4.86 12.66 12.39
CA GLU A 46 -5.44 12.35 11.08
C GLU A 46 -6.94 12.20 11.10
N CYS A 47 -7.58 12.41 9.95
CA CYS A 47 -9.00 12.10 9.82
C CYS A 47 -9.17 10.82 9.02
N ARG A 48 -10.05 9.95 9.49
CA ARG A 48 -10.29 8.68 8.79
C ARG A 48 -11.75 8.53 8.43
N THR A 49 -12.00 7.81 7.34
CA THR A 49 -13.36 7.43 7.00
C THR A 49 -13.57 6.00 7.47
N PHE A 50 -14.60 5.80 8.28
CA PHE A 50 -15.03 4.48 8.72
C PHE A 50 -16.23 4.05 7.89
N PHE A 51 -16.40 2.75 7.72
CA PHE A 51 -17.52 2.27 6.90
C PHE A 51 -17.85 0.82 7.22
N LEU A 52 -19.06 0.41 6.91
CA LEU A 52 -19.47 -0.98 7.08
C LEU A 52 -19.43 -1.65 5.72
N THR A 53 -18.45 -2.53 5.51
CA THR A 53 -18.41 -3.29 4.27
C THR A 53 -19.51 -4.36 4.27
N GLN A 54 -19.71 -4.97 3.12
CA GLN A 54 -20.58 -6.13 3.00
C GLN A 54 -19.72 -7.37 2.74
N GLY A 55 -18.42 -7.28 3.01
CA GLY A 55 -17.52 -8.39 2.75
C GLY A 55 -17.49 -8.77 1.27
N ALA A 56 -17.64 -7.78 0.40
CA ALA A 56 -17.70 -8.00 -1.04
C ALA A 56 -17.22 -6.77 -1.80
N LEU A 57 -16.83 -6.96 -3.06
CA LEU A 57 -16.38 -5.83 -3.88
C LEU A 57 -17.43 -5.44 -4.91
N LEU A 58 -17.44 -4.16 -5.28
CA LEU A 58 -18.30 -3.71 -6.37
C LEU A 58 -17.99 -4.42 -7.68
N ASN A 59 -19.04 -4.67 -8.45
CA ASN A 59 -18.95 -5.34 -9.75
C ASN A 59 -18.55 -6.81 -9.65
N ASP A 60 -18.70 -7.40 -8.47
CA ASP A 60 -18.52 -8.83 -8.30
C ASP A 60 -19.86 -9.47 -7.88
N LYS A 61 -20.02 -10.76 -8.17
CA LYS A 61 -21.27 -11.44 -7.83
C LYS A 61 -21.58 -11.45 -6.34
N HIS A 62 -20.57 -11.36 -5.47
CA HIS A 62 -20.88 -11.35 -4.03
C HIS A 62 -21.53 -10.04 -3.56
N SER A 63 -21.63 -9.06 -4.45
CA SER A 63 -22.37 -7.83 -4.14
C SER A 63 -23.87 -8.04 -4.28
N ASN A 64 -24.27 -9.19 -4.81
CA ASN A 64 -25.67 -9.54 -4.98
C ASN A 64 -26.40 -9.54 -3.64
N GLY A 65 -27.52 -8.81 -3.55
CA GLY A 65 -28.35 -8.82 -2.36
C GLY A 65 -27.92 -7.88 -1.24
N THR A 66 -26.99 -6.96 -1.54
CA THR A 66 -26.44 -6.08 -0.52
C THR A 66 -27.36 -4.94 -0.07
N ILE A 67 -28.60 -4.94 -0.53
CA ILE A 67 -29.64 -4.15 0.12
C ILE A 67 -29.82 -4.64 1.57
N LYS A 68 -29.43 -5.88 1.83
CA LYS A 68 -29.64 -6.50 3.15
C LYS A 68 -28.76 -5.83 4.21
N ASP A 69 -29.35 -5.47 5.34
CA ASP A 69 -28.63 -4.66 6.33
C ASP A 69 -27.68 -5.41 7.23
N ARG A 70 -28.09 -6.60 7.66
CA ARG A 70 -27.30 -7.29 8.67
C ARG A 70 -26.97 -8.69 8.21
N SER A 71 -25.71 -9.07 8.37
CA SER A 71 -25.23 -10.40 8.01
C SER A 71 -23.93 -10.64 8.76
N PRO A 72 -23.47 -11.90 8.81
CA PRO A 72 -22.20 -12.11 9.51
C PRO A 72 -20.98 -11.68 8.70
N TYR A 73 -21.19 -11.18 7.48
CA TYR A 73 -20.05 -10.80 6.62
C TYR A 73 -19.67 -9.33 6.79
N ARG A 74 -20.56 -8.54 7.37
CA ARG A 74 -20.29 -7.10 7.46
C ARG A 74 -19.17 -6.81 8.47
N THR A 75 -18.24 -5.96 8.08
CA THR A 75 -17.15 -5.57 8.98
C THR A 75 -16.99 -4.05 8.98
N LEU A 76 -16.62 -3.50 10.14
CA LEU A 76 -16.22 -2.10 10.22
C LEU A 76 -14.76 -2.02 9.85
N MET A 77 -14.44 -1.14 8.90
CA MET A 77 -13.07 -0.91 8.49
C MET A 77 -12.88 0.59 8.33
N SER A 78 -11.64 1.04 8.15
CA SER A 78 -11.42 2.45 7.94
C SER A 78 -10.28 2.69 6.95
N CYS A 79 -10.28 3.87 6.34
CA CYS A 79 -9.17 4.26 5.49
C CYS A 79 -8.98 5.76 5.65
N PRO A 80 -7.85 6.31 5.15
CA PRO A 80 -7.68 7.77 5.22
C PRO A 80 -8.78 8.50 4.49
N ILE A 81 -9.21 9.65 5.00
CA ILE A 81 -10.28 10.41 4.37
C ILE A 81 -10.02 10.72 2.88
N GLY A 82 -11.07 10.59 2.07
CA GLY A 82 -10.98 10.90 0.64
C GLY A 82 -10.44 9.77 -0.22
N GLU A 83 -9.93 8.71 0.38
CA GLU A 83 -9.45 7.56 -0.40
C GLU A 83 -10.58 6.56 -0.57
N VAL A 84 -10.58 5.79 -1.65
CA VAL A 84 -11.64 4.79 -1.81
C VAL A 84 -11.46 3.66 -0.81
N PRO A 85 -12.58 3.13 -0.31
CA PRO A 85 -12.50 2.02 0.63
C PRO A 85 -12.13 0.74 -0.12
N SER A 86 -10.86 0.39 -0.08
CA SER A 86 -10.36 -0.78 -0.81
C SER A 86 -9.75 -1.79 0.15
N PRO A 87 -9.74 -3.08 -0.23
CA PRO A 87 -9.01 -4.07 0.59
C PRO A 87 -7.51 -3.77 0.66
N TYR A 88 -7.00 -2.95 -0.27
CA TYR A 88 -5.58 -2.67 -0.29
C TYR A 88 -5.18 -1.42 0.52
N ASN A 89 -6.15 -0.65 0.97
CA ASN A 89 -5.79 0.53 1.76
C ASN A 89 -6.56 0.66 3.07
N SER A 90 -7.43 -0.30 3.36
CA SER A 90 -8.27 -0.19 4.56
C SER A 90 -7.75 -1.00 5.76
N ARG A 91 -7.90 -0.42 6.95
CA ARG A 91 -7.53 -1.08 8.19
C ARG A 91 -8.77 -1.81 8.74
N PHE A 92 -8.61 -3.05 9.17
CA PHE A 92 -9.75 -3.76 9.78
C PHE A 92 -10.03 -3.20 11.18
N GLU A 93 -11.31 -3.01 11.52
CA GLU A 93 -11.63 -2.54 12.88
C GLU A 93 -12.41 -3.58 13.70
N SER A 94 -13.52 -4.06 13.17
CA SER A 94 -14.42 -4.92 13.96
C SER A 94 -15.38 -5.67 13.06
N VAL A 95 -15.87 -6.82 13.52
CA VAL A 95 -16.98 -7.46 12.81
C VAL A 95 -18.26 -6.77 13.25
N ALA A 96 -19.03 -6.23 12.31
CA ALA A 96 -20.11 -5.31 12.70
C ALA A 96 -21.12 -5.01 11.61
N TRP A 97 -22.39 -5.00 11.97
CA TRP A 97 -23.41 -4.47 11.07
C TRP A 97 -24.05 -3.19 11.61
N SER A 98 -23.52 -2.69 12.71
CA SER A 98 -23.84 -1.34 13.19
C SER A 98 -22.63 -0.90 14.02
N ALA A 99 -22.25 0.38 13.95
CA ALA A 99 -20.99 0.76 14.56
C ALA A 99 -20.88 2.23 14.95
N SER A 100 -19.87 2.51 15.77
CA SER A 100 -19.45 3.87 16.10
C SER A 100 -17.94 3.83 16.35
N ALA A 101 -17.28 4.99 16.27
CA ALA A 101 -15.86 5.06 16.61
C ALA A 101 -15.47 6.49 16.92
N CYS A 102 -14.45 6.65 17.75
CA CYS A 102 -13.92 7.98 18.02
C CYS A 102 -12.58 7.83 18.71
N HIS A 103 -11.84 8.93 18.79
CA HIS A 103 -10.49 8.91 19.32
C HIS A 103 -10.46 9.84 20.52
N ASP A 104 -9.96 9.38 21.67
CA ASP A 104 -9.99 10.21 22.88
C ASP A 104 -8.79 11.14 22.97
N GLY A 105 -7.93 11.08 21.96
CA GLY A 105 -6.69 11.85 21.97
C GLY A 105 -5.48 10.95 22.19
N ILE A 106 -5.73 9.75 22.68
CA ILE A 106 -4.68 8.77 22.93
C ILE A 106 -4.79 7.54 22.01
N ASN A 107 -5.98 6.96 21.94
CA ASN A 107 -6.23 5.79 21.11
C ASN A 107 -7.63 5.78 20.51
N TRP A 108 -7.80 4.97 19.47
CA TRP A 108 -9.11 4.75 18.87
C TRP A 108 -10.00 3.87 19.73
N LEU A 109 -11.24 4.31 19.94
CA LEU A 109 -12.32 3.46 20.44
C LEU A 109 -13.16 3.03 19.24
N THR A 110 -13.44 1.73 19.10
CA THR A 110 -14.45 1.32 18.14
C THR A 110 -15.52 0.50 18.83
N ILE A 111 -16.74 0.63 18.32
CA ILE A 111 -17.88 -0.12 18.84
C ILE A 111 -18.51 -0.83 17.65
N GLY A 112 -18.53 -2.15 17.70
CA GLY A 112 -19.04 -2.93 16.57
C GLY A 112 -20.05 -3.95 17.04
N ILE A 113 -21.26 -3.89 16.48
CA ILE A 113 -22.32 -4.81 16.88
C ILE A 113 -22.51 -5.90 15.84
N SER A 114 -22.50 -7.16 16.28
CA SER A 114 -22.78 -8.28 15.38
C SER A 114 -23.60 -9.31 16.14
N GLY A 115 -23.93 -10.43 15.49
CA GLY A 115 -24.82 -11.40 16.10
C GLY A 115 -26.22 -11.38 15.52
N PRO A 116 -27.10 -12.25 16.05
CA PRO A 116 -28.49 -12.38 15.59
C PRO A 116 -29.32 -11.16 15.99
N ASP A 117 -30.35 -10.85 15.21
CA ASP A 117 -31.24 -9.73 15.51
C ASP A 117 -31.83 -9.79 16.91
N ASN A 118 -32.06 -11.01 17.41
CA ASN A 118 -32.73 -11.17 18.71
C ASN A 118 -31.79 -11.31 19.89
N GLY A 119 -30.51 -11.02 19.70
CA GLY A 119 -29.56 -11.14 20.79
C GLY A 119 -28.17 -10.65 20.43
N ALA A 120 -28.11 -9.51 19.76
CA ALA A 120 -26.84 -8.97 19.28
C ALA A 120 -25.93 -8.52 20.42
N VAL A 121 -24.64 -8.46 20.15
CA VAL A 121 -23.68 -8.02 21.16
C VAL A 121 -22.75 -6.97 20.59
N ALA A 122 -22.64 -5.85 21.30
CA ALA A 122 -21.67 -4.84 20.92
C ALA A 122 -20.30 -5.17 21.50
N VAL A 123 -19.29 -5.14 20.64
CA VAL A 123 -17.91 -5.37 21.05
C VAL A 123 -17.16 -4.04 21.01
N LEU A 124 -16.61 -3.65 22.16
CA LEU A 124 -15.83 -2.42 22.26
C LEU A 124 -14.34 -2.72 22.21
N LYS A 125 -13.61 -1.97 21.41
CA LYS A 125 -12.16 -2.11 21.31
C LYS A 125 -11.48 -0.77 21.55
N TYR A 126 -10.35 -0.82 22.26
CA TYR A 126 -9.55 0.36 22.51
C TYR A 126 -8.16 0.03 21.99
N ASN A 127 -7.68 0.84 21.03
CA ASN A 127 -6.45 0.53 20.30
C ASN A 127 -6.49 -0.90 19.72
N GLY A 128 -7.66 -1.31 19.22
CA GLY A 128 -7.78 -2.61 18.58
C GLY A 128 -7.83 -3.85 19.47
N ILE A 129 -7.82 -3.63 20.79
CA ILE A 129 -7.94 -4.72 21.75
C ILE A 129 -9.34 -4.70 22.36
N ILE A 130 -9.99 -5.87 22.44
CA ILE A 130 -11.32 -5.94 23.05
C ILE A 130 -11.24 -5.54 24.51
N THR A 131 -12.08 -4.58 24.90
CA THR A 131 -12.06 -4.04 26.25
C THR A 131 -13.38 -4.19 26.99
N ASP A 132 -14.47 -4.42 26.26
CA ASP A 132 -15.79 -4.60 26.90
C ASP A 132 -16.77 -5.16 25.88
N THR A 133 -17.88 -5.71 26.35
CA THR A 133 -18.98 -6.08 25.47
C THR A 133 -20.28 -5.69 26.16
N ILE A 134 -21.35 -5.56 25.39
CA ILE A 134 -22.67 -5.40 26.00
C ILE A 134 -23.75 -6.07 25.16
N LYS A 135 -24.64 -6.79 25.82
CA LYS A 135 -25.67 -7.53 25.10
C LYS A 135 -26.93 -6.68 24.92
N SER A 136 -27.67 -7.01 23.87
CA SER A 136 -29.00 -6.47 23.62
C SER A 136 -29.88 -6.57 24.87
N TRP A 137 -30.56 -5.48 25.21
CA TRP A 137 -31.41 -5.45 26.39
C TRP A 137 -32.92 -5.45 26.05
N ARG A 138 -33.25 -5.28 24.76
CA ARG A 138 -34.63 -5.43 24.30
C ARG A 138 -34.80 -6.55 23.28
N ASN A 139 -33.70 -7.22 22.93
CA ASN A 139 -33.77 -8.37 22.03
C ASN A 139 -34.31 -8.02 20.65
N ASN A 140 -34.05 -6.80 20.17
CA ASN A 140 -34.59 -6.38 18.89
C ASN A 140 -33.65 -5.40 18.19
N ILE A 141 -32.64 -5.97 17.52
CA ILE A 141 -31.64 -5.23 16.77
C ILE A 141 -30.93 -4.13 17.59
N LEU A 142 -30.12 -4.53 18.55
CA LEU A 142 -29.25 -3.58 19.24
C LEU A 142 -28.46 -2.81 18.19
N ARG A 143 -28.40 -1.49 18.31
CA ARG A 143 -27.85 -0.68 17.24
C ARG A 143 -27.35 0.66 17.74
N THR A 144 -26.46 1.28 16.97
CA THR A 144 -25.81 2.49 17.45
C THR A 144 -25.73 3.59 16.38
N GLN A 145 -24.81 4.53 16.54
CA GLN A 145 -24.87 5.80 15.80
C GLN A 145 -24.69 5.73 14.28
N GLU A 146 -23.79 4.87 13.81
CA GLU A 146 -23.25 4.97 12.44
C GLU A 146 -22.62 6.34 12.19
N SER A 147 -22.10 6.97 13.24
CA SER A 147 -21.20 8.11 13.10
C SER A 147 -20.32 8.17 14.33
N GLU A 148 -19.49 9.19 14.41
CA GLU A 148 -18.47 9.21 15.45
C GLU A 148 -19.07 9.44 16.84
N CYS A 149 -18.50 8.78 17.85
CA CYS A 149 -18.86 9.06 19.22
C CYS A 149 -18.18 10.38 19.62
N ALA A 150 -18.48 10.91 20.79
CA ALA A 150 -17.94 12.21 21.17
C ALA A 150 -17.06 12.07 22.41
N CYS A 151 -15.94 12.78 22.44
CA CYS A 151 -14.99 12.65 23.55
C CYS A 151 -14.74 13.98 24.27
N VAL A 152 -14.75 13.92 25.59
CA VAL A 152 -14.45 15.06 26.45
C VAL A 152 -13.57 14.57 27.59
N ASN A 153 -12.38 15.16 27.71
CA ASN A 153 -11.50 14.91 28.85
C ASN A 153 -11.25 13.43 29.15
N GLY A 154 -10.97 12.64 28.12
CA GLY A 154 -10.62 11.25 28.33
C GLY A 154 -11.79 10.28 28.43
N SER A 155 -13.01 10.80 28.34
CA SER A 155 -14.19 9.93 28.28
C SER A 155 -14.87 10.07 26.92
N CYS A 156 -15.38 8.97 26.40
CA CYS A 156 -16.13 9.01 25.16
C CYS A 156 -17.58 8.66 25.40
N PHE A 157 -18.46 9.23 24.59
CA PHE A 157 -19.90 9.08 24.81
C PHE A 157 -20.62 8.64 23.54
N THR A 158 -21.62 7.78 23.72
CA THR A 158 -22.41 7.31 22.59
C THR A 158 -23.84 7.01 23.02
N VAL A 159 -24.72 6.83 22.03
CA VAL A 159 -26.10 6.47 22.29
C VAL A 159 -26.40 5.18 21.54
N MET A 160 -27.09 4.26 22.19
CA MET A 160 -27.52 3.03 21.52
C MET A 160 -29.02 2.83 21.69
N THR A 161 -29.63 2.16 20.72
CA THR A 161 -31.08 1.93 20.75
C THR A 161 -31.33 0.44 20.63
N ASP A 162 -32.40 -0.04 21.24
CA ASP A 162 -32.79 -1.44 21.11
C ASP A 162 -34.31 -1.47 21.19
N GLY A 163 -34.94 -2.27 20.34
CA GLY A 163 -36.39 -2.29 20.28
C GLY A 163 -36.92 -1.91 18.91
N PRO A 164 -38.24 -1.69 18.81
CA PRO A 164 -38.91 -1.41 17.53
C PRO A 164 -38.35 -0.20 16.80
N SER A 165 -38.28 -0.28 15.47
CA SER A 165 -37.93 0.90 14.68
C SER A 165 -39.19 1.64 14.27
N ASN A 166 -40.35 1.12 14.66
CA ASN A 166 -41.61 1.72 14.25
C ASN A 166 -42.55 1.95 15.42
N GLY A 167 -41.98 2.15 16.60
CA GLY A 167 -42.76 2.43 17.79
C GLY A 167 -41.81 2.72 18.92
N GLN A 168 -42.33 2.90 20.12
CA GLN A 168 -41.49 3.16 21.29
C GLN A 168 -40.39 2.13 21.41
N ALA A 169 -39.14 2.60 21.49
CA ALA A 169 -38.02 1.72 21.75
C ALA A 169 -37.31 2.18 23.02
N SER A 170 -36.12 1.62 23.26
CA SER A 170 -35.36 1.93 24.47
C SER A 170 -34.04 2.58 24.08
N TYR A 171 -33.70 3.70 24.71
CA TYR A 171 -32.50 4.48 24.33
C TYR A 171 -31.55 4.67 25.51
N LYS A 172 -30.30 4.27 25.34
CA LYS A 172 -29.30 4.42 26.40
C LYS A 172 -28.13 5.30 26.00
N ILE A 173 -27.66 6.09 26.95
CA ILE A 173 -26.44 6.85 26.79
C ILE A 173 -25.32 6.19 27.60
N PHE A 174 -24.11 6.18 27.06
CA PHE A 174 -23.00 5.52 27.71
C PHE A 174 -21.83 6.46 27.89
N ARG A 175 -21.12 6.33 29.00
CA ARG A 175 -19.81 6.95 29.15
C ARG A 175 -18.76 5.85 29.13
N ILE A 176 -17.77 6.02 28.26
CA ILE A 176 -16.77 4.97 28.03
C ILE A 176 -15.38 5.55 28.27
N GLU A 177 -14.58 4.86 29.09
CA GLU A 177 -13.22 5.32 29.37
C GLU A 177 -12.24 4.20 29.05
N LYS A 178 -11.35 4.47 28.09
CA LYS A 178 -10.40 3.46 27.62
C LYS A 178 -11.10 2.17 27.21
N GLY A 179 -12.22 2.33 26.51
CA GLY A 179 -12.96 1.21 25.98
C GLY A 179 -13.80 0.43 26.99
N LYS A 180 -13.93 0.95 28.21
CA LYS A 180 -14.77 0.31 29.21
C LYS A 180 -15.99 1.16 29.52
N ILE A 181 -17.16 0.56 29.48
CA ILE A 181 -18.38 1.25 29.89
C ILE A 181 -18.32 1.51 31.40
N VAL A 182 -18.25 2.77 31.79
CA VAL A 182 -18.16 3.11 33.21
C VAL A 182 -19.47 3.66 33.78
N LYS A 183 -20.38 4.05 32.90
CA LYS A 183 -21.72 4.45 33.32
C LYS A 183 -22.66 4.38 32.12
N SER A 184 -23.90 3.99 32.39
CA SER A 184 -24.93 4.11 31.37
C SER A 184 -26.21 4.63 32.02
N VAL A 185 -27.01 5.34 31.23
CA VAL A 185 -28.31 5.81 31.68
C VAL A 185 -29.36 5.49 30.61
N GLU A 186 -30.53 5.00 31.02
CA GLU A 186 -31.62 4.86 30.07
C GLU A 186 -32.43 6.15 30.04
N MET A 187 -32.57 6.72 28.84
CA MET A 187 -33.34 7.94 28.69
C MET A 187 -34.83 7.71 28.94
N ASN A 188 -35.43 8.57 29.76
CA ASN A 188 -36.85 8.53 30.04
C ASN A 188 -37.54 9.38 28.98
N ALA A 189 -37.84 8.77 27.84
CA ALA A 189 -38.32 9.54 26.71
C ALA A 189 -39.57 8.95 26.07
N PRO A 190 -40.69 8.97 26.80
CA PRO A 190 -41.95 8.42 26.26
C PRO A 190 -42.44 9.24 25.08
N ASN A 191 -42.85 8.58 24.01
CA ASN A 191 -43.31 9.23 22.77
C ASN A 191 -42.20 9.87 21.93
N TYR A 192 -40.96 9.71 22.36
CA TYR A 192 -39.80 10.09 21.56
C TYR A 192 -39.24 8.86 20.88
N HIS A 193 -38.55 9.05 19.77
CA HIS A 193 -37.85 7.95 19.12
C HIS A 193 -36.48 8.44 18.68
N TYR A 194 -35.44 7.70 19.09
CA TYR A 194 -34.05 8.03 18.78
C TYR A 194 -33.38 6.91 18.00
N GLU A 195 -32.87 7.24 16.81
CA GLU A 195 -32.05 6.29 16.05
C GLU A 195 -30.85 7.04 15.51
N GLU A 196 -29.73 6.31 15.34
CA GLU A 196 -28.59 6.81 14.57
C GLU A 196 -28.17 8.25 14.92
N CYS A 197 -27.90 8.50 16.18
CA CYS A 197 -27.57 9.84 16.64
C CYS A 197 -26.26 10.36 16.07
N SER A 198 -26.25 11.64 15.69
CA SER A 198 -25.02 12.37 15.39
C SER A 198 -24.69 13.25 16.60
N CYS A 199 -23.60 12.90 17.27
CA CYS A 199 -23.27 13.52 18.55
C CYS A 199 -21.97 14.27 18.43
N TYR A 200 -21.88 15.44 19.05
CA TYR A 200 -20.63 16.22 19.03
C TYR A 200 -20.39 16.89 20.39
N PRO A 201 -19.11 17.16 20.73
CA PRO A 201 -18.80 17.88 21.97
C PRO A 201 -18.84 19.40 21.78
N ASP A 202 -19.17 20.12 22.85
CA ASP A 202 -19.33 21.57 22.80
C ASP A 202 -19.29 22.04 24.25
N SER A 203 -18.24 22.75 24.64
CA SER A 203 -18.13 23.28 26.00
C SER A 203 -18.30 22.21 27.07
N SER A 204 -17.64 21.07 26.87
CA SER A 204 -17.63 19.94 27.82
C SER A 204 -18.96 19.19 27.93
N GLU A 205 -19.91 19.53 27.06
CA GLU A 205 -21.17 18.80 27.03
C GLU A 205 -21.39 18.17 25.65
N ILE A 206 -22.22 17.13 25.61
CA ILE A 206 -22.49 16.45 24.36
C ILE A 206 -23.88 16.78 23.86
N THR A 207 -23.99 17.07 22.57
CA THR A 207 -25.30 17.26 21.93
C THR A 207 -25.47 16.27 20.81
N CYS A 208 -26.59 15.55 20.82
CA CYS A 208 -26.88 14.57 19.77
C CYS A 208 -28.15 14.94 19.03
N VAL A 209 -28.10 14.90 17.71
CA VAL A 209 -29.28 15.11 16.89
C VAL A 209 -29.52 13.80 16.15
N CYS A 210 -30.75 13.30 16.21
CA CYS A 210 -30.97 11.92 15.82
C CYS A 210 -32.13 11.78 14.85
N ARG A 211 -32.61 10.55 14.69
CA ARG A 211 -33.62 10.22 13.70
C ARG A 211 -34.81 9.57 14.40
N ASP A 212 -35.98 10.19 14.26
CA ASP A 212 -37.22 9.60 14.75
C ASP A 212 -37.81 8.78 13.61
N ASN A 213 -37.76 7.47 13.74
CA ASN A 213 -38.23 6.59 12.66
C ASN A 213 -39.68 6.21 12.84
N TRP A 214 -40.24 6.61 13.97
CA TRP A 214 -41.57 6.21 14.39
C TRP A 214 -42.63 7.19 13.90
N HIS A 215 -42.53 8.46 14.29
CA HIS A 215 -43.60 9.42 14.00
C HIS A 215 -43.19 10.88 14.10
N GLY A 216 -41.99 11.19 13.64
CA GLY A 216 -41.50 12.56 13.67
C GLY A 216 -40.77 12.90 12.39
N SER A 217 -41.16 13.99 11.74
CA SER A 217 -40.44 14.44 10.55
C SER A 217 -39.48 15.57 10.89
N ASN A 218 -39.54 16.06 12.12
CA ASN A 218 -38.47 16.89 12.66
C ASN A 218 -37.52 16.01 13.47
N ARG A 219 -36.33 16.50 13.78
CA ARG A 219 -35.34 15.67 14.48
C ARG A 219 -35.36 15.82 15.99
N PRO A 220 -35.32 14.69 16.71
CA PRO A 220 -35.19 14.69 18.16
C PRO A 220 -33.74 14.94 18.55
N TRP A 221 -33.53 15.49 19.74
CA TRP A 221 -32.19 15.71 20.23
C TRP A 221 -32.07 15.30 21.69
N VAL A 222 -30.85 15.00 22.11
CA VAL A 222 -30.54 14.80 23.52
C VAL A 222 -29.19 15.44 23.81
N SER A 223 -29.13 16.20 24.91
CA SER A 223 -27.89 16.83 25.36
C SER A 223 -27.59 16.33 26.76
N PHE A 224 -26.32 16.13 27.07
CA PHE A 224 -25.96 15.63 28.38
C PHE A 224 -24.56 16.04 28.82
N ASN A 225 -24.32 16.04 30.14
CA ASN A 225 -23.00 16.34 30.65
C ASN A 225 -22.22 15.07 30.91
N GLN A 226 -21.00 15.21 31.43
CA GLN A 226 -20.14 14.05 31.61
C GLN A 226 -20.72 13.04 32.61
N ASN A 227 -21.62 13.50 33.47
CA ASN A 227 -22.30 12.61 34.41
C ASN A 227 -23.57 11.98 33.84
N LEU A 228 -23.81 12.21 32.55
CA LEU A 228 -24.98 11.66 31.86
C LEU A 228 -26.31 12.22 32.38
N GLU A 229 -26.27 13.40 32.97
CA GLU A 229 -27.49 14.15 33.25
C GLU A 229 -27.93 14.78 31.93
N TYR A 230 -29.16 14.50 31.51
CA TYR A 230 -29.55 14.80 30.13
C TYR A 230 -30.81 15.66 30.02
N GLN A 231 -31.00 16.26 28.84
CA GLN A 231 -32.24 16.94 28.49
C GLN A 231 -32.63 16.46 27.10
N ILE A 232 -33.93 16.43 26.82
CA ILE A 232 -34.39 15.97 25.52
C ILE A 232 -35.34 16.97 24.88
N GLY A 233 -35.50 16.88 23.58
CA GLY A 233 -36.46 17.71 22.87
C GLY A 233 -36.46 17.38 21.40
N TYR A 234 -37.25 18.10 20.61
CA TYR A 234 -37.19 18.02 19.16
C TYR A 234 -36.82 19.39 18.63
N ILE A 235 -36.11 19.44 17.51
CA ILE A 235 -35.81 20.71 16.87
C ILE A 235 -37.11 21.37 16.44
N CYS A 236 -37.30 22.62 16.86
CA CYS A 236 -38.58 23.31 16.73
C CYS A 236 -38.82 23.92 15.36
N SER A 237 -37.75 24.14 14.61
CA SER A 237 -37.84 24.84 13.34
C SER A 237 -38.86 24.23 12.40
N GLY A 238 -39.57 25.09 11.68
CA GLY A 238 -40.51 24.65 10.66
C GLY A 238 -39.80 24.20 9.40
N ILE A 239 -38.48 24.33 9.40
CA ILE A 239 -37.64 23.75 8.37
C ILE A 239 -37.33 22.33 8.78
N PHE A 240 -38.23 21.42 8.43
CA PHE A 240 -38.16 20.05 8.92
C PHE A 240 -36.90 19.34 8.42
N GLY A 241 -36.25 18.58 9.29
CA GLY A 241 -34.96 18.01 8.98
C GLY A 241 -34.91 16.58 8.46
N ASP A 242 -35.95 15.80 8.72
CA ASP A 242 -35.92 14.38 8.35
C ASP A 242 -36.31 14.17 6.88
N ASN A 243 -36.25 12.92 6.45
CA ASN A 243 -36.71 12.53 5.14
C ASN A 243 -37.26 11.12 5.24
N PRO A 244 -38.56 10.93 4.97
CA PRO A 244 -39.48 11.93 4.42
C PRO A 244 -39.95 12.99 5.41
N ARG A 245 -40.65 13.99 4.90
CA ARG A 245 -41.13 15.10 5.70
C ARG A 245 -42.21 15.84 4.93
N PRO A 246 -42.97 16.71 5.62
CA PRO A 246 -43.89 17.55 4.84
C PRO A 246 -43.16 18.77 4.29
N ASN A 247 -43.86 19.58 3.50
CA ASN A 247 -43.33 20.87 3.10
C ASN A 247 -43.21 21.77 4.34
N ASP A 248 -42.25 22.68 4.32
CA ASP A 248 -42.02 23.58 5.45
C ASP A 248 -43.27 24.36 5.87
N LYS A 249 -43.61 24.26 7.15
CA LYS A 249 -44.74 24.96 7.73
C LYS A 249 -44.32 25.41 9.12
N THR A 250 -45.29 25.74 9.97
CA THR A 250 -44.97 26.00 11.37
C THR A 250 -44.56 24.69 12.03
N GLY A 251 -43.46 24.72 12.78
CA GLY A 251 -42.90 23.51 13.36
C GLY A 251 -43.48 23.18 14.71
N SER A 252 -42.82 22.30 15.44
CA SER A 252 -43.26 21.92 16.77
C SER A 252 -42.08 21.55 17.66
N CYS A 253 -42.25 21.67 18.97
CA CYS A 253 -41.19 21.28 19.89
C CYS A 253 -41.30 19.81 20.31
N GLY A 254 -42.34 19.15 19.83
CA GLY A 254 -42.45 17.70 19.94
C GLY A 254 -42.37 17.08 18.55
N PRO A 255 -42.58 15.76 18.45
CA PRO A 255 -42.52 15.09 17.15
C PRO A 255 -43.64 15.54 16.20
N VAL A 256 -43.28 15.91 14.97
CA VAL A 256 -44.25 16.29 13.95
C VAL A 256 -44.71 15.03 13.23
N SER A 257 -45.97 14.64 13.43
CA SER A 257 -46.46 13.36 12.94
C SER A 257 -46.58 13.27 11.42
N SER A 258 -46.90 14.38 10.76
CA SER A 258 -47.04 14.41 9.31
C SER A 258 -45.82 13.87 8.58
N ASN A 259 -46.01 12.78 7.82
CA ASN A 259 -44.92 12.06 7.17
C ASN A 259 -43.81 11.65 8.14
N GLY A 260 -44.18 11.35 9.38
CA GLY A 260 -43.18 11.12 10.41
C GLY A 260 -42.58 9.73 10.44
N ALA A 261 -43.31 8.74 9.90
CA ALA A 261 -42.80 7.38 9.84
C ALA A 261 -41.57 7.29 8.94
N ASN A 262 -40.69 6.33 9.24
CA ASN A 262 -39.41 6.16 8.54
C ASN A 262 -38.55 7.41 8.70
N GLY A 263 -37.48 7.55 7.92
CA GLY A 263 -36.54 8.62 8.15
C GLY A 263 -35.19 8.38 7.51
N VAL A 264 -34.23 9.24 7.83
CA VAL A 264 -32.85 9.08 7.38
C VAL A 264 -31.92 9.63 8.47
N LYS A 265 -30.75 9.02 8.64
CA LYS A 265 -29.78 9.56 9.60
C LYS A 265 -29.37 10.96 9.16
N GLY A 266 -29.27 11.86 10.12
CA GLY A 266 -28.91 13.23 9.83
C GLY A 266 -28.26 13.88 11.04
N PHE A 267 -28.09 15.19 10.97
CA PHE A 267 -27.38 15.92 12.01
C PHE A 267 -27.85 17.37 12.00
N SER A 268 -27.46 18.10 13.04
CA SER A 268 -27.66 19.54 13.11
C SER A 268 -26.70 20.09 14.16
N PHE A 269 -26.31 21.36 14.01
CA PHE A 269 -25.44 22.00 14.99
C PHE A 269 -26.19 23.15 15.67
N LYS A 270 -26.23 23.09 17.00
CA LYS A 270 -26.92 24.10 17.80
C LYS A 270 -25.97 25.25 18.11
N TYR A 271 -26.47 26.47 17.94
CA TYR A 271 -25.75 27.67 18.33
C TYR A 271 -26.74 28.57 19.05
N GLY A 272 -26.77 28.49 20.38
CA GLY A 272 -27.73 29.25 21.16
C GLY A 272 -29.14 28.82 20.80
N ASN A 273 -29.95 29.78 20.37
CA ASN A 273 -31.30 29.49 19.91
C ASN A 273 -31.35 29.12 18.42
N GLY A 274 -30.19 29.21 17.77
CA GLY A 274 -30.12 28.96 16.33
C GLY A 274 -29.59 27.57 15.99
N VAL A 275 -29.76 27.20 14.73
CA VAL A 275 -29.31 25.87 14.32
C VAL A 275 -28.87 25.84 12.85
N TRP A 276 -27.77 25.14 12.59
CA TRP A 276 -27.40 24.77 11.23
C TRP A 276 -27.99 23.40 10.95
N ILE A 277 -28.89 23.33 9.98
CA ILE A 277 -29.61 22.11 9.62
C ILE A 277 -29.11 21.56 8.29
N GLY A 278 -28.71 20.29 8.27
CA GLY A 278 -28.37 19.65 7.02
C GLY A 278 -29.51 18.73 6.65
N ARG A 279 -29.97 18.79 5.40
CA ARG A 279 -31.09 17.93 5.04
C ARG A 279 -31.13 17.65 3.55
N THR A 280 -31.89 16.65 3.15
CA THR A 280 -32.11 16.36 1.75
C THR A 280 -32.91 17.50 1.13
N LYS A 281 -32.83 17.64 -0.19
CA LYS A 281 -33.66 18.63 -0.87
C LYS A 281 -35.07 18.10 -1.16
N SER A 282 -35.18 16.80 -1.44
CA SER A 282 -36.48 16.19 -1.67
C SER A 282 -37.18 15.93 -0.34
N ILE A 283 -38.51 16.05 -0.32
CA ILE A 283 -39.26 15.77 0.90
C ILE A 283 -39.71 14.32 0.96
N SER A 284 -39.51 13.58 -0.12
CA SER A 284 -40.06 12.23 -0.24
C SER A 284 -39.00 11.16 -0.44
N SER A 285 -37.85 11.52 -0.99
CA SER A 285 -36.78 10.54 -1.17
C SER A 285 -35.40 11.09 -0.82
N ARG A 286 -34.41 10.21 -0.80
CA ARG A 286 -33.05 10.59 -0.44
C ARG A 286 -32.36 11.20 -1.65
N ASN A 287 -32.82 12.40 -2.02
CA ASN A 287 -32.28 13.17 -3.14
C ASN A 287 -31.87 14.55 -2.71
N GLY A 288 -30.69 14.97 -3.14
CA GLY A 288 -30.21 16.32 -2.89
C GLY A 288 -29.73 16.49 -1.48
N PHE A 289 -29.04 17.60 -1.22
CA PHE A 289 -28.63 17.94 0.13
C PHE A 289 -28.36 19.44 0.19
N GLU A 290 -28.66 20.03 1.35
CA GLU A 290 -28.47 21.47 1.51
C GLU A 290 -28.23 21.77 2.98
N MET A 291 -27.56 22.88 3.23
CA MET A 291 -27.29 23.34 4.58
C MET A 291 -28.08 24.63 4.81
N ILE A 292 -28.78 24.70 5.93
CA ILE A 292 -29.64 25.83 6.22
C ILE A 292 -29.33 26.41 7.60
N TRP A 293 -29.10 27.71 7.65
CA TRP A 293 -28.93 28.41 8.93
C TRP A 293 -30.24 29.08 9.33
N ASP A 294 -30.77 28.68 10.48
CA ASP A 294 -31.99 29.25 11.04
C ASP A 294 -31.64 29.83 12.41
N PRO A 295 -31.58 31.16 12.51
CA PRO A 295 -31.08 31.85 13.72
C PRO A 295 -31.93 31.63 14.98
N ASN A 296 -33.19 31.21 14.83
CA ASN A 296 -34.01 30.88 16.00
C ASN A 296 -34.65 29.49 15.90
N GLY A 297 -34.06 28.61 15.09
CA GLY A 297 -34.66 27.33 14.77
C GLY A 297 -34.54 26.20 15.78
N TRP A 298 -33.68 26.36 16.77
CA TRP A 298 -33.57 25.33 17.80
C TRP A 298 -34.81 25.36 18.68
N THR A 299 -35.21 26.58 19.07
CA THR A 299 -36.31 26.77 20.01
C THR A 299 -37.58 27.37 19.40
N GLY A 300 -37.45 27.98 18.21
CA GLY A 300 -38.57 28.67 17.59
C GLY A 300 -39.20 27.89 16.46
N THR A 301 -40.50 28.08 16.25
CA THR A 301 -41.25 27.20 15.35
C THR A 301 -41.54 27.70 13.93
N ASP A 302 -41.11 28.91 13.60
CA ASP A 302 -41.40 29.43 12.26
C ASP A 302 -40.51 28.74 11.22
N ASN A 303 -40.84 28.93 9.94
CA ASN A 303 -40.02 28.35 8.87
C ASN A 303 -39.18 29.38 8.10
N ASN A 304 -38.81 30.46 8.78
CA ASN A 304 -37.91 31.45 8.18
C ASN A 304 -36.45 31.09 8.44
N PHE A 305 -35.61 31.25 7.41
CA PHE A 305 -34.19 31.00 7.54
C PHE A 305 -33.44 32.14 6.86
N SER A 306 -32.14 32.23 7.09
CA SER A 306 -31.40 33.35 6.52
C SER A 306 -30.20 32.95 5.64
N ILE A 307 -29.77 31.70 5.72
CA ILE A 307 -28.74 31.20 4.81
C ILE A 307 -29.10 29.81 4.31
N LYS A 308 -28.97 29.59 3.01
CA LYS A 308 -29.09 28.27 2.43
C LYS A 308 -27.90 28.03 1.50
N GLN A 309 -27.25 26.87 1.63
CA GLN A 309 -26.14 26.54 0.75
C GLN A 309 -26.37 25.17 0.11
N ASP A 310 -26.35 25.12 -1.21
CA ASP A 310 -26.52 23.85 -1.93
C ASP A 310 -25.29 22.96 -1.80
N ILE A 311 -25.52 21.66 -1.60
CA ILE A 311 -24.45 20.68 -1.45
C ILE A 311 -24.55 19.57 -2.51
N VAL A 312 -25.77 19.05 -2.70
CA VAL A 312 -26.05 18.09 -3.76
C VAL A 312 -27.37 18.48 -4.44
N GLY A 313 -27.40 18.48 -5.77
CA GLY A 313 -28.58 18.88 -6.51
C GLY A 313 -29.79 18.00 -6.26
N ILE A 314 -30.98 18.53 -6.46
CA ILE A 314 -32.20 17.79 -6.11
C ILE A 314 -32.40 16.54 -6.96
N ASN A 315 -31.86 16.54 -8.17
CA ASN A 315 -32.00 15.40 -9.07
C ASN A 315 -30.86 14.40 -8.90
N GLU A 316 -30.15 14.49 -7.78
CA GLU A 316 -29.03 13.59 -7.51
C GLU A 316 -29.24 12.82 -6.23
N TRP A 317 -28.68 11.61 -6.16
CA TRP A 317 -28.85 10.75 -5.01
C TRP A 317 -28.05 11.26 -3.83
N SER A 318 -28.68 11.25 -2.65
CA SER A 318 -27.94 11.49 -1.41
C SER A 318 -28.19 10.31 -0.48
N GLY A 319 -28.36 10.58 0.80
CA GLY A 319 -28.48 9.49 1.76
C GLY A 319 -28.20 9.96 3.17
N TYR A 320 -27.52 9.12 3.94
CA TYR A 320 -27.15 9.46 5.31
C TYR A 320 -26.26 10.68 5.37
N SER A 321 -26.31 11.39 6.51
CA SER A 321 -25.35 12.44 6.79
C SER A 321 -25.07 12.48 8.27
N GLY A 322 -23.92 13.02 8.64
CA GLY A 322 -23.56 13.03 10.04
C GLY A 322 -22.55 14.10 10.33
N SER A 323 -22.43 14.47 11.59
CA SER A 323 -21.46 15.45 12.03
C SER A 323 -20.15 14.76 12.33
N PHE A 324 -19.06 15.51 12.16
CA PHE A 324 -17.82 15.20 12.86
C PHE A 324 -17.16 16.50 13.26
N VAL A 325 -16.26 16.45 14.22
CA VAL A 325 -15.59 17.66 14.65
C VAL A 325 -14.08 17.54 14.51
N GLN A 326 -13.41 18.69 14.43
CA GLN A 326 -11.96 18.71 14.48
C GLN A 326 -11.63 19.51 15.72
N HIS A 327 -10.95 18.86 16.66
CA HIS A 327 -10.60 19.50 17.94
C HIS A 327 -9.39 20.41 17.78
N PRO A 328 -9.25 21.39 18.70
CA PRO A 328 -8.10 22.30 18.75
C PRO A 328 -6.75 21.58 18.75
N GLU A 329 -6.68 20.41 19.39
CA GLU A 329 -5.47 19.61 19.41
C GLU A 329 -5.02 19.18 18.02
N LEU A 330 -5.96 19.10 17.09
CA LEU A 330 -5.65 18.78 15.69
C LEU A 330 -5.42 20.04 14.85
N THR A 331 -6.30 21.03 15.00
CA THR A 331 -6.31 22.20 14.12
C THR A 331 -5.45 23.36 14.59
N GLY A 332 -5.17 23.43 15.88
CA GLY A 332 -4.50 24.61 16.44
C GLY A 332 -5.42 25.82 16.68
N LEU A 333 -6.71 25.68 16.39
CA LEU A 333 -7.69 26.75 16.65
C LEU A 333 -8.06 26.82 18.13
N ASP A 334 -8.83 27.84 18.51
CA ASP A 334 -9.25 27.99 19.91
C ASP A 334 -10.68 27.50 20.15
N CYS A 335 -11.22 26.77 19.19
CA CYS A 335 -12.57 26.26 19.30
C CYS A 335 -12.67 24.92 18.58
N ILE A 336 -13.77 24.23 18.79
CA ILE A 336 -14.04 22.96 18.12
C ILE A 336 -14.72 23.25 16.78
N ARG A 337 -14.13 22.77 15.69
CA ARG A 337 -14.65 23.06 14.37
C ARG A 337 -15.68 22.02 13.92
N PRO A 338 -16.88 22.47 13.54
CA PRO A 338 -17.90 21.55 13.03
C PRO A 338 -17.67 21.20 11.56
N CYS A 339 -17.87 19.93 11.26
CA CYS A 339 -17.77 19.44 9.89
C CYS A 339 -18.91 18.45 9.69
N PHE A 340 -19.18 18.08 8.44
CA PHE A 340 -20.14 17.03 8.21
C PHE A 340 -19.79 16.22 6.96
N TRP A 341 -20.36 15.04 6.87
CA TRP A 341 -20.20 14.19 5.68
C TRP A 341 -21.58 13.82 5.16
N VAL A 342 -21.66 13.49 3.88
CA VAL A 342 -22.90 12.99 3.29
C VAL A 342 -22.59 11.68 2.57
N GLU A 343 -23.43 10.67 2.76
CA GLU A 343 -23.33 9.41 2.06
C GLU A 343 -24.21 9.50 0.81
N LEU A 344 -23.66 9.13 -0.33
CA LEU A 344 -24.41 9.19 -1.59
C LEU A 344 -24.73 7.76 -2.00
N ILE A 345 -25.96 7.32 -1.73
CA ILE A 345 -26.33 5.92 -1.92
C ILE A 345 -26.69 5.62 -3.37
N ARG A 346 -26.07 4.58 -3.92
CA ARG A 346 -26.36 4.13 -5.28
C ARG A 346 -26.87 2.69 -5.24
N GLY A 347 -27.71 2.34 -6.21
CA GLY A 347 -28.20 0.98 -6.33
C GLY A 347 -29.58 0.83 -5.74
N ARG A 348 -29.85 -0.32 -5.16
CA ARG A 348 -31.18 -0.61 -4.63
C ARG A 348 -31.48 0.27 -3.41
N PRO A 349 -32.77 0.58 -3.16
CA PRO A 349 -33.93 0.11 -3.92
C PRO A 349 -34.33 1.01 -5.08
N LYS A 350 -33.66 2.14 -5.27
CA LYS A 350 -34.13 3.11 -6.26
C LYS A 350 -33.64 2.82 -7.68
N GLU A 351 -32.56 2.06 -7.81
CA GLU A 351 -31.99 1.77 -9.12
C GLU A 351 -31.99 0.28 -9.46
N ASN A 352 -31.89 -0.04 -10.76
CA ASN A 352 -32.05 -1.42 -11.23
C ASN A 352 -30.75 -2.23 -11.19
N THR A 353 -30.26 -2.51 -9.99
CA THR A 353 -29.01 -3.22 -9.80
C THR A 353 -29.23 -4.38 -8.82
N ILE A 354 -28.21 -5.20 -8.61
CA ILE A 354 -28.34 -6.29 -7.65
C ILE A 354 -27.77 -5.85 -6.31
N TRP A 355 -27.14 -4.68 -6.30
CA TRP A 355 -26.34 -4.25 -5.17
C TRP A 355 -26.75 -2.86 -4.66
N THR A 356 -26.27 -2.51 -3.47
CA THR A 356 -26.42 -1.17 -2.91
C THR A 356 -25.07 -0.78 -2.33
N SER A 357 -24.60 0.43 -2.63
CA SER A 357 -23.35 0.90 -2.05
C SER A 357 -23.37 2.43 -2.01
N GLY A 358 -22.39 3.04 -1.33
CA GLY A 358 -22.36 4.49 -1.24
C GLY A 358 -20.97 5.06 -1.43
N SER A 359 -20.89 6.32 -1.87
CA SER A 359 -19.65 7.07 -1.81
C SER A 359 -19.90 8.22 -0.83
N SER A 360 -18.91 9.09 -0.64
CA SER A 360 -19.10 10.15 0.35
C SER A 360 -18.46 11.47 -0.05
N ILE A 361 -18.96 12.55 0.56
CA ILE A 361 -18.35 13.87 0.44
C ILE A 361 -18.34 14.42 1.86
N SER A 362 -17.49 15.39 2.12
CA SER A 362 -17.49 16.03 3.43
C SER A 362 -17.06 17.48 3.32
N PHE A 363 -17.45 18.26 4.33
CA PHE A 363 -17.31 19.70 4.34
C PHE A 363 -16.91 20.12 5.73
N CYS A 364 -16.19 21.23 5.83
CA CYS A 364 -15.89 21.80 7.14
C CYS A 364 -16.39 23.23 7.24
N GLY A 365 -16.88 23.61 8.41
CA GLY A 365 -17.43 24.95 8.61
C GLY A 365 -16.34 25.98 8.71
N VAL A 366 -16.52 27.11 8.03
CA VAL A 366 -15.56 28.19 8.09
C VAL A 366 -16.28 29.53 8.19
N ASN A 367 -15.50 30.58 8.47
CA ASN A 367 -16.02 31.93 8.48
C ASN A 367 -15.49 32.76 7.32
N SER A 368 -14.92 32.09 6.34
CA SER A 368 -14.47 32.75 5.14
C SER A 368 -15.47 32.43 4.02
N ASP A 369 -15.22 32.95 2.83
CA ASP A 369 -16.15 32.78 1.72
C ASP A 369 -16.31 31.34 1.27
N THR A 370 -17.55 30.98 0.93
CA THR A 370 -17.87 29.64 0.47
C THR A 370 -18.86 29.74 -0.68
N VAL A 371 -19.21 28.61 -1.28
CA VAL A 371 -20.15 28.60 -2.38
C VAL A 371 -20.95 27.32 -2.40
N GLY A 372 -22.20 27.40 -2.84
CA GLY A 372 -23.00 26.21 -3.05
C GLY A 372 -22.75 25.63 -4.42
N TRP A 373 -22.85 24.30 -4.53
CA TRP A 373 -22.77 23.65 -5.83
C TRP A 373 -23.45 22.30 -5.69
N SER A 374 -23.19 21.42 -6.64
CA SER A 374 -23.66 20.07 -6.49
C SER A 374 -22.46 19.14 -6.69
N TRP A 375 -22.14 18.35 -5.68
CA TRP A 375 -21.05 17.38 -5.78
C TRP A 375 -21.61 15.98 -5.60
N PRO A 376 -22.21 15.44 -6.67
CA PRO A 376 -22.91 14.15 -6.54
C PRO A 376 -21.99 12.95 -6.77
N ASP A 377 -22.55 11.77 -6.65
CA ASP A 377 -21.77 10.53 -6.77
C ASP A 377 -21.15 10.36 -8.15
N GLY A 378 -21.96 10.50 -9.20
CA GLY A 378 -21.47 10.51 -10.56
C GLY A 378 -21.24 9.18 -11.24
N ALA A 379 -21.55 8.07 -10.57
CA ALA A 379 -21.43 6.76 -11.23
C ALA A 379 -22.55 6.55 -12.23
N GLU A 380 -22.28 5.75 -13.25
CA GLU A 380 -23.28 5.44 -14.27
C GLU A 380 -23.73 4.01 -14.08
N LEU A 381 -24.99 3.86 -13.67
CA LEU A 381 -25.58 2.56 -13.38
C LEU A 381 -26.52 2.19 -14.53
N PRO A 382 -26.79 0.88 -14.72
CA PRO A 382 -26.29 -0.27 -13.96
C PRO A 382 -24.83 -0.59 -14.30
N PHE A 383 -24.23 -1.48 -13.53
CA PHE A 383 -22.84 -1.90 -13.76
C PHE A 383 -22.84 -3.20 -14.55
N THR A 384 -21.66 -3.65 -14.95
CA THR A 384 -21.48 -4.91 -15.66
C THR A 384 -22.15 -6.08 -14.97
N ILE A 385 -21.96 -6.18 -13.65
CA ILE A 385 -22.48 -7.31 -12.88
C ILE A 385 -24.01 -7.36 -12.90
N ASP A 386 -24.65 -6.24 -13.26
CA ASP A 386 -26.11 -6.12 -13.24
C ASP A 386 -26.73 -6.57 -14.55
N LYS A 387 -25.89 -6.80 -15.55
CA LYS A 387 -26.35 -7.12 -16.90
C LYS A 387 -26.15 -8.59 -17.20
N VAL B 1 12.47 22.44 9.45
CA VAL B 1 12.84 23.84 9.48
C VAL B 1 12.43 24.53 8.16
N LYS B 2 11.99 25.79 8.26
CA LYS B 2 11.52 26.52 7.09
C LYS B 2 12.57 26.61 5.99
N LEU B 3 12.13 26.52 4.74
CA LEU B 3 13.03 26.67 3.61
C LEU B 3 13.46 28.13 3.52
N ALA B 4 14.76 28.38 3.45
CA ALA B 4 15.27 29.75 3.48
C ALA B 4 14.93 30.45 2.16
N GLY B 5 15.20 29.76 1.06
CA GLY B 5 14.89 30.31 -0.27
C GLY B 5 15.74 31.51 -0.64
N ASN B 6 16.88 31.67 0.02
CA ASN B 6 17.74 32.86 -0.17
C ASN B 6 18.96 32.66 -1.09
N SER B 7 19.26 31.43 -1.48
CA SER B 7 20.37 31.20 -2.40
C SER B 7 19.92 31.38 -3.85
N SER B 8 20.88 31.42 -4.77
CA SER B 8 20.60 31.61 -6.18
C SER B 8 20.29 30.29 -6.85
N LEU B 9 19.64 30.37 -8.00
CA LEU B 9 19.39 29.20 -8.85
C LEU B 9 20.71 28.62 -9.31
N CYS B 10 20.89 27.31 -9.20
CA CYS B 10 22.14 26.68 -9.68
C CYS B 10 22.24 26.88 -11.19
N PRO B 11 23.39 27.34 -11.68
CA PRO B 11 23.60 27.36 -13.12
C PRO B 11 23.73 25.93 -13.64
N VAL B 12 23.13 25.66 -14.80
CA VAL B 12 23.12 24.30 -15.34
C VAL B 12 23.38 24.30 -16.84
N SER B 13 24.00 23.24 -17.32
CA SER B 13 24.40 23.14 -18.71
C SER B 13 23.56 22.10 -19.45
N GLY B 14 22.77 21.34 -18.71
CA GLY B 14 21.98 20.28 -19.32
C GLY B 14 21.01 19.64 -18.36
N TRP B 15 20.19 18.73 -18.86
CA TRP B 15 19.11 18.19 -18.07
C TRP B 15 19.21 16.67 -18.00
N ALA B 16 19.19 16.13 -16.78
CA ALA B 16 19.36 14.69 -16.58
C ALA B 16 17.99 14.11 -16.24
N ILE B 17 17.64 12.97 -16.81
CA ILE B 17 16.30 12.45 -16.57
C ILE B 17 16.14 11.98 -15.12
N TYR B 18 15.00 12.33 -14.54
CA TYR B 18 14.80 12.14 -13.11
C TYR B 18 13.70 11.12 -12.87
N SER B 19 12.58 11.24 -13.59
CA SER B 19 11.48 10.27 -13.41
C SER B 19 10.68 10.03 -14.68
N LYS B 20 9.98 8.90 -14.71
CA LYS B 20 9.02 8.59 -15.77
C LYS B 20 8.04 7.60 -15.18
N ASP B 21 6.75 7.91 -15.25
CA ASP B 21 5.79 7.04 -14.58
C ASP B 21 5.11 5.98 -15.46
N ASN B 22 5.09 6.18 -16.78
CA ASN B 22 4.44 5.21 -17.68
C ASN B 22 2.98 4.94 -17.32
N SER B 23 2.29 5.96 -16.79
CA SER B 23 0.95 5.78 -16.22
C SER B 23 -0.08 5.24 -17.23
N VAL B 24 -0.02 5.72 -18.46
CA VAL B 24 -1.04 5.35 -19.43
C VAL B 24 -0.83 3.91 -19.91
N ARG B 25 0.42 3.54 -20.17
CA ARG B 25 0.73 2.17 -20.55
C ARG B 25 0.28 1.21 -19.46
N ILE B 26 0.54 1.57 -18.21
CA ILE B 26 0.24 0.68 -17.09
C ILE B 26 -1.27 0.61 -16.82
N GLY B 27 -1.95 1.73 -17.03
CA GLY B 27 -3.38 1.82 -16.77
C GLY B 27 -4.23 1.03 -17.76
N SER B 28 -3.61 0.57 -18.82
CA SER B 28 -4.28 -0.30 -19.78
C SER B 28 -4.78 -1.55 -19.07
N LYS B 29 -4.02 -2.02 -18.08
CA LYS B 29 -4.50 -3.13 -17.26
C LYS B 29 -4.72 -2.75 -15.78
N GLY B 30 -3.76 -2.02 -15.21
CA GLY B 30 -3.80 -1.72 -13.79
C GLY B 30 -4.79 -0.64 -13.43
N ASP B 31 -4.97 -0.41 -12.13
CA ASP B 31 -5.95 0.56 -11.66
C ASP B 31 -5.27 1.91 -11.50
N VAL B 32 -5.29 2.71 -12.56
CA VAL B 32 -4.57 3.97 -12.62
C VAL B 32 -5.61 5.05 -12.90
N PHE B 33 -5.58 6.15 -12.13
CA PHE B 33 -6.49 7.27 -12.36
C PHE B 33 -6.34 7.88 -13.75
N VAL B 34 -7.46 8.30 -14.34
CA VAL B 34 -7.43 9.24 -15.43
C VAL B 34 -7.04 10.58 -14.79
N ILE B 35 -6.00 11.23 -15.30
CA ILE B 35 -5.56 12.51 -14.72
C ILE B 35 -5.18 13.48 -15.82
N ARG B 36 -5.10 14.75 -15.46
CA ARG B 36 -4.37 15.71 -16.27
C ARG B 36 -3.78 16.73 -15.31
N GLU B 37 -3.04 17.69 -15.84
CA GLU B 37 -2.41 18.72 -15.00
C GLU B 37 -1.58 18.14 -13.85
N PRO B 38 -0.62 17.25 -14.16
CA PRO B 38 0.23 16.77 -13.07
C PRO B 38 1.29 17.84 -12.78
N PHE B 39 1.89 17.81 -11.60
CA PHE B 39 3.05 18.65 -11.32
C PHE B 39 3.83 18.05 -10.17
N ILE B 40 5.08 18.44 -10.04
CA ILE B 40 5.93 17.90 -8.99
C ILE B 40 6.24 18.99 -7.99
N SER B 41 6.31 18.61 -6.72
CA SER B 41 6.74 19.54 -5.68
C SER B 41 7.47 18.74 -4.61
N CYS B 42 8.47 19.36 -4.00
CA CYS B 42 9.33 18.65 -3.05
C CYS B 42 9.25 19.27 -1.66
N SER B 43 9.50 18.45 -0.64
CA SER B 43 9.61 18.91 0.74
C SER B 43 11.09 18.78 1.08
N PRO B 44 11.49 19.05 2.34
CA PRO B 44 12.91 18.77 2.62
C PRO B 44 13.24 17.27 2.64
N LEU B 45 12.24 16.41 2.53
CA LEU B 45 12.45 14.97 2.66
C LEU B 45 12.08 14.15 1.43
N GLU B 46 11.12 14.62 0.63
CA GLU B 46 10.69 13.83 -0.51
C GLU B 46 10.06 14.67 -1.61
N CYS B 47 10.03 14.11 -2.81
CA CYS B 47 9.36 14.75 -3.94
C CYS B 47 8.09 13.97 -4.26
N ARG B 48 7.01 14.69 -4.52
CA ARG B 48 5.72 14.07 -4.80
C ARG B 48 5.18 14.55 -6.12
N THR B 49 4.44 13.70 -6.80
CA THR B 49 3.67 14.12 -7.97
C THR B 49 2.24 14.43 -7.53
N PHE B 50 1.79 15.64 -7.84
CA PHE B 50 0.40 16.05 -7.64
C PHE B 50 -0.33 15.98 -8.97
N PHE B 51 -1.64 15.79 -8.94
CA PHE B 51 -2.39 15.64 -10.18
C PHE B 51 -3.88 15.83 -9.93
N LEU B 52 -4.60 16.22 -10.96
CA LEU B 52 -6.06 16.33 -10.87
C LEU B 52 -6.69 15.09 -11.48
N THR B 53 -7.22 14.21 -10.64
CA THR B 53 -7.91 13.04 -11.18
C THR B 53 -9.21 13.49 -11.82
N GLN B 54 -9.81 12.57 -12.56
CA GLN B 54 -11.16 12.78 -13.09
C GLN B 54 -12.16 11.91 -12.31
N GLY B 55 -11.76 11.41 -11.14
CA GLY B 55 -12.65 10.58 -10.34
C GLY B 55 -13.00 9.28 -11.05
N ALA B 56 -12.04 8.77 -11.83
CA ALA B 56 -12.26 7.62 -12.70
C ALA B 56 -10.93 6.95 -13.04
N LEU B 57 -10.99 5.68 -13.44
CA LEU B 57 -9.77 4.95 -13.82
C LEU B 57 -9.68 4.74 -15.31
N LEU B 58 -8.45 4.60 -15.81
CA LEU B 58 -8.23 4.25 -17.21
C LEU B 58 -8.88 2.93 -17.62
N ASN B 59 -9.37 2.89 -18.86
CA ASN B 59 -9.99 1.69 -19.44
C ASN B 59 -11.30 1.28 -18.79
N ASP B 60 -11.92 2.22 -18.08
CA ASP B 60 -13.24 2.01 -17.50
C ASP B 60 -14.20 3.03 -18.11
N LYS B 61 -15.49 2.71 -18.11
CA LYS B 61 -16.47 3.58 -18.73
C LYS B 61 -16.59 4.99 -18.10
N HIS B 62 -16.23 5.13 -16.82
CA HIS B 62 -16.30 6.47 -16.22
C HIS B 62 -15.21 7.42 -16.73
N SER B 63 -14.27 6.89 -17.50
CA SER B 63 -13.30 7.75 -18.20
C SER B 63 -13.93 8.44 -19.40
N ASN B 64 -15.18 8.11 -19.71
CA ASN B 64 -15.89 8.73 -20.84
C ASN B 64 -16.06 10.23 -20.64
N GLY B 65 -15.73 11.02 -21.67
CA GLY B 65 -15.95 12.45 -21.60
C GLY B 65 -14.92 13.24 -20.78
N THR B 66 -13.78 12.61 -20.48
CA THR B 66 -12.77 13.26 -19.64
C THR B 66 -11.91 14.33 -20.35
N ILE B 67 -12.25 14.64 -21.60
CA ILE B 67 -11.79 15.89 -22.22
C ILE B 67 -12.31 17.09 -21.41
N LYS B 68 -13.40 16.89 -20.66
CA LYS B 68 -14.04 17.99 -19.93
C LYS B 68 -13.15 18.51 -18.80
N ASP B 69 -13.00 19.83 -18.71
CA ASP B 69 -12.03 20.40 -17.76
C ASP B 69 -12.51 20.45 -16.32
N ARG B 70 -13.74 20.91 -16.11
CA ARG B 70 -14.21 21.21 -14.77
C ARG B 70 -15.48 20.42 -14.46
N SER B 71 -15.44 19.68 -13.37
CA SER B 71 -16.58 18.86 -12.95
C SER B 71 -16.44 18.71 -11.44
N PRO B 72 -17.51 18.30 -10.77
CA PRO B 72 -17.40 18.13 -9.32
C PRO B 72 -16.66 16.85 -8.94
N TYR B 73 -16.31 16.01 -9.92
CA TYR B 73 -15.63 14.75 -9.59
C TYR B 73 -14.12 14.89 -9.50
N ARG B 74 -13.59 15.99 -10.00
CA ARG B 74 -12.14 16.14 -10.02
C ARG B 74 -11.59 16.39 -8.64
N THR B 75 -10.49 15.72 -8.32
CA THR B 75 -9.85 15.86 -7.03
C THR B 75 -8.34 15.97 -7.21
N LEU B 76 -7.73 16.81 -6.38
CA LEU B 76 -6.27 16.88 -6.30
C LEU B 76 -5.77 15.76 -5.39
N MET B 77 -4.87 14.94 -5.89
CA MET B 77 -4.24 13.89 -5.09
C MET B 77 -2.74 13.91 -5.35
N SER B 78 -1.99 13.12 -4.58
CA SER B 78 -0.55 13.06 -4.80
C SER B 78 0.01 11.67 -4.54
N CYS B 79 1.16 11.36 -5.15
CA CYS B 79 1.85 10.10 -4.89
C CYS B 79 3.35 10.33 -4.98
N PRO B 80 4.17 9.37 -4.49
CA PRO B 80 5.62 9.55 -4.64
C PRO B 80 5.99 9.71 -6.11
N ILE B 81 7.01 10.50 -6.40
CA ILE B 81 7.40 10.77 -7.77
C ILE B 81 7.74 9.48 -8.54
N GLY B 82 7.30 9.39 -9.78
CA GLY B 82 7.64 8.24 -10.61
C GLY B 82 6.71 7.06 -10.47
N GLU B 83 5.81 7.11 -9.47
CA GLU B 83 4.82 6.04 -9.30
C GLU B 83 3.55 6.37 -10.08
N VAL B 84 2.83 5.36 -10.55
CA VAL B 84 1.57 5.61 -11.25
C VAL B 84 0.53 6.12 -10.26
N PRO B 85 -0.30 7.07 -10.70
CA PRO B 85 -1.34 7.57 -9.79
C PRO B 85 -2.45 6.54 -9.68
N SER B 86 -2.52 5.89 -8.53
CA SER B 86 -3.48 4.81 -8.33
C SER B 86 -4.26 5.08 -7.06
N PRO B 87 -5.51 4.58 -6.98
CA PRO B 87 -6.22 4.74 -5.70
C PRO B 87 -5.56 3.97 -4.59
N TYR B 88 -4.63 3.08 -4.90
CA TYR B 88 -3.97 2.29 -3.86
C TYR B 88 -2.66 2.91 -3.36
N ASN B 89 -2.14 3.92 -4.05
CA ASN B 89 -0.90 4.54 -3.56
C ASN B 89 -0.98 6.06 -3.45
N SER B 90 -2.16 6.63 -3.71
CA SER B 90 -2.30 8.08 -3.74
C SER B 90 -2.92 8.63 -2.46
N ARG B 91 -2.42 9.79 -2.05
CA ARG B 91 -2.95 10.51 -0.91
C ARG B 91 -3.98 11.53 -1.38
N PHE B 92 -5.12 11.62 -0.70
CA PHE B 92 -6.10 12.61 -1.08
C PHE B 92 -5.67 13.98 -0.61
N GLU B 93 -5.79 14.99 -1.46
CA GLU B 93 -5.42 16.33 -1.04
C GLU B 93 -6.63 17.25 -0.92
N SER B 94 -7.39 17.39 -2.00
CA SER B 94 -8.49 18.35 -2.03
C SER B 94 -9.46 18.06 -3.17
N VAL B 95 -10.68 18.59 -3.09
CA VAL B 95 -11.59 18.57 -4.23
C VAL B 95 -11.28 19.77 -5.12
N ALA B 96 -10.95 19.53 -6.38
CA ALA B 96 -10.34 20.59 -7.19
C ALA B 96 -10.33 20.31 -8.67
N TRP B 97 -10.66 21.34 -9.46
CA TRP B 97 -10.42 21.27 -10.89
C TRP B 97 -9.37 22.27 -11.36
N SER B 98 -8.73 22.94 -10.39
CA SER B 98 -7.54 23.78 -10.59
C SER B 98 -6.80 23.78 -9.26
N ALA B 99 -5.48 23.74 -9.26
CA ALA B 99 -4.76 23.54 -8.01
C ALA B 99 -3.32 24.05 -8.01
N SER B 100 -2.77 24.16 -6.81
CA SER B 100 -1.35 24.39 -6.62
C SER B 100 -0.99 23.75 -5.28
N ALA B 101 0.28 23.47 -5.06
CA ALA B 101 0.72 22.93 -3.77
C ALA B 101 2.19 23.25 -3.57
N CYS B 102 2.63 23.39 -2.34
CA CYS B 102 4.05 23.53 -2.05
C CYS B 102 4.33 23.30 -0.57
N HIS B 103 5.58 23.00 -0.24
CA HIS B 103 5.95 22.71 1.14
C HIS B 103 6.86 23.84 1.64
N ASP B 104 6.60 24.35 2.84
CA ASP B 104 7.36 25.50 3.34
C ASP B 104 8.59 25.09 4.17
N GLY B 105 8.84 23.79 4.25
CA GLY B 105 9.89 23.26 5.10
C GLY B 105 9.30 22.60 6.33
N ILE B 106 8.07 22.97 6.67
CA ILE B 106 7.37 22.42 7.84
C ILE B 106 6.18 21.54 7.44
N ASN B 107 5.28 22.08 6.64
CA ASN B 107 4.10 21.34 6.21
C ASN B 107 3.71 21.63 4.78
N TRP B 108 2.89 20.75 4.20
CA TRP B 108 2.33 20.97 2.88
C TRP B 108 1.22 22.00 2.90
N LEU B 109 1.27 22.88 1.92
CA LEU B 109 0.17 23.77 1.59
C LEU B 109 -0.46 23.24 0.32
N THR B 110 -1.78 23.06 0.31
CA THR B 110 -2.47 22.77 -0.94
C THR B 110 -3.56 23.79 -1.18
N ILE B 111 -3.78 24.09 -2.45
CA ILE B 111 -4.82 25.04 -2.82
C ILE B 111 -5.66 24.35 -3.88
N GLY B 112 -6.95 24.18 -3.61
CA GLY B 112 -7.80 23.44 -4.51
C GLY B 112 -9.06 24.23 -4.80
N ILE B 113 -9.29 24.49 -6.08
CA ILE B 113 -10.45 25.28 -6.52
C ILE B 113 -11.56 24.38 -7.07
N SER B 114 -12.77 24.54 -6.54
CA SER B 114 -13.91 23.81 -7.04
C SER B 114 -15.14 24.72 -7.01
N GLY B 115 -16.30 24.19 -7.39
CA GLY B 115 -17.48 25.03 -7.48
C GLY B 115 -17.79 25.47 -8.91
N PRO B 116 -18.87 26.26 -9.08
CA PRO B 116 -19.37 26.67 -10.39
C PRO B 116 -18.46 27.71 -11.06
N ASP B 117 -18.54 27.84 -12.38
CA ASP B 117 -17.67 28.75 -13.11
C ASP B 117 -17.87 30.20 -12.67
N ASN B 118 -19.09 30.53 -12.25
CA ASN B 118 -19.38 31.91 -11.88
C ASN B 118 -19.15 32.25 -10.40
N GLY B 119 -18.57 31.33 -9.63
CA GLY B 119 -18.37 31.59 -8.21
C GLY B 119 -17.49 30.57 -7.53
N ALA B 120 -16.40 30.20 -8.18
CA ALA B 120 -15.53 29.18 -7.64
C ALA B 120 -14.82 29.64 -6.38
N VAL B 121 -14.47 28.67 -5.54
CA VAL B 121 -13.82 28.95 -4.28
C VAL B 121 -12.55 28.14 -4.16
N ALA B 122 -11.44 28.83 -3.91
CA ALA B 122 -10.17 28.15 -3.61
C ALA B 122 -10.15 27.78 -2.13
N VAL B 123 -9.91 26.50 -1.86
CA VAL B 123 -9.80 26.04 -0.48
C VAL B 123 -8.33 25.81 -0.17
N LEU B 124 -7.84 26.46 0.88
CA LEU B 124 -6.46 26.31 1.29
C LEU B 124 -6.36 25.37 2.49
N LYS B 125 -5.46 24.39 2.41
CA LYS B 125 -5.20 23.46 3.49
C LYS B 125 -3.72 23.50 3.87
N TYR B 126 -3.44 23.46 5.15
CA TYR B 126 -2.07 23.40 5.64
C TYR B 126 -2.03 22.16 6.51
N ASN B 127 -1.18 21.19 6.13
CA ASN B 127 -1.15 19.90 6.79
C ASN B 127 -2.53 19.23 6.76
N GLY B 128 -3.25 19.40 5.65
CA GLY B 128 -4.53 18.73 5.45
C GLY B 128 -5.72 19.32 6.19
N ILE B 129 -5.51 20.45 6.87
CA ILE B 129 -6.56 21.13 7.61
C ILE B 129 -6.92 22.40 6.86
N ILE B 130 -8.21 22.66 6.68
CA ILE B 130 -8.61 23.87 5.98
C ILE B 130 -8.25 25.11 6.80
N THR B 131 -7.50 26.02 6.19
CA THR B 131 -6.96 27.19 6.89
C THR B 131 -7.47 28.50 6.32
N ASP B 132 -7.96 28.50 5.08
CA ASP B 132 -8.49 29.73 4.48
C ASP B 132 -9.25 29.35 3.24
N THR B 133 -10.04 30.30 2.74
CA THR B 133 -10.64 30.16 1.41
C THR B 133 -10.63 31.51 0.74
N ILE B 134 -10.64 31.52 -0.60
CA ILE B 134 -10.86 32.77 -1.29
C ILE B 134 -11.81 32.54 -2.44
N LYS B 135 -12.79 33.41 -2.60
CA LYS B 135 -13.80 33.23 -3.62
C LYS B 135 -13.48 34.05 -4.86
N SER B 136 -13.96 33.59 -6.01
CA SER B 136 -13.88 34.32 -7.27
C SER B 136 -14.27 35.78 -7.08
N TRP B 137 -13.46 36.69 -7.62
CA TRP B 137 -13.75 38.12 -7.51
C TRP B 137 -14.20 38.71 -8.85
N ARG B 138 -14.10 37.92 -9.93
CA ARG B 138 -14.63 38.35 -11.22
C ARG B 138 -15.75 37.44 -11.73
N ASN B 139 -16.03 36.37 -10.99
CA ASN B 139 -17.10 35.44 -11.37
C ASN B 139 -16.91 34.79 -12.73
N ASN B 140 -15.66 34.54 -13.09
CA ASN B 140 -15.39 33.94 -14.38
C ASN B 140 -14.20 32.98 -14.29
N ILE B 141 -14.47 31.79 -13.72
CA ILE B 141 -13.51 30.71 -13.58
C ILE B 141 -12.23 31.05 -12.82
N LEU B 142 -12.36 31.29 -11.52
CA LEU B 142 -11.18 31.42 -10.67
C LEU B 142 -10.27 30.23 -10.90
N ARG B 143 -8.99 30.48 -11.11
CA ARG B 143 -8.07 29.41 -11.48
C ARG B 143 -6.64 29.75 -11.09
N THR B 144 -5.79 28.73 -10.98
CA THR B 144 -4.45 28.96 -10.50
C THR B 144 -3.38 28.20 -11.30
N GLN B 145 -2.24 27.95 -10.68
CA GLN B 145 -1.02 27.56 -11.40
C GLN B 145 -1.02 26.21 -12.13
N GLU B 146 -1.62 25.19 -11.52
CA GLU B 146 -1.39 23.79 -11.93
C GLU B 146 0.10 23.42 -11.89
N SER B 147 0.83 24.04 -10.97
CA SER B 147 2.19 23.61 -10.62
C SER B 147 2.52 24.14 -9.24
N GLU B 148 3.72 23.83 -8.75
CA GLU B 148 4.01 24.14 -7.36
C GLU B 148 4.06 25.65 -7.08
N CYS B 149 3.57 26.06 -5.92
CA CYS B 149 3.80 27.42 -5.46
C CYS B 149 5.25 27.54 -5.01
N ALA B 150 5.68 28.75 -4.66
CA ALA B 150 7.06 28.98 -4.34
C ALA B 150 7.18 29.48 -2.90
N CYS B 151 8.12 28.92 -2.16
CA CYS B 151 8.26 29.24 -0.74
C CYS B 151 9.59 29.91 -0.42
N VAL B 152 9.54 30.96 0.39
CA VAL B 152 10.73 31.67 0.80
C VAL B 152 10.55 32.08 2.26
N ASN B 153 11.43 31.59 3.13
CA ASN B 153 11.50 32.08 4.51
C ASN B 153 10.18 31.91 5.27
N GLY B 154 9.48 30.82 5.00
CA GLY B 154 8.26 30.51 5.73
C GLY B 154 6.99 31.12 5.15
N SER B 155 7.10 31.82 4.03
CA SER B 155 5.95 32.31 3.30
C SER B 155 5.88 31.61 1.95
N CYS B 156 4.68 31.34 1.47
CA CYS B 156 4.49 30.74 0.16
C CYS B 156 3.70 31.67 -0.75
N PHE B 157 3.98 31.60 -2.05
CA PHE B 157 3.46 32.58 -2.99
C PHE B 157 2.84 31.91 -4.20
N THR B 158 1.70 32.44 -4.64
CA THR B 158 1.05 31.89 -5.81
C THR B 158 0.39 33.00 -6.61
N VAL B 159 -0.08 32.66 -7.79
CA VAL B 159 -0.77 33.60 -8.67
C VAL B 159 -2.08 32.97 -9.08
N MET B 160 -3.16 33.74 -9.05
CA MET B 160 -4.45 33.27 -9.53
C MET B 160 -5.02 34.25 -10.54
N THR B 161 -5.84 33.73 -11.44
CA THR B 161 -6.46 34.52 -12.50
C THR B 161 -7.96 34.40 -12.39
N ASP B 162 -8.68 35.47 -12.72
CA ASP B 162 -10.13 35.44 -12.77
C ASP B 162 -10.57 36.35 -13.92
N GLY B 163 -11.45 35.84 -14.80
CA GLY B 163 -11.87 36.61 -15.95
C GLY B 163 -11.64 35.86 -17.25
N PRO B 164 -11.74 36.56 -18.39
CA PRO B 164 -11.66 35.91 -19.70
C PRO B 164 -10.34 35.20 -19.99
N SER B 165 -10.41 34.07 -20.69
CA SER B 165 -9.22 33.38 -21.14
C SER B 165 -8.88 33.82 -22.57
N ASN B 166 -9.66 34.74 -23.14
CA ASN B 166 -9.42 35.21 -24.49
C ASN B 166 -9.44 36.74 -24.57
N GLY B 167 -9.09 37.39 -23.48
CA GLY B 167 -9.06 38.84 -23.43
C GLY B 167 -8.51 39.25 -22.08
N GLN B 168 -8.50 40.55 -21.80
CA GLN B 168 -7.99 41.06 -20.52
C GLN B 168 -8.68 40.39 -19.35
N ALA B 169 -7.88 39.87 -18.42
CA ALA B 169 -8.43 39.30 -17.20
C ALA B 169 -7.79 39.98 -16.00
N SER B 170 -8.05 39.43 -14.83
CA SER B 170 -7.54 39.99 -13.58
C SER B 170 -6.59 38.99 -12.94
N TYR B 171 -5.42 39.45 -12.52
CA TYR B 171 -4.38 38.56 -12.02
C TYR B 171 -3.97 39.03 -10.63
N LYS B 172 -3.94 38.12 -9.67
CA LYS B 172 -3.52 38.46 -8.32
C LYS B 172 -2.36 37.61 -7.84
N ILE B 173 -1.48 38.22 -7.05
CA ILE B 173 -0.37 37.52 -6.40
C ILE B 173 -0.71 37.42 -4.92
N PHE B 174 -0.39 36.28 -4.30
CA PHE B 174 -0.73 36.04 -2.90
C PHE B 174 0.49 35.67 -2.08
N ARG B 175 0.53 36.15 -0.85
CA ARG B 175 1.50 35.66 0.12
C ARG B 175 0.72 34.88 1.17
N ILE B 176 1.16 33.65 1.41
CA ILE B 176 0.43 32.75 2.29
C ILE B 176 1.35 32.25 3.39
N GLU B 177 0.89 32.32 4.63
CA GLU B 177 1.69 31.87 5.76
C GLU B 177 0.89 30.90 6.61
N LYS B 178 1.39 29.68 6.72
CA LYS B 178 0.71 28.59 7.43
C LYS B 178 -0.72 28.41 6.93
N GLY B 179 -0.88 28.52 5.61
CA GLY B 179 -2.15 28.29 4.97
C GLY B 179 -3.10 29.48 5.05
N LYS B 180 -2.63 30.60 5.60
CA LYS B 180 -3.45 31.80 5.72
C LYS B 180 -2.99 32.84 4.72
N ILE B 181 -3.90 33.41 3.96
CA ILE B 181 -3.55 34.50 3.06
C ILE B 181 -3.30 35.74 3.91
N VAL B 182 -2.09 36.30 3.84
CA VAL B 182 -1.76 37.45 4.68
C VAL B 182 -1.61 38.73 3.85
N LYS B 183 -1.45 38.57 2.54
CA LYS B 183 -1.41 39.73 1.66
C LYS B 183 -1.75 39.29 0.24
N SER B 184 -2.39 40.19 -0.51
CA SER B 184 -2.54 39.97 -1.95
C SER B 184 -2.48 41.29 -2.69
N VAL B 185 -2.06 41.26 -3.94
CA VAL B 185 -1.98 42.46 -4.75
C VAL B 185 -2.56 42.13 -6.12
N GLU B 186 -3.41 43.00 -6.64
CA GLU B 186 -3.86 42.82 -8.01
C GLU B 186 -2.84 43.45 -8.95
N MET B 187 -2.40 42.68 -9.93
CA MET B 187 -1.38 43.16 -10.84
C MET B 187 -1.96 44.17 -11.81
N ASN B 188 -1.26 45.28 -11.98
CA ASN B 188 -1.65 46.29 -12.94
C ASN B 188 -0.95 45.97 -14.26
N ALA B 189 -1.61 45.20 -15.11
CA ALA B 189 -0.98 44.66 -16.32
C ALA B 189 -1.87 44.73 -17.55
N PRO B 190 -2.17 45.95 -18.02
CA PRO B 190 -3.00 46.11 -19.22
C PRO B 190 -2.33 45.50 -20.44
N ASN B 191 -3.07 44.71 -21.20
CA ASN B 191 -2.58 44.02 -22.39
C ASN B 191 -1.62 42.85 -22.12
N TYR B 192 -1.47 42.49 -20.84
CA TYR B 192 -0.78 41.25 -20.50
C TYR B 192 -1.86 40.22 -20.21
N HIS B 193 -1.51 38.95 -20.34
CA HIS B 193 -2.45 37.90 -19.97
C HIS B 193 -1.64 36.84 -19.26
N TYR B 194 -2.07 36.48 -18.05
CA TYR B 194 -1.37 35.50 -17.22
C TYR B 194 -2.26 34.31 -16.88
N GLU B 195 -1.85 33.12 -17.31
CA GLU B 195 -2.50 31.86 -16.97
C GLU B 195 -1.43 30.88 -16.50
N GLU B 196 -1.77 30.02 -15.54
CA GLU B 196 -1.00 28.80 -15.31
C GLU B 196 0.50 29.06 -15.08
N CYS B 197 0.79 30.00 -14.18
CA CYS B 197 2.17 30.39 -13.92
C CYS B 197 3.00 29.25 -13.33
N SER B 198 4.23 29.12 -13.82
CA SER B 198 5.22 28.28 -13.17
C SER B 198 6.15 29.22 -12.43
N CYS B 199 6.18 29.12 -11.10
CA CYS B 199 6.90 30.10 -10.28
C CYS B 199 7.98 29.39 -9.49
N TYR B 200 9.14 30.02 -9.34
CA TYR B 200 10.20 29.44 -8.54
C TYR B 200 10.91 30.50 -7.70
N PRO B 201 11.48 30.10 -6.55
CA PRO B 201 12.25 31.06 -5.76
C PRO B 201 13.68 31.16 -6.26
N ASP B 202 14.29 32.32 -6.08
CA ASP B 202 15.65 32.56 -6.54
C ASP B 202 16.12 33.78 -5.77
N SER B 203 17.04 33.57 -4.83
CA SER B 203 17.63 34.67 -4.07
C SER B 203 16.57 35.52 -3.34
N SER B 204 15.68 34.84 -2.63
CA SER B 204 14.62 35.47 -1.83
C SER B 204 13.51 36.14 -2.62
N GLU B 205 13.55 36.02 -3.94
CA GLU B 205 12.49 36.59 -4.77
C GLU B 205 11.84 35.52 -5.61
N ILE B 206 10.62 35.77 -6.08
CA ILE B 206 9.88 34.79 -6.87
C ILE B 206 9.86 35.24 -8.33
N THR B 207 10.12 34.32 -9.25
CA THR B 207 9.95 34.58 -10.67
C THR B 207 8.94 33.59 -11.23
N CYS B 208 7.91 34.10 -11.92
CA CYS B 208 6.90 33.26 -12.56
C CYS B 208 6.91 33.44 -14.05
N VAL B 209 6.82 32.35 -14.79
CA VAL B 209 6.74 32.40 -16.25
C VAL B 209 5.45 31.69 -16.60
N CYS B 210 4.59 32.34 -17.38
CA CYS B 210 3.21 31.91 -17.47
C CYS B 210 2.76 31.71 -18.93
N ARG B 211 1.45 31.68 -19.14
CA ARG B 211 0.86 31.45 -20.45
C ARG B 211 -0.06 32.59 -20.79
N ASP B 212 0.19 33.26 -21.92
CA ASP B 212 -0.70 34.29 -22.44
C ASP B 212 -1.63 33.58 -23.41
N ASN B 213 -2.90 33.45 -23.03
CA ASN B 213 -3.86 32.72 -23.84
C ASN B 213 -4.62 33.63 -24.76
N TRP B 214 -4.36 34.93 -24.63
CA TRP B 214 -5.09 35.98 -25.35
C TRP B 214 -4.42 36.37 -26.66
N HIS B 215 -3.17 36.81 -26.59
CA HIS B 215 -2.55 37.37 -27.78
C HIS B 215 -1.01 37.37 -27.76
N GLY B 216 -0.42 36.37 -27.13
CA GLY B 216 1.03 36.28 -27.09
C GLY B 216 1.52 34.86 -27.31
N SER B 217 2.49 34.69 -28.20
CA SER B 217 3.05 33.38 -28.45
C SER B 217 4.43 33.24 -27.79
N ASN B 218 4.89 34.33 -27.16
CA ASN B 218 5.96 34.27 -26.18
C ASN B 218 5.34 34.26 -24.77
N ARG B 219 6.13 34.02 -23.73
CA ARG B 219 5.57 33.88 -22.40
C ARG B 219 5.72 35.13 -21.55
N PRO B 220 4.63 35.52 -20.87
CA PRO B 220 4.69 36.66 -19.95
C PRO B 220 5.40 36.22 -18.67
N TRP B 221 6.04 37.16 -17.98
CA TRP B 221 6.63 36.84 -16.69
C TRP B 221 6.27 37.89 -15.65
N VAL B 222 6.28 37.50 -14.39
CA VAL B 222 6.13 38.45 -13.29
C VAL B 222 7.13 38.05 -12.22
N SER B 223 7.86 39.03 -11.68
CA SER B 223 8.78 38.78 -10.57
C SER B 223 8.37 39.66 -9.41
N PHE B 224 8.49 39.14 -8.20
CA PHE B 224 8.11 39.91 -7.01
C PHE B 224 8.95 39.56 -5.79
N ASN B 225 8.99 40.45 -4.80
CA ASN B 225 9.67 40.15 -3.56
C ASN B 225 8.65 39.73 -2.50
N GLN B 226 9.14 39.46 -1.29
CA GLN B 226 8.27 38.98 -0.22
C GLN B 226 7.12 39.95 0.11
N ASN B 227 7.30 41.24 -0.18
CA ASN B 227 6.27 42.24 0.08
C ASN B 227 5.31 42.44 -1.09
N LEU B 228 5.43 41.57 -2.09
CA LEU B 228 4.61 41.60 -3.29
C LEU B 228 4.78 42.88 -4.11
N GLU B 229 5.96 43.49 -4.01
CA GLU B 229 6.34 44.52 -4.97
C GLU B 229 6.81 43.77 -6.21
N TYR B 230 6.28 44.13 -7.37
CA TYR B 230 6.45 43.27 -8.54
C TYR B 230 6.84 44.03 -9.80
N GLN B 231 7.38 43.30 -10.77
CA GLN B 231 7.62 43.84 -12.11
C GLN B 231 7.09 42.84 -13.11
N ILE B 232 6.73 43.31 -14.29
CA ILE B 232 6.19 42.43 -15.32
C ILE B 232 6.92 42.61 -16.65
N GLY B 233 6.82 41.61 -17.51
CA GLY B 233 7.40 41.70 -18.84
C GLY B 233 7.02 40.46 -19.63
N TYR B 234 7.61 40.31 -20.81
CA TYR B 234 7.52 39.08 -21.58
C TYR B 234 8.94 38.61 -21.88
N ILE B 235 9.11 37.30 -22.03
CA ILE B 235 10.40 36.79 -22.48
C ILE B 235 10.67 37.30 -23.91
N CYS B 236 11.79 38.00 -24.09
CA CYS B 236 12.09 38.72 -25.31
C CYS B 236 12.55 37.83 -26.46
N SER B 237 13.09 36.65 -26.12
CA SER B 237 13.67 35.76 -27.12
C SER B 237 12.78 35.52 -28.34
N GLY B 238 13.40 35.55 -29.51
CA GLY B 238 12.72 35.16 -30.73
C GLY B 238 12.50 33.67 -30.84
N ILE B 239 13.01 32.93 -29.87
CA ILE B 239 12.67 31.52 -29.70
C ILE B 239 11.38 31.45 -28.88
N PHE B 240 10.25 31.52 -29.58
CA PHE B 240 8.93 31.67 -28.93
C PHE B 240 8.60 30.44 -28.09
N GLY B 241 8.11 30.68 -26.89
CA GLY B 241 7.96 29.59 -25.92
C GLY B 241 6.59 28.91 -25.87
N ASP B 242 5.56 29.57 -26.39
CA ASP B 242 4.20 29.05 -26.25
C ASP B 242 3.87 28.06 -27.37
N ASN B 243 2.69 27.46 -27.29
CA ASN B 243 2.18 26.59 -28.36
C ASN B 243 0.68 26.79 -28.41
N PRO B 244 0.14 27.25 -29.54
CA PRO B 244 0.83 27.48 -30.82
C PRO B 244 1.71 28.74 -30.84
N ARG B 245 2.42 28.92 -31.94
CA ARG B 245 3.37 30.02 -32.06
C ARG B 245 3.78 30.10 -33.52
N PRO B 246 4.36 31.22 -33.95
CA PRO B 246 4.92 31.23 -35.30
C PRO B 246 6.29 30.55 -35.34
N ASN B 247 6.86 30.42 -36.52
CA ASN B 247 8.26 30.02 -36.62
C ASN B 247 9.10 31.09 -35.98
N ASP B 248 10.22 30.71 -35.41
CA ASP B 248 11.13 31.63 -34.74
C ASP B 248 11.57 32.76 -35.67
N LYS B 249 11.68 33.96 -35.11
CA LYS B 249 12.14 35.11 -35.87
C LYS B 249 12.44 36.17 -34.81
N THR B 250 12.53 37.43 -35.19
CA THR B 250 12.73 38.48 -34.20
C THR B 250 11.60 38.51 -33.18
N GLY B 251 11.96 38.53 -31.90
CA GLY B 251 10.99 38.50 -30.82
C GLY B 251 10.50 39.87 -30.38
N SER B 252 9.77 39.91 -29.28
CA SER B 252 9.25 41.16 -28.71
C SER B 252 9.33 41.09 -27.19
N CYS B 253 9.58 42.23 -26.55
CA CYS B 253 9.56 42.28 -25.09
C CYS B 253 8.14 42.54 -24.59
N GLY B 254 7.19 42.66 -25.52
CA GLY B 254 5.78 42.58 -25.20
C GLY B 254 5.19 41.32 -25.81
N PRO B 255 3.85 41.20 -25.80
CA PRO B 255 3.22 39.99 -26.35
C PRO B 255 3.41 39.90 -27.86
N VAL B 256 3.83 38.74 -28.34
CA VAL B 256 3.97 38.50 -29.77
C VAL B 256 2.61 38.08 -30.32
N SER B 257 1.98 38.96 -31.10
CA SER B 257 0.61 38.76 -31.57
C SER B 257 0.42 37.52 -32.46
N SER B 258 1.39 37.28 -33.34
CA SER B 258 1.25 36.22 -34.33
C SER B 258 1.05 34.86 -33.66
N ASN B 259 -0.04 34.18 -34.03
CA ASN B 259 -0.42 32.92 -33.39
C ASN B 259 -0.55 33.02 -31.87
N GLY B 260 -0.87 34.21 -31.37
CA GLY B 260 -0.83 34.44 -29.93
C GLY B 260 -1.98 33.84 -29.13
N ALA B 261 -3.14 33.72 -29.78
CA ALA B 261 -4.32 33.17 -29.10
C ALA B 261 -4.07 31.73 -28.69
N ASN B 262 -4.69 31.33 -27.57
CA ASN B 262 -4.52 29.98 -27.04
C ASN B 262 -3.11 29.76 -26.54
N GLY B 263 -2.74 28.54 -26.19
CA GLY B 263 -1.46 28.36 -25.56
C GLY B 263 -1.35 27.05 -24.83
N VAL B 264 -0.28 26.92 -24.05
CA VAL B 264 -0.08 25.73 -23.25
C VAL B 264 0.70 26.17 -22.01
N LYS B 265 0.44 25.55 -20.87
CA LYS B 265 1.24 25.85 -19.70
C LYS B 265 2.68 25.48 -19.99
N GLY B 266 3.61 26.35 -19.59
CA GLY B 266 5.03 26.08 -19.74
C GLY B 266 5.81 26.81 -18.67
N PHE B 267 7.14 26.84 -18.82
CA PHE B 267 8.02 27.43 -17.82
C PHE B 267 9.26 27.95 -18.54
N SER B 268 10.09 28.69 -17.80
CA SER B 268 11.44 29.04 -18.25
C SER B 268 12.21 29.45 -17.02
N PHE B 269 13.54 29.38 -17.09
CA PHE B 269 14.40 29.78 -15.98
C PHE B 269 15.32 30.92 -16.39
N LYS B 270 15.26 32.03 -15.66
CA LYS B 270 16.07 33.22 -15.95
C LYS B 270 17.44 33.09 -15.30
N TYR B 271 18.47 33.39 -16.08
CA TYR B 271 19.83 33.52 -15.57
C TYR B 271 20.43 34.79 -16.13
N GLY B 272 20.33 35.89 -15.39
CA GLY B 272 20.81 37.18 -15.87
C GLY B 272 20.05 37.61 -17.12
N ASN B 273 20.76 37.90 -18.20
CA ASN B 273 20.08 38.20 -19.47
C ASN B 273 19.65 36.94 -20.20
N GLY B 274 20.10 35.79 -19.74
CA GLY B 274 19.85 34.53 -20.43
C GLY B 274 18.66 33.75 -19.94
N VAL B 275 18.25 32.73 -20.69
CA VAL B 275 17.09 31.95 -20.30
C VAL B 275 17.17 30.51 -20.81
N TRP B 276 16.79 29.55 -19.96
CA TRP B 276 16.54 28.19 -20.39
C TRP B 276 15.05 28.09 -20.68
N ILE B 277 14.73 27.78 -21.94
CA ILE B 277 13.36 27.70 -22.39
C ILE B 277 13.01 26.23 -22.62
N GLY B 278 11.93 25.74 -22.01
CA GLY B 278 11.35 24.46 -22.40
C GLY B 278 10.14 24.70 -23.30
N ARG B 279 10.05 24.00 -24.42
CA ARG B 279 8.90 24.16 -25.30
C ARG B 279 8.64 22.93 -26.14
N THR B 280 7.45 22.88 -26.74
CA THR B 280 7.12 21.82 -27.69
C THR B 280 8.00 21.95 -28.92
N LYS B 281 8.14 20.86 -29.67
CA LYS B 281 8.85 20.93 -30.95
C LYS B 281 7.96 21.43 -32.08
N SER B 282 6.68 21.02 -32.07
CA SER B 282 5.74 21.51 -33.07
C SER B 282 5.32 22.94 -32.75
N ILE B 283 5.15 23.77 -33.79
CA ILE B 283 4.65 25.13 -33.58
C ILE B 283 3.13 25.19 -33.57
N SER B 284 2.48 24.08 -33.91
CA SER B 284 1.03 24.09 -34.04
C SER B 284 0.28 23.16 -33.08
N SER B 285 0.93 22.10 -32.62
CA SER B 285 0.23 21.19 -31.71
C SER B 285 1.15 20.73 -30.59
N ARG B 286 0.59 20.03 -29.62
CA ARG B 286 1.34 19.63 -28.43
C ARG B 286 2.13 18.34 -28.69
N ASN B 287 3.20 18.49 -29.46
CA ASN B 287 4.04 17.39 -29.88
C ASN B 287 5.49 17.74 -29.68
N GLY B 288 6.26 16.79 -29.15
CA GLY B 288 7.67 17.01 -28.93
C GLY B 288 7.95 17.92 -27.76
N PHE B 289 9.19 17.90 -27.30
CA PHE B 289 9.62 18.81 -26.26
C PHE B 289 11.13 18.96 -26.32
N GLU B 290 11.62 20.17 -26.03
CA GLU B 290 13.04 20.44 -26.13
C GLU B 290 13.41 21.54 -25.13
N MET B 291 14.65 21.50 -24.62
CA MET B 291 15.18 22.56 -23.77
C MET B 291 16.17 23.38 -24.57
N ILE B 292 16.09 24.69 -24.46
CA ILE B 292 16.95 25.56 -25.25
C ILE B 292 17.59 26.60 -24.34
N TRP B 293 18.90 26.74 -24.47
CA TRP B 293 19.61 27.80 -23.76
C TRP B 293 19.89 28.97 -24.70
N ASP B 294 19.28 30.10 -24.39
CA ASP B 294 19.49 31.34 -25.13
C ASP B 294 20.17 32.32 -24.18
N PRO B 295 21.47 32.56 -24.39
CA PRO B 295 22.25 33.36 -23.44
C PRO B 295 21.82 34.83 -23.33
N ASN B 296 21.01 35.34 -24.26
CA ASN B 296 20.50 36.69 -24.09
C ASN B 296 18.99 36.73 -24.32
N GLY B 297 18.33 35.63 -24.05
CA GLY B 297 16.92 35.52 -24.40
C GLY B 297 15.92 36.09 -23.42
N TRP B 298 16.35 36.42 -22.21
CA TRP B 298 15.38 37.02 -21.28
C TRP B 298 15.11 38.44 -21.73
N THR B 299 16.18 39.08 -22.22
CA THR B 299 16.16 40.51 -22.51
C THR B 299 16.37 40.88 -23.98
N GLY B 300 16.85 39.94 -24.80
CA GLY B 300 17.19 40.26 -26.18
C GLY B 300 16.23 39.57 -27.14
N THR B 301 15.95 40.21 -28.28
CA THR B 301 14.91 39.73 -29.19
C THR B 301 15.39 38.83 -30.33
N ASP B 302 16.68 38.59 -30.49
CA ASP B 302 17.10 37.71 -31.57
C ASP B 302 16.66 36.25 -31.32
N ASN B 303 16.67 35.41 -32.35
CA ASN B 303 16.30 34.00 -32.17
C ASN B 303 17.52 33.08 -32.09
N ASN B 304 18.65 33.65 -31.72
CA ASN B 304 19.88 32.87 -31.62
C ASN B 304 19.95 32.09 -30.33
N PHE B 305 20.37 30.83 -30.39
CA PHE B 305 20.57 30.03 -29.17
C PHE B 305 21.85 29.22 -29.24
N SER B 306 22.31 28.75 -28.08
CA SER B 306 23.61 28.08 -28.02
C SER B 306 23.56 26.59 -27.70
N ILE B 307 22.50 26.14 -27.03
CA ILE B 307 22.33 24.73 -26.70
C ILE B 307 20.89 24.32 -26.93
N LYS B 308 20.69 23.14 -27.51
CA LYS B 308 19.35 22.58 -27.62
C LYS B 308 19.44 21.12 -27.19
N GLN B 309 18.53 20.70 -26.32
CA GLN B 309 18.49 19.31 -25.88
C GLN B 309 17.12 18.72 -26.13
N ASP B 310 17.07 17.61 -26.87
CA ASP B 310 15.80 16.92 -27.17
C ASP B 310 15.30 16.20 -25.94
N ILE B 311 13.99 16.25 -25.72
CA ILE B 311 13.35 15.62 -24.56
C ILE B 311 12.27 14.64 -25.01
N VAL B 312 11.43 15.09 -25.95
CA VAL B 312 10.42 14.24 -26.56
C VAL B 312 10.47 14.48 -28.08
N GLY B 313 10.42 13.41 -28.88
CA GLY B 313 10.46 13.51 -30.33
C GLY B 313 9.27 14.27 -30.91
N ILE B 314 9.48 14.93 -32.03
CA ILE B 314 8.44 15.74 -32.66
C ILE B 314 7.20 14.95 -33.07
N ASN B 315 7.37 13.67 -33.34
CA ASN B 315 6.23 12.83 -33.69
C ASN B 315 5.52 12.23 -32.48
N GLU B 316 5.88 12.67 -31.28
CA GLU B 316 5.29 12.10 -30.06
C GLU B 316 4.50 13.16 -29.30
N TRP B 317 3.48 12.72 -28.56
CA TRP B 317 2.61 13.66 -27.85
C TRP B 317 3.28 14.26 -26.62
N SER B 318 3.11 15.58 -26.45
CA SER B 318 3.56 16.22 -25.21
C SER B 318 2.37 16.91 -24.56
N GLY B 319 2.57 18.11 -24.02
CA GLY B 319 1.50 18.72 -23.24
C GLY B 319 2.04 19.79 -22.31
N TYR B 320 1.41 19.91 -21.14
CA TYR B 320 1.85 20.89 -20.15
C TYR B 320 3.30 20.63 -19.72
N SER B 321 3.96 21.67 -19.25
CA SER B 321 5.25 21.53 -18.59
C SER B 321 5.33 22.59 -17.50
N GLY B 322 6.15 22.35 -16.50
CA GLY B 322 6.25 23.28 -15.40
C GLY B 322 7.55 23.11 -14.65
N SER B 323 7.97 24.16 -13.96
CA SER B 323 9.17 24.08 -13.16
C SER B 323 8.85 23.44 -11.82
N PHE B 324 9.87 22.84 -11.21
CA PHE B 324 9.91 22.63 -9.76
C PHE B 324 11.35 22.76 -9.31
N VAL B 325 11.57 23.08 -8.05
CA VAL B 325 12.93 23.22 -7.57
C VAL B 325 13.26 22.26 -6.45
N GLN B 326 14.54 22.02 -6.24
CA GLN B 326 14.99 21.30 -5.06
C GLN B 326 15.85 22.24 -4.22
N HIS B 327 15.42 22.51 -2.99
CA HIS B 327 16.13 23.44 -2.12
C HIS B 327 17.33 22.78 -1.46
N PRO B 328 18.32 23.58 -1.04
CA PRO B 328 19.50 23.12 -0.30
C PRO B 328 19.13 22.26 0.90
N GLU B 329 17.99 22.55 1.53
CA GLU B 329 17.52 21.74 2.66
C GLU B 329 17.33 20.28 2.28
N LEU B 330 16.98 20.04 1.01
CA LEU B 330 16.77 18.68 0.55
C LEU B 330 18.04 18.09 -0.06
N THR B 331 18.80 18.92 -0.78
CA THR B 331 19.91 18.42 -1.59
C THR B 331 21.27 18.46 -0.93
N GLY B 332 21.47 19.37 0.02
CA GLY B 332 22.78 19.60 0.59
C GLY B 332 23.64 20.53 -0.26
N LEU B 333 23.09 21.02 -1.36
CA LEU B 333 23.81 21.93 -2.26
C LEU B 333 23.78 23.35 -1.72
N ASP B 334 24.52 24.26 -2.35
CA ASP B 334 24.55 25.65 -1.88
C ASP B 334 23.72 26.57 -2.78
N CYS B 335 22.90 25.98 -3.63
CA CYS B 335 22.05 26.75 -4.52
C CYS B 335 20.73 26.03 -4.67
N ILE B 336 19.76 26.72 -5.25
CA ILE B 336 18.47 26.11 -5.54
C ILE B 336 18.53 25.44 -6.90
N ARG B 337 18.27 24.13 -6.92
CA ARG B 337 18.34 23.36 -8.17
C ARG B 337 17.06 23.41 -9.00
N PRO B 338 17.18 23.82 -10.26
CA PRO B 338 16.03 23.84 -11.18
C PRO B 338 15.77 22.46 -11.76
N CYS B 339 14.50 22.09 -11.81
CA CYS B 339 14.05 20.84 -12.41
C CYS B 339 12.79 21.19 -13.19
N PHE B 340 12.31 20.26 -14.02
CA PHE B 340 11.03 20.48 -14.68
C PHE B 340 10.35 19.16 -15.01
N TRP B 341 9.04 19.23 -15.23
CA TRP B 341 8.27 18.05 -15.62
C TRP B 341 7.54 18.35 -16.91
N VAL B 342 7.19 17.29 -17.64
CA VAL B 342 6.38 17.40 -18.83
C VAL B 342 5.23 16.42 -18.73
N GLU B 343 4.05 16.90 -19.05
CA GLU B 343 2.86 16.07 -19.10
C GLU B 343 2.70 15.56 -20.53
N LEU B 344 2.55 14.25 -20.69
CA LEU B 344 2.40 13.64 -22.01
C LEU B 344 0.93 13.25 -22.21
N ILE B 345 0.19 14.09 -22.93
CA ILE B 345 -1.26 13.96 -23.03
C ILE B 345 -1.67 12.95 -24.09
N ARG B 346 -2.49 11.97 -23.70
CA ARG B 346 -3.01 11.01 -24.66
C ARG B 346 -4.52 11.06 -24.71
N GLY B 347 -5.08 10.70 -25.86
CA GLY B 347 -6.53 10.68 -26.01
C GLY B 347 -7.06 11.90 -26.73
N ARG B 348 -8.21 12.38 -26.30
CA ARG B 348 -8.85 13.52 -26.94
C ARG B 348 -8.08 14.80 -26.65
N PRO B 349 -8.10 15.77 -27.58
CA PRO B 349 -8.88 15.76 -28.83
C PRO B 349 -8.15 15.18 -30.04
N LYS B 350 -6.89 14.79 -29.89
CA LYS B 350 -6.09 14.42 -31.06
C LYS B 350 -6.23 12.96 -31.48
N GLU B 351 -6.67 12.10 -30.57
CA GLU B 351 -6.74 10.67 -30.85
C GLU B 351 -8.16 10.13 -30.68
N ASN B 352 -8.42 8.97 -31.29
CA ASN B 352 -9.76 8.45 -31.39
C ASN B 352 -10.19 7.65 -30.16
N THR B 353 -10.39 8.33 -29.04
CA THR B 353 -10.74 7.67 -27.78
C THR B 353 -11.92 8.39 -27.15
N ILE B 354 -12.46 7.85 -26.07
CA ILE B 354 -13.53 8.53 -25.35
C ILE B 354 -12.97 9.33 -24.18
N TRP B 355 -11.66 9.22 -23.96
CA TRP B 355 -11.03 9.76 -22.75
C TRP B 355 -9.80 10.60 -23.06
N THR B 356 -9.32 11.34 -22.07
CA THR B 356 -8.05 12.06 -22.13
C THR B 356 -7.32 11.85 -20.80
N SER B 357 -6.04 11.54 -20.85
CA SER B 357 -5.25 11.34 -19.63
C SER B 357 -3.78 11.60 -19.97
N GLY B 358 -2.97 11.90 -18.97
CA GLY B 358 -1.55 12.12 -19.21
C GLY B 358 -0.65 11.19 -18.42
N SER B 359 0.57 10.97 -18.91
CA SER B 359 1.63 10.43 -18.06
C SER B 359 2.64 11.56 -17.85
N SER B 360 3.70 11.31 -17.10
CA SER B 360 4.66 12.39 -16.85
C SER B 360 6.09 11.90 -16.94
N ILE B 361 6.99 12.85 -17.23
CA ILE B 361 8.42 12.65 -17.13
C ILE B 361 8.97 13.89 -16.44
N SER B 362 10.14 13.77 -15.84
CA SER B 362 10.78 14.95 -15.24
C SER B 362 12.30 14.84 -15.33
N PHE B 363 12.94 16.01 -15.21
CA PHE B 363 14.39 16.17 -15.40
C PHE B 363 14.92 17.16 -14.39
N CYS B 364 16.17 17.02 -14.00
CA CYS B 364 16.81 18.01 -13.15
C CYS B 364 18.05 18.58 -13.82
N GLY B 365 18.30 19.87 -13.60
CA GLY B 365 19.44 20.52 -14.20
C GLY B 365 20.75 20.12 -13.56
N VAL B 366 21.75 19.82 -14.39
CA VAL B 366 23.08 19.50 -13.88
C VAL B 366 24.16 20.23 -14.65
N ASN B 367 25.39 20.18 -14.15
CA ASN B 367 26.54 20.70 -14.89
C ASN B 367 27.46 19.60 -15.40
N SER B 368 27.04 18.36 -15.28
CA SER B 368 27.81 17.26 -15.80
C SER B 368 27.19 16.84 -17.14
N ASP B 369 27.71 15.78 -17.74
CA ASP B 369 27.32 15.40 -19.09
C ASP B 369 25.88 14.92 -19.17
N THR B 370 25.20 15.29 -20.25
CA THR B 370 23.81 14.88 -20.44
C THR B 370 23.61 14.48 -21.90
N VAL B 371 22.41 14.02 -22.25
CA VAL B 371 22.14 13.65 -23.63
C VAL B 371 20.68 13.91 -23.99
N GLY B 372 20.43 14.25 -25.25
CA GLY B 372 19.06 14.35 -25.72
C GLY B 372 18.56 12.99 -26.16
N TRP B 373 17.26 12.76 -26.02
CA TRP B 373 16.64 11.57 -26.56
C TRP B 373 15.16 11.87 -26.66
N SER B 374 14.36 10.83 -26.82
CA SER B 374 12.92 10.98 -26.74
C SER B 374 12.43 10.00 -25.69
N TRP B 375 11.73 10.51 -24.67
CA TRP B 375 11.11 9.64 -23.66
C TRP B 375 9.60 9.86 -23.71
N PRO B 376 8.92 9.23 -24.68
CA PRO B 376 7.51 9.54 -24.89
C PRO B 376 6.61 8.69 -24.02
N ASP B 377 5.31 8.92 -24.13
CA ASP B 377 4.36 8.20 -23.29
C ASP B 377 4.38 6.69 -23.54
N GLY B 378 4.32 6.30 -24.82
CA GLY B 378 4.43 4.90 -25.20
C GLY B 378 3.18 4.03 -25.17
N ALA B 379 2.03 4.57 -24.78
CA ALA B 379 0.82 3.73 -24.81
C ALA B 379 0.36 3.49 -26.24
N GLU B 380 -0.28 2.35 -26.48
CA GLU B 380 -0.86 2.05 -27.80
C GLU B 380 -2.37 2.31 -27.76
N LEU B 381 -2.82 3.32 -28.50
CA LEU B 381 -4.22 3.70 -28.51
C LEU B 381 -4.85 3.26 -29.82
N PRO B 382 -6.17 3.01 -29.83
CA PRO B 382 -7.12 3.17 -28.72
C PRO B 382 -7.06 2.02 -27.72
N PHE B 383 -7.73 2.18 -26.58
CA PHE B 383 -7.79 1.15 -25.56
C PHE B 383 -9.04 0.29 -25.74
N THR B 384 -9.14 -0.77 -24.95
CA THR B 384 -10.30 -1.66 -25.01
C THR B 384 -11.62 -0.89 -24.84
N ILE B 385 -11.63 0.07 -23.91
CA ILE B 385 -12.86 0.79 -23.60
C ILE B 385 -13.36 1.64 -24.78
N ASP B 386 -12.46 1.91 -25.72
CA ASP B 386 -12.75 2.76 -26.87
C ASP B 386 -13.39 2.01 -28.04
N LYS B 387 -13.46 0.69 -27.93
CA LYS B 387 -13.84 -0.16 -29.05
C LYS B 387 -15.23 -0.78 -28.90
N VAL C 1 25.27 4.67 10.27
CA VAL C 1 26.73 4.58 10.18
C VAL C 1 27.16 3.81 8.92
N LYS C 2 28.23 4.29 8.28
CA LYS C 2 28.80 3.66 7.10
C LYS C 2 29.11 2.19 7.35
N LEU C 3 28.83 1.34 6.36
CA LEU C 3 29.28 -0.05 6.42
C LEU C 3 30.80 -0.09 6.36
N ALA C 4 31.43 -0.81 7.28
CA ALA C 4 32.89 -0.88 7.31
C ALA C 4 33.46 -1.67 6.13
N GLY C 5 32.86 -2.81 5.81
CA GLY C 5 33.33 -3.68 4.74
C GLY C 5 34.74 -4.23 4.94
N ASN C 6 35.19 -4.33 6.19
CA ASN C 6 36.58 -4.72 6.44
C ASN C 6 36.74 -6.17 6.92
N SER C 7 35.63 -6.83 7.21
CA SER C 7 35.70 -8.23 7.63
C SER C 7 35.72 -9.13 6.40
N SER C 8 36.01 -10.40 6.62
CA SER C 8 36.08 -11.39 5.54
C SER C 8 34.73 -11.98 5.21
N LEU C 9 34.62 -12.59 4.03
CA LEU C 9 33.44 -13.37 3.67
C LEU C 9 33.28 -14.53 4.62
N CYS C 10 32.06 -14.73 5.13
CA CYS C 10 31.77 -15.90 5.97
C CYS C 10 32.00 -17.15 5.14
N PRO C 11 32.78 -18.10 5.66
CA PRO C 11 32.86 -19.38 4.96
C PRO C 11 31.52 -20.10 5.07
N VAL C 12 31.06 -20.74 4.00
CA VAL C 12 29.74 -21.35 4.02
C VAL C 12 29.77 -22.75 3.42
N SER C 13 28.89 -23.61 3.90
CA SER C 13 28.90 -25.00 3.46
C SER C 13 27.73 -25.29 2.55
N GLY C 14 26.75 -24.40 2.54
CA GLY C 14 25.56 -24.60 1.74
C GLY C 14 24.69 -23.35 1.68
N TRP C 15 23.58 -23.45 0.99
CA TRP C 15 22.79 -22.27 0.71
C TRP C 15 21.34 -22.52 1.15
N ALA C 16 20.85 -21.65 2.04
CA ALA C 16 19.50 -21.78 2.57
C ALA C 16 18.59 -20.86 1.80
N ILE C 17 17.40 -21.32 1.46
CA ILE C 17 16.52 -20.49 0.64
C ILE C 17 16.00 -19.30 1.44
N TYR C 18 16.01 -18.14 0.79
CA TYR C 18 15.76 -16.88 1.47
C TYR C 18 14.47 -16.24 0.97
N SER C 19 14.29 -16.19 -0.34
CA SER C 19 13.08 -15.59 -0.91
C SER C 19 12.66 -16.26 -2.20
N LYS C 20 11.38 -16.09 -2.52
CA LYS C 20 10.80 -16.50 -3.80
C LYS C 20 9.57 -15.63 -4.02
N ASP C 21 9.50 -14.92 -5.14
CA ASP C 21 8.40 -13.96 -5.34
C ASP C 21 7.20 -14.46 -6.17
N ASN C 22 7.38 -15.52 -6.95
CA ASN C 22 6.28 -16.07 -7.76
C ASN C 22 5.63 -15.03 -8.68
N SER C 23 6.43 -14.08 -9.16
CA SER C 23 5.90 -12.92 -9.89
C SER C 23 5.06 -13.27 -11.10
N VAL C 24 5.54 -14.21 -11.91
CA VAL C 24 4.87 -14.49 -13.17
C VAL C 24 3.56 -15.26 -12.92
N ARG C 25 3.57 -16.20 -11.99
CA ARG C 25 2.34 -16.90 -11.60
C ARG C 25 1.29 -15.90 -11.12
N ILE C 26 1.71 -14.98 -10.25
CA ILE C 26 0.77 -14.02 -9.68
C ILE C 26 0.29 -13.01 -10.73
N GLY C 27 1.20 -12.61 -11.63
CA GLY C 27 0.91 -11.61 -12.64
C GLY C 27 -0.05 -12.08 -13.72
N SER C 28 -0.32 -13.38 -13.73
CA SER C 28 -1.36 -13.90 -14.61
C SER C 28 -2.72 -13.23 -14.34
N LYS C 29 -2.97 -12.87 -13.08
CA LYS C 29 -4.18 -12.14 -12.73
C LYS C 29 -3.89 -10.77 -12.10
N GLY C 30 -2.92 -10.72 -11.19
CA GLY C 30 -2.64 -9.51 -10.45
C GLY C 30 -1.89 -8.50 -11.31
N ASP C 31 -1.70 -7.30 -10.78
CA ASP C 31 -1.03 -6.25 -11.54
C ASP C 31 0.46 -6.26 -11.19
N VAL C 32 1.22 -6.94 -12.04
CA VAL C 32 2.63 -7.19 -11.78
C VAL C 32 3.42 -6.68 -12.98
N PHE C 33 4.50 -5.95 -12.72
CA PHE C 33 5.31 -5.42 -13.82
C PHE C 33 5.92 -6.54 -14.66
N VAL C 34 5.98 -6.33 -15.97
CA VAL C 34 6.91 -7.11 -16.79
C VAL C 34 8.31 -6.59 -16.41
N ILE C 35 9.21 -7.48 -16.02
CA ILE C 35 10.54 -7.06 -15.62
C ILE C 35 11.60 -8.02 -16.15
N ARG C 36 12.83 -7.54 -16.23
CA ARG C 36 13.97 -8.44 -16.30
C ARG C 36 15.09 -7.80 -15.53
N GLU C 37 16.22 -8.49 -15.46
CA GLU C 37 17.39 -8.00 -14.75
C GLU C 37 17.10 -7.60 -13.30
N PRO C 38 16.45 -8.49 -12.53
CA PRO C 38 16.28 -8.15 -11.11
C PRO C 38 17.59 -8.35 -10.36
N PHE C 39 17.71 -7.74 -9.19
CA PHE C 39 18.80 -8.03 -8.28
C PHE C 39 18.44 -7.60 -6.87
N ILE C 40 19.15 -8.13 -5.90
CA ILE C 40 18.88 -7.80 -4.51
C ILE C 40 20.00 -6.98 -3.94
N SER C 41 19.66 -6.04 -3.07
CA SER C 41 20.66 -5.30 -2.34
C SER C 41 20.10 -4.93 -0.97
N CYS C 42 20.98 -4.86 0.02
CA CYS C 42 20.55 -4.65 1.39
C CYS C 42 21.11 -3.36 1.98
N SER C 43 20.40 -2.85 2.97
CA SER C 43 20.86 -1.72 3.76
C SER C 43 21.11 -2.28 5.17
N PRO C 44 21.53 -1.43 6.13
CA PRO C 44 21.62 -2.01 7.49
C PRO C 44 20.26 -2.35 8.07
N LEU C 45 19.18 -1.98 7.41
CA LEU C 45 17.84 -2.20 7.96
C LEU C 45 16.99 -3.17 7.15
N GLU C 46 17.15 -3.22 5.84
CA GLU C 46 16.27 -4.03 5.01
C GLU C 46 16.91 -4.52 3.72
N CYS C 47 16.35 -5.59 3.16
CA CYS C 47 16.74 -6.03 1.82
C CYS C 47 15.65 -5.74 0.79
N ARG C 48 16.07 -5.23 -0.36
CA ARG C 48 15.13 -4.88 -1.42
C ARG C 48 15.48 -5.60 -2.72
N THR C 49 14.47 -5.90 -3.51
CA THR C 49 14.67 -6.37 -4.86
C THR C 49 14.59 -5.17 -5.80
N PHE C 50 15.62 -4.97 -6.60
CA PHE C 50 15.60 -3.97 -7.65
C PHE C 50 15.33 -4.66 -8.98
N PHE C 51 14.76 -3.93 -9.93
CA PHE C 51 14.45 -4.55 -11.21
C PHE C 51 14.24 -3.50 -12.27
N LEU C 52 14.44 -3.91 -13.53
CA LEU C 52 14.17 -3.03 -14.64
C LEU C 52 12.81 -3.38 -15.23
N THR C 53 11.82 -2.51 -15.02
CA THR C 53 10.51 -2.72 -15.63
C THR C 53 10.58 -2.46 -17.12
N GLN C 54 9.51 -2.85 -17.82
CA GLN C 54 9.33 -2.52 -19.22
C GLN C 54 8.19 -1.50 -19.38
N GLY C 55 7.83 -0.84 -18.29
CA GLY C 55 6.72 0.13 -18.31
C GLY C 55 5.40 -0.49 -18.72
N ALA C 56 5.16 -1.72 -18.29
CA ALA C 56 4.00 -2.49 -18.72
C ALA C 56 3.72 -3.59 -17.72
N LEU C 57 2.48 -4.07 -17.70
CA LEU C 57 2.11 -5.16 -16.81
C LEU C 57 1.95 -6.46 -17.57
N LEU C 58 2.19 -7.57 -16.87
CA LEU C 58 1.90 -8.89 -17.41
C LEU C 58 0.45 -9.06 -17.83
N ASN C 59 0.24 -9.85 -18.88
CA ASN C 59 -1.08 -10.11 -19.43
C ASN C 59 -1.81 -8.89 -19.99
N ASP C 60 -1.03 -7.88 -20.36
CA ASP C 60 -1.56 -6.70 -21.02
C ASP C 60 -0.83 -6.47 -22.34
N LYS C 61 -1.52 -5.85 -23.30
CA LYS C 61 -0.95 -5.67 -24.64
C LYS C 61 0.36 -4.90 -24.65
N HIS C 62 0.60 -4.05 -23.65
CA HIS C 62 1.88 -3.32 -23.67
C HIS C 62 3.08 -4.20 -23.31
N SER C 63 2.82 -5.44 -22.92
CA SER C 63 3.91 -6.40 -22.74
C SER C 63 4.44 -6.94 -24.10
N ASN C 64 3.74 -6.62 -25.18
CA ASN C 64 4.13 -7.04 -26.54
C ASN C 64 5.53 -6.54 -26.88
N GLY C 65 6.40 -7.42 -27.35
CA GLY C 65 7.71 -7.02 -27.83
C GLY C 65 8.76 -6.81 -26.74
N THR C 66 8.45 -7.27 -25.52
CA THR C 66 9.34 -7.00 -24.38
C THR C 66 10.63 -7.84 -24.34
N ILE C 67 10.87 -8.64 -25.38
CA ILE C 67 12.20 -9.21 -25.62
C ILE C 67 13.20 -8.06 -25.83
N LYS C 68 12.70 -6.89 -26.22
CA LYS C 68 13.57 -5.74 -26.53
C LYS C 68 14.26 -5.24 -25.26
N ASP C 69 15.59 -5.07 -25.32
CA ASP C 69 16.39 -4.71 -24.16
C ASP C 69 16.35 -3.23 -23.77
N ARG C 70 16.45 -2.35 -24.75
CA ARG C 70 16.61 -0.93 -24.41
C ARG C 70 15.50 -0.08 -25.03
N SER C 71 14.81 0.66 -24.20
CA SER C 71 13.74 1.53 -24.67
C SER C 71 13.61 2.66 -23.65
N PRO C 72 12.95 3.75 -24.03
CA PRO C 72 12.80 4.85 -23.08
C PRO C 72 11.77 4.55 -22.00
N TYR C 73 11.10 3.40 -22.06
CA TYR C 73 10.05 3.11 -21.08
C TYR C 73 10.58 2.36 -19.87
N ARG C 74 11.78 1.81 -19.99
CA ARG C 74 12.33 1.00 -18.90
C ARG C 74 12.73 1.86 -17.72
N THR C 75 12.35 1.42 -16.54
CA THR C 75 12.67 2.15 -15.33
C THR C 75 13.20 1.18 -14.27
N LEU C 76 14.17 1.63 -13.50
CA LEU C 76 14.63 0.91 -12.31
C LEU C 76 13.67 1.20 -11.15
N MET C 77 13.15 0.14 -10.54
CA MET C 77 12.29 0.30 -9.37
C MET C 77 12.69 -0.72 -8.35
N SER C 78 12.12 -0.66 -7.15
CA SER C 78 12.45 -1.64 -6.14
C SER C 78 11.25 -1.91 -5.25
N CYS C 79 11.22 -3.08 -4.65
CA CYS C 79 10.17 -3.43 -3.69
C CYS C 79 10.82 -4.28 -2.61
N PRO C 80 10.12 -4.51 -1.48
CA PRO C 80 10.74 -5.36 -0.47
C PRO C 80 11.00 -6.78 -0.99
N ILE C 81 12.02 -7.44 -0.48
CA ILE C 81 12.41 -8.75 -0.99
C ILE C 81 11.26 -9.76 -0.84
N GLY C 82 11.02 -10.56 -1.87
CA GLY C 82 9.98 -11.59 -1.80
C GLY C 82 8.58 -11.14 -2.20
N GLU C 83 8.39 -9.84 -2.35
CA GLU C 83 7.10 -9.32 -2.81
C GLU C 83 7.10 -9.22 -4.32
N VAL C 84 5.93 -9.35 -4.95
CA VAL C 84 5.89 -9.21 -6.40
C VAL C 84 6.11 -7.75 -6.76
N PRO C 85 6.80 -7.51 -7.87
CA PRO C 85 7.04 -6.14 -8.34
C PRO C 85 5.76 -5.57 -8.97
N SER C 86 5.05 -4.76 -8.20
CA SER C 86 3.78 -4.22 -8.63
C SER C 86 3.83 -2.70 -8.57
N PRO C 87 3.03 -2.04 -9.41
CA PRO C 87 2.92 -0.58 -9.29
C PRO C 87 2.39 -0.15 -7.92
N TYR C 88 1.79 -1.07 -7.17
CA TYR C 88 1.20 -0.70 -5.88
C TYR C 88 2.16 -0.89 -4.71
N ASN C 89 3.29 -1.55 -4.92
CA ASN C 89 4.22 -1.74 -3.80
C ASN C 89 5.65 -1.36 -4.14
N SER C 90 5.88 -0.84 -5.35
CA SER C 90 7.25 -0.53 -5.78
C SER C 90 7.60 0.95 -5.64
N ARG C 91 8.85 1.19 -5.25
CA ARG C 91 9.39 2.54 -5.15
C ARG C 91 10.08 2.83 -6.47
N PHE C 92 9.92 4.04 -6.99
CA PHE C 92 10.59 4.41 -8.23
C PHE C 92 12.04 4.80 -7.91
N GLU C 93 12.99 4.35 -8.73
CA GLU C 93 14.40 4.69 -8.51
C GLU C 93 14.97 5.59 -9.62
N SER C 94 14.86 5.15 -10.86
CA SER C 94 15.49 5.90 -11.95
C SER C 94 14.93 5.46 -13.30
N VAL C 95 15.14 6.27 -14.32
CA VAL C 95 14.82 5.84 -15.68
C VAL C 95 16.06 5.11 -16.20
N ALA C 96 15.91 3.87 -16.66
CA ALA C 96 17.09 3.04 -16.87
C ALA C 96 16.82 1.79 -17.69
N TRP C 97 17.71 1.48 -18.62
CA TRP C 97 17.72 0.16 -19.25
C TRP C 97 18.96 -0.66 -18.86
N SER C 98 19.78 -0.10 -17.98
CA SER C 98 20.87 -0.84 -17.35
C SER C 98 21.09 -0.16 -16.01
N ALA C 99 21.46 -0.90 -14.97
CA ALA C 99 21.43 -0.30 -13.64
C ALA C 99 22.30 -0.98 -12.60
N SER C 100 22.55 -0.27 -11.51
CA SER C 100 23.15 -0.84 -10.33
C SER C 100 22.61 -0.05 -9.13
N ALA C 101 22.74 -0.62 -7.94
CA ALA C 101 22.36 0.10 -6.72
C ALA C 101 23.06 -0.52 -5.52
N CYS C 102 23.34 0.29 -4.50
CA CYS C 102 23.83 -0.25 -3.24
C CYS C 102 23.66 0.80 -2.14
N HIS C 103 23.75 0.35 -0.90
CA HIS C 103 23.59 1.23 0.24
C HIS C 103 24.92 1.35 0.98
N ASP C 104 25.38 2.58 1.25
CA ASP C 104 26.67 2.73 1.91
C ASP C 104 26.58 2.65 3.43
N GLY C 105 25.39 2.40 3.94
CA GLY C 105 25.16 2.40 5.38
C GLY C 105 24.39 3.64 5.83
N ILE C 106 24.45 4.70 5.03
CA ILE C 106 23.71 5.93 5.30
C ILE C 106 22.53 6.11 4.34
N ASN C 107 22.82 6.08 3.03
CA ASN C 107 21.76 6.24 2.03
C ASN C 107 21.94 5.31 0.84
N TRP C 108 20.85 5.10 0.09
CA TRP C 108 20.92 4.38 -1.18
C TRP C 108 21.60 5.17 -2.28
N LEU C 109 22.47 4.49 -3.01
CA LEU C 109 22.99 4.97 -4.28
C LEU C 109 22.32 4.17 -5.38
N THR C 110 21.81 4.84 -6.42
CA THR C 110 21.36 4.11 -7.59
C THR C 110 22.03 4.68 -8.82
N ILE C 111 22.27 3.80 -9.78
CA ILE C 111 22.88 4.17 -11.05
C ILE C 111 21.97 3.67 -12.15
N GLY C 112 21.44 4.59 -12.95
CA GLY C 112 20.48 4.24 -13.98
C GLY C 112 20.91 4.79 -15.32
N ILE C 113 21.10 3.91 -16.30
CA ILE C 113 21.57 4.34 -17.62
C ILE C 113 20.40 4.38 -18.60
N SER C 114 20.21 5.54 -19.23
CA SER C 114 19.19 5.63 -20.26
C SER C 114 19.75 6.47 -21.41
N GLY C 115 18.95 6.72 -22.44
CA GLY C 115 19.43 7.45 -23.59
C GLY C 115 19.71 6.56 -24.81
N PRO C 116 20.22 7.17 -25.89
CA PRO C 116 20.47 6.44 -27.14
C PRO C 116 21.68 5.51 -27.04
N ASP C 117 21.70 4.44 -27.85
CA ASP C 117 22.83 3.52 -27.87
C ASP C 117 24.18 4.20 -28.13
N ASN C 118 24.16 5.27 -28.94
CA ASN C 118 25.42 5.93 -29.28
C ASN C 118 25.81 7.07 -28.34
N GLY C 119 25.13 7.19 -27.21
CA GLY C 119 25.44 8.28 -26.29
C GLY C 119 24.71 8.21 -24.96
N ALA C 120 24.60 7.01 -24.39
CA ALA C 120 23.87 6.81 -23.14
C ALA C 120 24.52 7.53 -21.96
N VAL C 121 23.72 7.88 -20.97
CA VAL C 121 24.20 8.60 -19.80
C VAL C 121 23.79 7.87 -18.54
N ALA C 122 24.74 7.62 -17.66
CA ALA C 122 24.41 7.04 -16.37
C ALA C 122 24.06 8.19 -15.42
N VAL C 123 22.91 8.09 -14.77
CA VAL C 123 22.50 9.07 -13.77
C VAL C 123 22.65 8.45 -12.40
N LEU C 124 23.47 9.09 -11.55
CA LEU C 124 23.68 8.64 -10.19
C LEU C 124 22.81 9.44 -9.23
N LYS C 125 22.13 8.74 -8.35
CA LYS C 125 21.31 9.37 -7.32
C LYS C 125 21.76 8.88 -5.94
N TYR C 126 21.79 9.80 -4.99
CA TYR C 126 22.12 9.44 -3.62
C TYR C 126 20.93 9.90 -2.79
N ASN C 127 20.27 8.96 -2.10
CA ASN C 127 19.02 9.28 -1.41
C ASN C 127 17.99 9.89 -2.35
N GLY C 128 17.97 9.42 -3.60
CA GLY C 128 16.96 9.84 -4.56
C GLY C 128 17.22 11.19 -5.23
N ILE C 129 18.35 11.82 -4.89
CA ILE C 129 18.71 13.11 -5.50
C ILE C 129 19.83 12.91 -6.50
N ILE C 130 19.72 13.51 -7.69
CA ILE C 130 20.79 13.35 -8.68
C ILE C 130 22.08 13.98 -8.18
N THR C 131 23.17 13.22 -8.19
CA THR C 131 24.44 13.67 -7.62
C THR C 131 25.56 13.68 -8.65
N ASP C 132 25.41 12.95 -9.74
CA ASP C 132 26.44 12.90 -10.77
C ASP C 132 25.88 12.26 -12.03
N THR C 133 26.58 12.45 -13.15
CA THR C 133 26.28 11.71 -14.36
C THR C 133 27.59 11.34 -15.02
N ILE C 134 27.56 10.29 -15.84
CA ILE C 134 28.69 10.04 -16.71
C ILE C 134 28.17 9.56 -18.06
N LYS C 135 28.72 10.13 -19.13
CA LYS C 135 28.25 9.79 -20.46
C LYS C 135 29.14 8.74 -21.11
N SER C 136 28.55 7.97 -22.02
CA SER C 136 29.27 7.01 -22.84
C SER C 136 30.59 7.60 -23.39
N TRP C 137 31.68 6.88 -23.24
CA TRP C 137 32.97 7.36 -23.74
C TRP C 137 33.41 6.62 -25.02
N ARG C 138 32.70 5.55 -25.36
CA ARG C 138 32.97 4.84 -26.62
C ARG C 138 31.77 4.89 -27.56
N ASN C 139 30.67 5.50 -27.10
CA ASN C 139 29.46 5.64 -27.91
C ASN C 139 28.90 4.32 -28.42
N ASN C 140 28.92 3.30 -27.57
CA ASN C 140 28.45 1.98 -27.98
C ASN C 140 27.87 1.23 -26.79
N ILE C 141 26.66 1.66 -26.38
CA ILE C 141 25.89 1.06 -25.31
C ILE C 141 26.60 1.02 -23.96
N LEU C 142 26.84 2.20 -23.39
CA LEU C 142 27.30 2.29 -22.01
C LEU C 142 26.39 1.42 -21.14
N ARG C 143 26.97 0.56 -20.33
CA ARG C 143 26.16 -0.40 -19.58
C ARG C 143 26.86 -0.85 -18.30
N THR C 144 26.10 -1.40 -17.36
CA THR C 144 26.68 -1.68 -16.06
C THR C 144 26.24 -3.03 -15.48
N GLN C 145 26.30 -3.17 -14.16
CA GLN C 145 26.25 -4.50 -13.55
C GLN C 145 24.98 -5.32 -13.67
N GLU C 146 23.82 -4.67 -13.54
CA GLU C 146 22.54 -5.33 -13.29
C GLU C 146 22.59 -6.15 -11.99
N SER C 147 23.44 -5.71 -11.06
CA SER C 147 23.40 -6.21 -9.70
C SER C 147 23.98 -5.16 -8.77
N GLU C 148 24.08 -5.49 -7.49
CA GLU C 148 24.45 -4.46 -6.51
C GLU C 148 25.90 -4.02 -6.66
N CYS C 149 26.13 -2.74 -6.46
CA CYS C 149 27.50 -2.26 -6.39
C CYS C 149 28.00 -2.63 -4.99
N ALA C 150 29.27 -2.41 -4.72
CA ALA C 150 29.84 -2.88 -3.46
C ALA C 150 30.41 -1.71 -2.67
N CYS C 151 30.19 -1.70 -1.36
CA CYS C 151 30.58 -0.57 -0.54
C CYS C 151 31.59 -0.96 0.53
N VAL C 152 32.61 -0.13 0.69
CA VAL C 152 33.59 -0.27 1.75
C VAL C 152 33.88 1.11 2.36
N ASN C 153 33.57 1.27 3.65
CA ASN C 153 33.96 2.47 4.42
C ASN C 153 33.54 3.79 3.78
N GLY C 154 32.29 3.86 3.32
CA GLY C 154 31.74 5.10 2.80
C GLY C 154 31.99 5.31 1.32
N SER C 155 32.72 4.40 0.69
CA SER C 155 32.91 4.44 -0.75
C SER C 155 32.21 3.25 -1.39
N CYS C 156 31.58 3.47 -2.54
CA CYS C 156 30.95 2.38 -3.26
C CYS C 156 31.60 2.28 -4.62
N PHE C 157 31.57 1.09 -5.19
CA PHE C 157 32.39 0.78 -6.35
C PHE C 157 31.57 0.02 -7.35
N THR C 158 31.81 0.30 -8.63
CA THR C 158 31.09 -0.39 -9.69
C THR C 158 31.98 -0.50 -10.94
N VAL C 159 31.54 -1.30 -11.89
CA VAL C 159 32.23 -1.47 -13.16
C VAL C 159 31.25 -1.15 -14.29
N MET C 160 31.71 -0.41 -15.30
CA MET C 160 30.90 -0.15 -16.49
C MET C 160 31.67 -0.51 -17.75
N THR C 161 30.93 -0.87 -18.79
CA THR C 161 31.52 -1.29 -20.06
C THR C 161 30.97 -0.42 -21.19
N ASP C 162 31.79 -0.11 -22.17
CA ASP C 162 31.32 0.65 -23.32
C ASP C 162 32.07 0.08 -24.52
N GLY C 163 31.36 -0.24 -25.59
CA GLY C 163 31.99 -0.86 -26.75
C GLY C 163 31.27 -2.14 -27.16
N PRO C 164 31.86 -2.91 -28.08
CA PRO C 164 31.29 -4.14 -28.65
C PRO C 164 30.97 -5.20 -27.61
N SER C 165 29.86 -5.91 -27.79
CA SER C 165 29.57 -7.06 -26.93
C SER C 165 30.09 -8.35 -27.58
N ASN C 166 30.68 -8.23 -28.77
CA ASN C 166 31.19 -9.40 -29.48
C ASN C 166 32.67 -9.26 -29.85
N GLY C 167 33.40 -8.45 -29.08
CA GLY C 167 34.79 -8.16 -29.38
C GLY C 167 35.36 -7.31 -28.27
N GLN C 168 36.63 -6.93 -28.39
CA GLN C 168 37.28 -6.11 -27.38
C GLN C 168 36.48 -4.84 -27.09
N ALA C 169 36.21 -4.58 -25.83
CA ALA C 169 35.51 -3.36 -25.45
C ALA C 169 36.37 -2.60 -24.44
N SER C 170 35.78 -1.60 -23.81
CA SER C 170 36.46 -0.79 -22.82
C SER C 170 35.76 -0.94 -21.46
N TYR C 171 36.54 -1.11 -20.40
CA TYR C 171 35.99 -1.39 -19.08
C TYR C 171 36.53 -0.39 -18.06
N LYS C 172 35.65 0.23 -17.29
CA LYS C 172 36.10 1.17 -16.27
C LYS C 172 35.57 0.80 -14.89
N ILE C 173 36.40 1.03 -13.88
CA ILE C 173 36.06 0.86 -12.49
C ILE C 173 35.92 2.25 -11.84
N PHE C 174 34.90 2.42 -11.00
CA PHE C 174 34.59 3.73 -10.40
C PHE C 174 34.56 3.64 -8.89
N ARG C 175 35.08 4.69 -8.24
CA ARG C 175 34.87 4.90 -6.80
C ARG C 175 33.91 6.06 -6.62
N ILE C 176 32.84 5.80 -5.87
CA ILE C 176 31.75 6.76 -5.75
C ILE C 176 31.51 7.07 -4.29
N GLU C 177 31.45 8.36 -3.95
CA GLU C 177 31.26 8.76 -2.57
C GLU C 177 30.09 9.73 -2.46
N LYS C 178 29.09 9.35 -1.68
CA LYS C 178 27.84 10.10 -1.60
C LYS C 178 27.30 10.45 -2.99
N GLY C 179 27.35 9.47 -3.90
CA GLY C 179 26.77 9.66 -5.21
C GLY C 179 27.63 10.43 -6.20
N LYS C 180 28.83 10.84 -5.78
CA LYS C 180 29.75 11.56 -6.67
C LYS C 180 30.90 10.66 -7.09
N ILE C 181 31.16 10.58 -8.39
CA ILE C 181 32.34 9.84 -8.85
C ILE C 181 33.59 10.61 -8.43
N VAL C 182 34.46 9.97 -7.64
CA VAL C 182 35.66 10.64 -7.16
C VAL C 182 36.94 10.09 -7.78
N LYS C 183 36.86 8.92 -8.40
CA LYS C 183 38.01 8.38 -9.14
C LYS C 183 37.49 7.33 -10.09
N SER C 184 38.14 7.20 -11.23
CA SER C 184 37.83 6.10 -12.14
C SER C 184 39.11 5.66 -12.82
N VAL C 185 39.12 4.42 -13.31
CA VAL C 185 40.30 3.88 -13.96
C VAL C 185 39.83 3.03 -15.11
N GLU C 186 40.49 3.14 -16.26
CA GLU C 186 40.17 2.26 -17.36
C GLU C 186 41.06 1.05 -17.27
N MET C 187 40.46 -0.13 -17.24
CA MET C 187 41.25 -1.35 -17.10
C MET C 187 42.03 -1.60 -18.39
N ASN C 188 43.29 -1.99 -18.26
CA ASN C 188 44.07 -2.40 -19.40
C ASN C 188 44.00 -3.91 -19.48
N ALA C 189 43.10 -4.42 -20.31
CA ALA C 189 42.81 -5.85 -20.30
C ALA C 189 42.61 -6.39 -21.71
N PRO C 190 43.70 -6.40 -22.50
CA PRO C 190 43.68 -6.96 -23.86
C PRO C 190 43.22 -8.41 -23.83
N ASN C 191 42.29 -8.76 -24.71
CA ASN C 191 41.79 -10.14 -24.86
C ASN C 191 40.83 -10.56 -23.74
N TYR C 192 40.54 -9.65 -22.81
CA TYR C 192 39.50 -9.87 -21.81
C TYR C 192 38.20 -9.25 -22.27
N HIS C 193 37.09 -9.77 -21.76
CA HIS C 193 35.80 -9.12 -21.97
C HIS C 193 35.00 -9.16 -20.67
N TYR C 194 34.51 -8.00 -20.25
CA TYR C 194 33.78 -7.86 -18.99
C TYR C 194 32.39 -7.28 -19.24
N GLU C 195 31.36 -8.02 -18.85
CA GLU C 195 29.98 -7.53 -18.91
C GLU C 195 29.31 -7.86 -17.58
N GLU C 196 28.39 -7.01 -17.14
CA GLU C 196 27.45 -7.40 -16.09
C GLU C 196 28.12 -7.99 -14.85
N CYS C 197 29.08 -7.26 -14.29
CA CYS C 197 29.84 -7.77 -13.16
C CYS C 197 29.01 -7.97 -11.88
N SER C 198 29.25 -9.08 -11.20
CA SER C 198 28.73 -9.29 -9.84
C SER C 198 29.89 -9.05 -8.90
N CYS C 199 29.77 -8.01 -8.08
CA CYS C 199 30.90 -7.51 -7.28
C CYS C 199 30.54 -7.55 -5.81
N TYR C 200 31.47 -7.99 -4.97
CA TYR C 200 31.20 -8.01 -3.52
C TYR C 200 32.44 -7.54 -2.75
N PRO C 201 32.23 -6.98 -1.54
CA PRO C 201 33.35 -6.57 -0.70
C PRO C 201 33.83 -7.74 0.16
N ASP C 202 35.11 -7.75 0.45
CA ASP C 202 35.72 -8.82 1.22
C ASP C 202 37.05 -8.29 1.73
N SER C 203 37.17 -8.09 3.05
CA SER C 203 38.40 -7.57 3.65
C SER C 203 38.89 -6.26 3.01
N SER C 204 37.95 -5.34 2.79
CA SER C 204 38.24 -3.97 2.33
C SER C 204 38.61 -3.87 0.84
N GLU C 205 38.47 -4.98 0.14
CA GLU C 205 38.76 -5.01 -1.28
C GLU C 205 37.55 -5.55 -2.01
N ILE C 206 37.44 -5.24 -3.30
CA ILE C 206 36.29 -5.63 -4.06
C ILE C 206 36.68 -6.73 -5.03
N THR C 207 35.86 -7.77 -5.13
CA THR C 207 36.07 -8.78 -6.13
C THR C 207 34.84 -8.84 -7.00
N CYS C 208 35.03 -8.77 -8.32
CA CYS C 208 33.94 -8.88 -9.29
C CYS C 208 34.13 -10.11 -10.16
N VAL C 209 33.05 -10.86 -10.37
CA VAL C 209 33.07 -11.97 -11.32
C VAL C 209 32.04 -11.64 -12.40
N CYS C 210 32.44 -11.73 -13.66
CA CYS C 210 31.63 -11.13 -14.72
C CYS C 210 31.30 -12.08 -15.85
N ARG C 211 30.90 -11.51 -16.99
CA ARG C 211 30.46 -12.28 -18.15
C ARG C 211 31.33 -11.91 -19.33
N ASP C 212 32.02 -12.87 -19.93
CA ASP C 212 32.77 -12.65 -21.17
C ASP C 212 31.79 -13.02 -22.29
N ASN C 213 31.32 -12.02 -23.03
CA ASN C 213 30.34 -12.26 -24.08
C ASN C 213 31.01 -12.45 -25.45
N TRP C 214 32.32 -12.23 -25.47
CA TRP C 214 33.12 -12.25 -26.69
C TRP C 214 33.64 -13.66 -26.97
N HIS C 215 34.39 -14.23 -26.04
CA HIS C 215 35.08 -15.48 -26.34
C HIS C 215 35.55 -16.28 -25.13
N GLY C 216 34.75 -16.25 -24.06
CA GLY C 216 35.04 -17.03 -22.87
C GLY C 216 33.82 -17.73 -22.33
N SER C 217 33.92 -19.05 -22.12
CA SER C 217 32.85 -19.79 -21.45
C SER C 217 33.15 -20.03 -19.97
N ASN C 218 34.33 -19.61 -19.53
CA ASN C 218 34.60 -19.41 -18.10
C ASN C 218 34.43 -17.92 -17.80
N ARG C 219 34.41 -17.54 -16.53
CA ARG C 219 34.13 -16.14 -16.16
C ARG C 219 35.40 -15.35 -15.87
N PRO C 220 35.48 -14.12 -16.39
CA PRO C 220 36.56 -13.21 -16.05
C PRO C 220 36.32 -12.61 -14.68
N TRP C 221 37.39 -12.21 -14.00
CA TRP C 221 37.25 -11.51 -12.74
C TRP C 221 38.19 -10.32 -12.68
N VAL C 222 37.84 -9.37 -11.83
CA VAL C 222 38.72 -8.27 -11.50
C VAL C 222 38.58 -8.00 -10.00
N SER C 223 39.70 -7.81 -9.33
CA SER C 223 39.64 -7.40 -7.94
C SER C 223 40.46 -6.12 -7.75
N PHE C 224 40.05 -5.29 -6.79
CA PHE C 224 40.73 -4.03 -6.62
C PHE C 224 40.58 -3.49 -5.20
N ASN C 225 41.49 -2.59 -4.83
CA ASN C 225 41.42 -1.97 -3.53
C ASN C 225 40.74 -0.62 -3.64
N GLN C 226 40.60 0.09 -2.53
CA GLN C 226 39.87 1.35 -2.53
C GLN C 226 40.51 2.40 -3.44
N ASN C 227 41.80 2.25 -3.71
CA ASN C 227 42.50 3.19 -4.60
C ASN C 227 42.38 2.81 -6.07
N LEU C 228 41.61 1.77 -6.35
CA LEU C 228 41.38 1.27 -7.72
C LEU C 228 42.63 0.67 -8.38
N GLU C 229 43.62 0.28 -7.58
CA GLU C 229 44.68 -0.59 -8.07
C GLU C 229 44.07 -1.97 -8.22
N TYR C 230 44.24 -2.61 -9.38
CA TYR C 230 43.44 -3.78 -9.73
C TYR C 230 44.27 -4.93 -10.29
N GLN C 231 43.72 -6.14 -10.19
CA GLN C 231 44.27 -7.34 -10.82
C GLN C 231 43.16 -7.99 -11.61
N ILE C 232 43.53 -8.70 -12.68
CA ILE C 232 42.56 -9.36 -13.53
C ILE C 232 42.90 -10.83 -13.77
N GLY C 233 41.90 -11.63 -14.09
CA GLY C 233 42.11 -13.02 -14.42
C GLY C 233 40.82 -13.66 -14.91
N TYR C 234 40.86 -14.98 -15.16
CA TYR C 234 39.69 -15.77 -15.42
C TYR C 234 39.64 -16.88 -14.39
N ILE C 235 38.44 -17.33 -14.04
CA ILE C 235 38.31 -18.46 -13.14
C ILE C 235 38.86 -19.70 -13.84
N CYS C 236 39.85 -20.34 -13.21
CA CYS C 236 40.61 -21.42 -13.86
C CYS C 236 39.89 -22.75 -13.92
N SER C 237 38.94 -22.97 -13.03
CA SER C 237 38.25 -24.25 -12.93
C SER C 237 37.72 -24.78 -14.26
N GLY C 238 37.88 -26.08 -14.48
CA GLY C 238 37.29 -26.76 -15.62
C GLY C 238 35.79 -26.95 -15.48
N ILE C 239 35.26 -26.55 -14.31
CA ILE C 239 33.81 -26.45 -14.10
C ILE C 239 33.37 -25.09 -14.64
N PHE C 240 33.12 -25.02 -15.93
CA PHE C 240 32.90 -23.73 -16.59
C PHE C 240 31.62 -23.06 -16.13
N GLY C 241 31.69 -21.76 -15.90
CA GLY C 241 30.59 -21.05 -15.27
C GLY C 241 29.61 -20.33 -16.18
N ASP C 242 29.98 -20.08 -17.42
CA ASP C 242 29.10 -19.31 -18.32
C ASP C 242 28.03 -20.21 -18.94
N ASN C 243 27.08 -19.60 -19.62
CA ASN C 243 26.13 -20.31 -20.46
C ASN C 243 25.93 -19.48 -21.73
N PRO C 244 26.22 -20.05 -22.92
CA PRO C 244 26.62 -21.44 -23.16
C PRO C 244 28.06 -21.73 -22.77
N ARG C 245 28.44 -22.99 -22.86
CA ARG C 245 29.75 -23.44 -22.45
C ARG C 245 29.91 -24.85 -22.99
N PRO C 246 31.14 -25.39 -22.94
CA PRO C 246 31.33 -26.81 -23.28
C PRO C 246 31.01 -27.71 -22.09
N ASN C 247 30.96 -29.02 -22.31
CA ASN C 247 30.96 -29.94 -21.19
C ASN C 247 32.25 -29.74 -20.41
N ASP C 248 32.22 -30.01 -19.10
CA ASP C 248 33.38 -29.78 -18.26
C ASP C 248 34.60 -30.56 -18.76
N LYS C 249 35.76 -29.92 -18.72
CA LYS C 249 37.01 -30.56 -19.12
C LYS C 249 38.10 -29.74 -18.44
N THR C 250 39.35 -29.90 -18.85
CA THR C 250 40.42 -29.08 -18.28
C THR C 250 40.21 -27.60 -18.59
N GLY C 251 40.28 -26.76 -17.56
CA GLY C 251 39.97 -25.35 -17.68
C GLY C 251 41.12 -24.52 -18.19
N SER C 252 40.95 -23.20 -18.16
CA SER C 252 41.99 -22.28 -18.59
C SER C 252 42.06 -21.11 -17.65
N CYS C 253 43.26 -20.54 -17.51
CA CYS C 253 43.45 -19.33 -16.73
C CYS C 253 43.23 -18.09 -17.60
N GLY C 254 42.94 -18.33 -18.88
CA GLY C 254 42.51 -17.29 -19.80
C GLY C 254 41.11 -17.61 -20.30
N PRO C 255 40.59 -16.82 -21.27
CA PRO C 255 39.24 -17.11 -21.76
C PRO C 255 39.16 -18.42 -22.54
N VAL C 256 38.16 -19.23 -22.19
CA VAL C 256 37.97 -20.53 -22.82
C VAL C 256 37.16 -20.26 -24.08
N SER C 257 37.78 -20.38 -25.24
CA SER C 257 37.11 -19.95 -26.46
C SER C 257 35.98 -20.88 -26.91
N SER C 258 36.08 -22.16 -26.55
CA SER C 258 35.04 -23.14 -26.90
C SER C 258 33.69 -22.71 -26.37
N ASN C 259 32.75 -22.50 -27.29
CA ASN C 259 31.42 -22.02 -26.95
C ASN C 259 31.44 -20.71 -26.15
N GLY C 260 32.47 -19.90 -26.36
CA GLY C 260 32.70 -18.72 -25.55
C GLY C 260 31.89 -17.51 -25.95
N ALA C 261 31.45 -17.46 -27.20
CA ALA C 261 30.61 -16.34 -27.63
C ALA C 261 29.29 -16.35 -26.85
N ASN C 262 28.74 -15.16 -26.64
CA ASN C 262 27.51 -14.97 -25.87
C ASN C 262 27.71 -15.36 -24.41
N GLY C 263 26.63 -15.51 -23.65
CA GLY C 263 26.79 -15.68 -22.22
C GLY C 263 25.54 -15.40 -21.41
N VAL C 264 25.71 -15.41 -20.09
CA VAL C 264 24.64 -15.04 -19.17
C VAL C 264 25.30 -14.36 -17.96
N LYS C 265 24.64 -13.37 -17.37
CA LYS C 265 25.17 -12.79 -16.13
C LYS C 265 25.24 -13.88 -15.06
N GLY C 266 26.34 -13.91 -14.33
CA GLY C 266 26.53 -14.88 -13.27
C GLY C 266 27.45 -14.33 -12.19
N PHE C 267 27.86 -15.19 -11.26
CA PHE C 267 28.67 -14.75 -10.13
C PHE C 267 29.49 -15.94 -9.64
N SER C 268 30.41 -15.67 -8.73
CA SER C 268 31.12 -16.72 -8.01
C SER C 268 31.72 -16.04 -6.79
N PHE C 269 32.00 -16.82 -5.74
CA PHE C 269 32.63 -16.31 -4.53
C PHE C 269 33.97 -16.97 -4.31
N LYS C 270 35.00 -16.16 -4.19
CA LYS C 270 36.37 -16.65 -4.00
C LYS C 270 36.69 -16.88 -2.54
N TYR C 271 37.28 -18.04 -2.24
CA TYR C 271 37.76 -18.32 -0.90
C TYR C 271 39.15 -18.92 -1.01
N GLY C 272 40.18 -18.08 -0.89
CA GLY C 272 41.54 -18.55 -1.11
C GLY C 272 41.69 -19.01 -2.54
N ASN C 273 42.18 -20.24 -2.72
CA ASN C 273 42.27 -20.82 -4.05
C ASN C 273 40.96 -21.49 -4.48
N GLY C 274 40.00 -21.54 -3.57
CA GLY C 274 38.73 -22.21 -3.84
C GLY C 274 37.66 -21.27 -4.35
N VAL C 275 36.57 -21.84 -4.85
CA VAL C 275 35.49 -21.02 -5.38
C VAL C 275 34.12 -21.70 -5.27
N TRP C 276 33.11 -20.95 -4.85
CA TRP C 276 31.73 -21.37 -4.97
C TRP C 276 31.23 -20.83 -6.32
N ILE C 277 30.85 -21.74 -7.21
CA ILE C 277 30.40 -21.38 -8.55
C ILE C 277 28.89 -21.60 -8.65
N GLY C 278 28.14 -20.59 -9.07
CA GLY C 278 26.74 -20.80 -9.43
C GLY C 278 26.65 -20.85 -10.94
N ARG C 279 25.90 -21.80 -11.48
CA ARG C 279 25.78 -21.87 -12.94
C ARG C 279 24.49 -22.57 -13.36
N THR C 280 24.09 -22.39 -14.61
CA THR C 280 22.96 -23.15 -15.14
C THR C 280 23.31 -24.63 -15.16
N LYS C 281 22.30 -25.48 -15.27
CA LYS C 281 22.56 -26.91 -15.45
C LYS C 281 22.82 -27.29 -16.90
N SER C 282 22.08 -26.68 -17.82
CA SER C 282 22.24 -26.95 -19.24
C SER C 282 23.50 -26.22 -19.74
N ILE C 283 24.24 -26.84 -20.66
CA ILE C 283 25.41 -26.17 -21.22
C ILE C 283 25.03 -25.26 -22.39
N SER C 284 23.81 -25.40 -22.89
CA SER C 284 23.41 -24.74 -24.14
C SER C 284 22.29 -23.71 -24.00
N SER C 285 21.48 -23.81 -22.95
CA SER C 285 20.42 -22.83 -22.76
C SER C 285 20.26 -22.48 -21.29
N ARG C 286 19.44 -21.48 -21.02
CA ARG C 286 19.29 -20.98 -19.66
C ARG C 286 18.28 -21.84 -18.90
N ASN C 287 18.74 -23.05 -18.55
CA ASN C 287 17.90 -24.03 -17.85
C ASN C 287 18.62 -24.60 -16.66
N GLY C 288 17.92 -24.67 -15.54
CA GLY C 288 18.47 -25.24 -14.33
C GLY C 288 19.45 -24.31 -13.65
N PHE C 289 19.78 -24.62 -12.41
CA PHE C 289 20.79 -23.85 -11.68
C PHE C 289 21.33 -24.72 -10.54
N GLU C 290 22.62 -24.57 -10.27
CA GLU C 290 23.28 -25.37 -9.25
C GLU C 290 24.44 -24.56 -8.64
N MET C 291 24.80 -24.87 -7.40
CA MET C 291 25.95 -24.26 -6.75
C MET C 291 26.98 -25.36 -6.58
N ILE C 292 28.23 -25.06 -6.92
CA ILE C 292 29.31 -26.04 -6.84
C ILE C 292 30.50 -25.47 -6.06
N TRP C 293 31.00 -26.23 -5.10
CA TRP C 293 32.21 -25.84 -4.38
C TRP C 293 33.41 -26.57 -4.98
N ASP C 294 34.36 -25.80 -5.49
CA ASP C 294 35.58 -26.35 -6.06
C ASP C 294 36.75 -25.79 -5.26
N PRO C 295 37.36 -26.62 -4.39
CA PRO C 295 38.38 -26.22 -3.41
C PRO C 295 39.64 -25.62 -4.02
N ASN C 296 39.90 -25.85 -5.31
CA ASN C 296 41.04 -25.22 -5.95
C ASN C 296 40.70 -24.60 -7.30
N GLY C 297 39.44 -24.24 -7.46
CA GLY C 297 38.96 -23.78 -8.76
C GLY C 297 39.26 -22.34 -9.11
N TRP C 298 39.68 -21.53 -8.15
CA TRP C 298 40.02 -20.16 -8.52
C TRP C 298 41.27 -20.16 -9.40
N THR C 299 42.24 -20.98 -9.02
CA THR C 299 43.55 -20.97 -9.68
C THR C 299 43.95 -22.29 -10.36
N GLY C 300 43.18 -23.35 -10.12
CA GLY C 300 43.53 -24.66 -10.68
C GLY C 300 42.58 -25.02 -11.82
N THR C 301 43.12 -25.69 -12.83
CA THR C 301 42.34 -26.02 -14.04
C THR C 301 41.61 -27.38 -14.05
N ASP C 302 41.71 -28.18 -13.00
CA ASP C 302 40.99 -29.46 -13.06
C ASP C 302 39.47 -29.25 -12.96
N ASN C 303 38.68 -30.27 -13.28
CA ASN C 303 37.22 -30.13 -13.21
C ASN C 303 36.58 -30.96 -12.08
N ASN C 304 37.42 -31.38 -11.13
CA ASN C 304 36.97 -32.10 -9.92
C ASN C 304 36.33 -31.18 -8.91
N PHE C 305 35.26 -31.63 -8.24
CA PHE C 305 34.66 -30.79 -7.20
C PHE C 305 34.09 -31.52 -5.98
N SER C 306 33.89 -30.77 -4.90
CA SER C 306 33.52 -31.38 -3.62
C SER C 306 32.01 -31.49 -3.39
N ILE C 307 31.31 -30.38 -3.60
CA ILE C 307 29.91 -30.28 -3.23
C ILE C 307 29.12 -29.77 -4.41
N LYS C 308 27.93 -30.31 -4.63
CA LYS C 308 26.97 -29.67 -5.53
C LYS C 308 25.62 -29.55 -4.84
N GLN C 309 25.00 -28.39 -4.92
CA GLN C 309 23.64 -28.22 -4.41
C GLN C 309 22.70 -27.77 -5.53
N ASP C 310 21.63 -28.53 -5.77
CA ASP C 310 20.63 -28.18 -6.78
C ASP C 310 19.79 -26.99 -6.35
N ILE C 311 19.47 -26.13 -7.30
CA ILE C 311 18.69 -24.93 -7.02
C ILE C 311 17.47 -24.90 -7.92
N VAL C 312 17.68 -25.18 -9.20
CA VAL C 312 16.58 -25.28 -10.17
C VAL C 312 16.87 -26.49 -11.05
N GLY C 313 15.85 -27.32 -11.28
CA GLY C 313 16.03 -28.53 -12.07
C GLY C 313 16.36 -28.23 -13.52
N ILE C 314 17.07 -29.15 -14.18
CA ILE C 314 17.53 -28.92 -15.55
C ILE C 314 16.38 -28.72 -16.55
N ASN C 315 15.20 -29.26 -16.26
CA ASN C 315 14.07 -29.05 -17.16
C ASN C 315 13.24 -27.80 -16.83
N GLU C 316 13.78 -26.90 -16.01
CA GLU C 316 13.09 -25.65 -15.69
C GLU C 316 13.92 -24.45 -16.13
N TRP C 317 13.25 -23.35 -16.44
CA TRP C 317 13.93 -22.15 -16.92
C TRP C 317 14.68 -21.44 -15.80
N SER C 318 15.89 -20.97 -16.09
CA SER C 318 16.61 -20.10 -15.18
C SER C 318 16.95 -18.80 -15.93
N GLY C 319 18.15 -18.28 -15.73
CA GLY C 319 18.47 -17.01 -16.33
C GLY C 319 19.64 -16.36 -15.63
N TYR C 320 19.61 -15.03 -15.51
CA TYR C 320 20.65 -14.30 -14.78
C TYR C 320 20.78 -14.75 -13.34
N SER C 321 21.97 -14.57 -12.78
CA SER C 321 22.17 -14.72 -11.34
C SER C 321 23.20 -13.71 -10.90
N GLY C 322 23.23 -13.43 -9.60
CA GLY C 322 24.12 -12.40 -9.12
C GLY C 322 24.35 -12.54 -7.64
N SER C 323 25.44 -11.97 -7.17
CA SER C 323 25.73 -11.99 -5.75
C SER C 323 25.06 -10.81 -5.03
N PHE C 324 24.78 -11.01 -3.76
CA PHE C 324 24.58 -9.87 -2.86
C PHE C 324 25.11 -10.25 -1.51
N VAL C 325 25.44 -9.26 -0.69
CA VAL C 325 25.96 -9.60 0.63
C VAL C 325 25.08 -9.01 1.72
N GLN C 326 25.18 -9.59 2.91
CA GLN C 326 24.61 -8.95 4.09
C GLN C 326 25.78 -8.64 5.05
N HIS C 327 25.96 -7.35 5.33
CA HIS C 327 27.06 -6.90 6.18
C HIS C 327 26.75 -7.14 7.66
N PRO C 328 27.80 -7.19 8.50
CA PRO C 328 27.66 -7.30 9.96
C PRO C 328 26.72 -6.25 10.56
N GLU C 329 26.73 -5.04 10.00
CA GLU C 329 25.84 -3.97 10.48
C GLU C 329 24.36 -4.37 10.39
N LEU C 330 24.03 -5.25 9.46
CA LEU C 330 22.66 -5.78 9.32
C LEU C 330 22.44 -7.05 10.13
N THR C 331 23.42 -7.97 10.11
CA THR C 331 23.24 -9.32 10.64
C THR C 331 23.70 -9.50 12.08
N GLY C 332 24.65 -8.69 12.53
CA GLY C 332 25.27 -8.88 13.83
C GLY C 332 26.33 -9.98 13.83
N LEU C 333 26.68 -10.49 12.66
CA LEU C 333 27.73 -11.51 12.53
C LEU C 333 29.10 -10.82 12.50
N ASP C 334 30.17 -11.59 12.60
CA ASP C 334 31.51 -10.99 12.57
C ASP C 334 32.15 -11.06 11.19
N CYS C 335 31.34 -11.37 10.19
CA CYS C 335 31.85 -11.52 8.83
C CYS C 335 30.79 -11.06 7.83
N ILE C 336 31.18 -10.94 6.58
CA ILE C 336 30.25 -10.56 5.51
C ILE C 336 29.60 -11.81 4.93
N ARG C 337 28.27 -11.89 4.99
CA ARG C 337 27.57 -13.09 4.54
C ARG C 337 27.29 -13.05 3.05
N PRO C 338 27.73 -14.09 2.31
CA PRO C 338 27.42 -14.14 0.87
C PRO C 338 26.03 -14.69 0.63
N CYS C 339 25.32 -14.10 -0.32
CA CYS C 339 24.01 -14.57 -0.73
C CYS C 339 23.98 -14.48 -2.25
N PHE C 340 22.95 -15.05 -2.87
CA PHE C 340 22.79 -14.88 -4.32
C PHE C 340 21.31 -14.94 -4.70
N TRP C 341 21.00 -14.41 -5.88
CA TRP C 341 19.66 -14.48 -6.43
C TRP C 341 19.74 -15.14 -7.80
N VAL C 342 18.62 -15.65 -8.29
CA VAL C 342 18.53 -16.20 -9.64
C VAL C 342 17.27 -15.66 -10.28
N GLU C 343 17.41 -15.18 -11.51
CA GLU C 343 16.29 -14.70 -12.30
C GLU C 343 15.76 -15.89 -13.11
N LEU C 344 14.44 -16.10 -13.06
CA LEU C 344 13.85 -17.22 -13.77
C LEU C 344 13.08 -16.64 -14.95
N ILE C 345 13.67 -16.71 -16.13
CA ILE C 345 13.15 -16.00 -17.29
C ILE C 345 12.05 -16.78 -17.98
N ARG C 346 10.90 -16.14 -18.19
CA ARG C 346 9.81 -16.78 -18.92
C ARG C 346 9.48 -16.01 -20.19
N GLY C 347 8.95 -16.70 -21.20
CA GLY C 347 8.54 -16.04 -22.42
C GLY C 347 9.56 -16.15 -23.54
N ARG C 348 9.70 -15.08 -24.33
CA ARG C 348 10.61 -15.10 -25.47
C ARG C 348 12.07 -15.10 -24.98
N PRO C 349 13.00 -15.69 -25.76
CA PRO C 349 12.76 -16.30 -27.08
C PRO C 349 12.38 -17.78 -27.04
N LYS C 350 12.31 -18.39 -25.86
CA LYS C 350 12.18 -19.86 -25.80
C LYS C 350 10.73 -20.35 -25.80
N GLU C 351 9.80 -19.47 -25.47
CA GLU C 351 8.40 -19.87 -25.36
C GLU C 351 7.52 -19.05 -26.30
N ASN C 352 6.33 -19.57 -26.61
CA ASN C 352 5.47 -18.97 -27.63
C ASN C 352 4.58 -17.87 -27.06
N THR C 353 5.19 -16.75 -26.70
CA THR C 353 4.48 -15.64 -26.11
C THR C 353 4.85 -14.37 -26.84
N ILE C 354 4.20 -13.26 -26.48
CA ILE C 354 4.56 -11.99 -27.10
C ILE C 354 5.51 -11.23 -26.19
N TRP C 355 5.72 -11.75 -24.97
CA TRP C 355 6.40 -11.02 -23.90
C TRP C 355 7.56 -11.82 -23.31
N THR C 356 8.41 -11.13 -22.56
CA THR C 356 9.46 -11.77 -21.77
C THR C 356 9.45 -11.14 -20.39
N SER C 357 9.47 -11.96 -19.33
CA SER C 357 9.53 -11.43 -17.96
C SER C 357 10.22 -12.47 -17.09
N GLY C 358 10.58 -12.09 -15.87
CA GLY C 358 11.19 -13.05 -14.98
C GLY C 358 10.58 -12.98 -13.60
N SER C 359 10.75 -14.04 -12.82
CA SER C 359 10.52 -13.98 -11.38
C SER C 359 11.87 -14.27 -10.73
N SER C 360 11.93 -14.31 -9.41
CA SER C 360 13.23 -14.49 -8.77
C SER C 360 13.16 -15.38 -7.54
N ILE C 361 14.30 -15.99 -7.25
CA ILE C 361 14.53 -16.68 -5.99
C ILE C 361 15.85 -16.17 -5.44
N SER C 362 16.05 -16.32 -4.13
CA SER C 362 17.34 -15.98 -3.55
C SER C 362 17.68 -16.88 -2.37
N PHE C 363 18.96 -16.95 -2.05
CA PHE C 363 19.50 -17.87 -1.06
C PHE C 363 20.61 -17.15 -0.32
N CYS C 364 20.84 -17.55 0.93
CA CYS C 364 21.98 -17.04 1.69
C CYS C 364 22.84 -18.19 2.17
N GLY C 365 24.15 -17.97 2.20
CA GLY C 365 25.09 -18.99 2.61
C GLY C 365 25.10 -19.17 4.11
N VAL C 366 25.13 -20.42 4.56
CA VAL C 366 25.15 -20.76 5.97
C VAL C 366 26.15 -21.88 6.22
N ASN C 367 26.43 -22.15 7.50
CA ASN C 367 27.19 -23.34 7.87
C ASN C 367 26.37 -24.44 8.52
N SER C 368 25.07 -24.24 8.61
CA SER C 368 24.22 -25.28 9.16
C SER C 368 23.70 -26.13 7.99
N ASP C 369 22.79 -27.05 8.28
CA ASP C 369 22.36 -27.99 7.25
C ASP C 369 21.50 -27.34 6.18
N THR C 370 21.65 -27.79 4.94
CA THR C 370 20.87 -27.27 3.83
C THR C 370 20.48 -28.43 2.91
N VAL C 371 19.75 -28.11 1.85
CA VAL C 371 19.29 -29.16 0.95
C VAL C 371 19.12 -28.62 -0.47
N GLY C 372 19.46 -29.43 -1.46
CA GLY C 372 19.15 -29.09 -2.83
C GLY C 372 17.71 -29.45 -3.18
N TRP C 373 17.11 -28.67 -4.06
CA TRP C 373 15.78 -28.98 -4.57
C TRP C 373 15.65 -28.24 -5.87
N SER C 374 14.43 -28.07 -6.35
CA SER C 374 14.18 -27.23 -7.49
C SER C 374 13.08 -26.25 -7.11
N TRP C 375 13.40 -24.96 -7.14
CA TRP C 375 12.40 -23.93 -6.89
C TRP C 375 12.21 -23.10 -8.17
N PRO C 376 11.45 -23.63 -9.13
CA PRO C 376 11.31 -22.99 -10.44
C PRO C 376 10.22 -21.91 -10.48
N ASP C 377 10.09 -21.25 -11.63
CA ASP C 377 9.12 -20.18 -11.76
C ASP C 377 7.68 -20.65 -11.55
N GLY C 378 7.30 -21.73 -12.21
CA GLY C 378 5.99 -22.33 -12.02
C GLY C 378 4.81 -21.76 -12.82
N ALA C 379 5.05 -20.76 -13.65
CA ALA C 379 3.93 -20.22 -14.44
C ALA C 379 3.58 -21.17 -15.56
N GLU C 380 2.30 -21.18 -15.94
CA GLU C 380 1.86 -22.00 -17.06
C GLU C 380 1.64 -21.09 -18.26
N LEU C 381 2.52 -21.22 -19.25
CA LEU C 381 2.48 -20.42 -20.47
C LEU C 381 1.87 -21.23 -21.61
N PRO C 382 1.27 -20.56 -22.61
CA PRO C 382 1.17 -19.11 -22.75
C PRO C 382 0.03 -18.52 -21.91
N PHE C 383 -0.01 -17.20 -21.84
CA PHE C 383 -1.01 -16.50 -21.03
C PHE C 383 -2.12 -16.05 -21.94
N THR C 384 -3.19 -15.51 -21.34
CA THR C 384 -4.35 -15.04 -22.08
C THR C 384 -3.97 -14.05 -23.19
N ILE C 385 -3.05 -13.16 -22.89
CA ILE C 385 -2.69 -12.11 -23.85
C ILE C 385 -2.03 -12.69 -25.10
N ASP C 386 -1.56 -13.93 -24.99
CA ASP C 386 -0.81 -14.57 -26.09
C ASP C 386 -1.71 -15.29 -27.08
N LYS C 387 -2.99 -15.35 -26.80
CA LYS C 387 -3.93 -16.03 -27.70
C LYS C 387 -4.61 -15.05 -28.64
N VAL D 1 10.71 -4.30 24.64
CA VAL D 1 11.02 -5.14 25.80
C VAL D 1 10.49 -6.56 25.63
N LYS D 2 11.30 -7.54 26.05
CA LYS D 2 10.92 -8.95 25.98
C LYS D 2 9.59 -9.18 26.65
N LEU D 3 8.74 -9.99 26.04
CA LEU D 3 7.54 -10.47 26.70
C LEU D 3 7.94 -11.32 27.91
N ALA D 4 7.42 -10.97 29.08
CA ALA D 4 7.74 -11.69 30.31
C ALA D 4 7.19 -13.11 30.25
N GLY D 5 5.90 -13.24 29.91
CA GLY D 5 5.27 -14.54 29.81
C GLY D 5 5.13 -15.25 31.15
N ASN D 6 5.20 -14.50 32.24
CA ASN D 6 5.18 -15.13 33.56
C ASN D 6 3.84 -15.04 34.28
N SER D 7 2.88 -14.32 33.70
CA SER D 7 1.56 -14.26 34.35
C SER D 7 0.73 -15.47 33.94
N SER D 8 -0.41 -15.65 34.57
CA SER D 8 -1.25 -16.79 34.27
C SER D 8 -2.22 -16.47 33.14
N LEU D 9 -2.77 -17.51 32.53
CA LEU D 9 -3.78 -17.36 31.50
C LEU D 9 -5.05 -16.79 32.15
N CYS D 10 -5.63 -15.75 31.55
CA CYS D 10 -6.87 -15.14 32.07
C CYS D 10 -8.00 -16.15 31.98
N PRO D 11 -8.70 -16.41 33.11
CA PRO D 11 -9.91 -17.24 33.01
C PRO D 11 -10.98 -16.47 32.23
N VAL D 12 -11.68 -17.16 31.34
CA VAL D 12 -12.70 -16.52 30.52
C VAL D 12 -13.96 -17.39 30.46
N SER D 13 -15.12 -16.75 30.36
CA SER D 13 -16.38 -17.47 30.33
C SER D 13 -17.01 -17.50 28.93
N GLY D 14 -16.40 -16.80 27.98
CA GLY D 14 -16.99 -16.71 26.66
C GLY D 14 -16.03 -16.10 25.65
N TRP D 15 -16.45 -16.10 24.38
CA TRP D 15 -15.54 -15.73 23.30
C TRP D 15 -16.18 -14.64 22.43
N ALA D 16 -15.52 -13.50 22.30
CA ALA D 16 -16.07 -12.36 21.55
C ALA D 16 -15.44 -12.32 20.17
N ILE D 17 -16.23 -12.06 19.13
CA ILE D 17 -15.66 -12.05 17.79
C ILE D 17 -14.65 -10.92 17.61
N TYR D 18 -13.50 -11.27 17.06
CA TYR D 18 -12.38 -10.34 17.00
C TYR D 18 -12.09 -9.91 15.56
N SER D 19 -12.10 -10.86 14.62
CA SER D 19 -11.83 -10.53 13.22
C SER D 19 -12.50 -11.48 12.25
N LYS D 20 -12.74 -10.99 11.04
CA LYS D 20 -13.18 -11.82 9.93
C LYS D 20 -12.65 -11.17 8.65
N ASP D 21 -11.96 -11.94 7.81
CA ASP D 21 -11.34 -11.31 6.63
C ASP D 21 -12.17 -11.39 5.33
N ASN D 22 -13.12 -12.33 5.25
CA ASN D 22 -13.91 -12.50 4.02
C ASN D 22 -13.03 -12.74 2.77
N SER D 23 -11.87 -13.37 2.97
CA SER D 23 -10.87 -13.50 1.89
C SER D 23 -11.39 -14.11 0.58
N VAL D 24 -12.13 -15.20 0.70
CA VAL D 24 -12.58 -15.90 -0.49
C VAL D 24 -13.68 -15.12 -1.22
N ARG D 25 -14.62 -14.54 -0.46
CA ARG D 25 -15.60 -13.63 -1.07
C ARG D 25 -14.95 -12.49 -1.85
N ILE D 26 -13.95 -11.87 -1.23
CA ILE D 26 -13.27 -10.73 -1.87
C ILE D 26 -12.40 -11.16 -3.06
N GLY D 27 -11.79 -12.34 -2.93
CA GLY D 27 -10.91 -12.86 -3.97
C GLY D 27 -11.62 -13.26 -5.25
N SER D 28 -12.94 -13.31 -5.20
CA SER D 28 -13.73 -13.57 -6.40
C SER D 28 -13.41 -12.54 -7.49
N LYS D 29 -13.12 -11.31 -7.07
CA LYS D 29 -12.69 -10.27 -8.01
C LYS D 29 -11.31 -9.73 -7.67
N GLY D 30 -11.04 -9.51 -6.39
CA GLY D 30 -9.83 -8.85 -5.97
C GLY D 30 -8.63 -9.76 -6.06
N ASP D 31 -7.44 -9.20 -5.90
CA ASP D 31 -6.20 -9.96 -6.03
C ASP D 31 -5.82 -10.52 -4.65
N VAL D 32 -6.28 -11.73 -4.38
CA VAL D 32 -6.17 -12.32 -3.05
C VAL D 32 -5.46 -13.66 -3.21
N PHE D 33 -4.43 -13.92 -2.40
CA PHE D 33 -3.72 -15.19 -2.48
C PHE D 33 -4.64 -16.39 -2.22
N VAL D 34 -4.40 -17.48 -2.94
CA VAL D 34 -4.87 -18.78 -2.52
C VAL D 34 -4.02 -19.15 -1.32
N ILE D 35 -4.65 -19.48 -0.21
CA ILE D 35 -3.89 -19.83 0.99
C ILE D 35 -4.51 -21.03 1.71
N ARG D 36 -3.74 -21.60 2.63
CA ARG D 36 -4.30 -22.45 3.66
C ARG D 36 -3.38 -22.33 4.86
N GLU D 37 -3.73 -23.01 5.94
CA GLU D 37 -2.93 -22.99 7.16
C GLU D 37 -2.66 -21.57 7.67
N PRO D 38 -3.71 -20.74 7.81
CA PRO D 38 -3.44 -19.41 8.36
C PRO D 38 -3.31 -19.51 9.86
N PHE D 39 -2.70 -18.50 10.47
CA PHE D 39 -2.69 -18.41 11.92
C PHE D 39 -2.42 -16.99 12.34
N ILE D 40 -2.71 -16.69 13.60
CA ILE D 40 -2.52 -15.34 14.10
C ILE D 40 -1.42 -15.32 15.15
N SER D 41 -0.63 -14.25 15.16
CA SER D 41 0.37 -14.05 16.19
C SER D 41 0.51 -12.54 16.43
N CYS D 42 0.81 -12.18 17.67
CA CYS D 42 0.84 -10.78 18.09
C CYS D 42 2.22 -10.37 18.60
N SER D 43 2.50 -9.07 18.51
CA SER D 43 3.70 -8.49 19.09
C SER D 43 3.20 -7.58 20.22
N PRO D 44 4.09 -6.84 20.89
CA PRO D 44 3.54 -5.87 21.86
C PRO D 44 2.77 -4.72 21.21
N LEU D 45 2.84 -4.62 19.89
CA LEU D 45 2.23 -3.50 19.17
C LEU D 45 1.07 -3.91 18.24
N GLU D 46 1.15 -5.09 17.63
CA GLU D 46 0.15 -5.43 16.63
C GLU D 46 -0.07 -6.93 16.49
N CYS D 47 -1.24 -7.31 16.01
CA CYS D 47 -1.53 -8.70 15.69
C CYS D 47 -1.54 -8.89 14.17
N ARG D 48 -0.91 -9.96 13.70
CA ARG D 48 -0.81 -10.23 12.28
C ARG D 48 -1.35 -11.61 11.96
N THR D 49 -1.90 -11.75 10.78
CA THR D 49 -2.28 -13.07 10.27
C THR D 49 -1.15 -13.58 9.41
N PHE D 50 -0.67 -14.79 9.69
CA PHE D 50 0.33 -15.46 8.87
C PHE D 50 -0.38 -16.52 8.05
N PHE D 51 0.19 -16.92 6.93
CA PHE D 51 -0.48 -17.89 6.06
C PHE D 51 0.48 -18.48 5.05
N LEU D 52 0.17 -19.68 4.58
CA LEU D 52 0.96 -20.28 3.52
C LEU D 52 0.26 -20.08 2.18
N THR D 53 0.83 -19.23 1.33
CA THR D 53 0.27 -19.04 0.00
C THR D 53 0.56 -20.26 -0.88
N GLN D 54 -0.13 -20.33 -2.02
CA GLN D 54 0.19 -21.30 -3.06
C GLN D 54 0.90 -20.62 -4.23
N GLY D 55 1.35 -19.39 -4.02
CA GLY D 55 2.04 -18.67 -5.09
C GLY D 55 1.11 -18.39 -6.26
N ALA D 56 -0.16 -18.20 -5.94
CA ALA D 56 -1.20 -17.99 -6.94
C ALA D 56 -2.34 -17.19 -6.33
N LEU D 57 -3.15 -16.58 -7.19
CA LEU D 57 -4.32 -15.81 -6.77
C LEU D 57 -5.62 -16.57 -7.03
N LEU D 58 -6.62 -16.30 -6.21
CA LEU D 58 -7.97 -16.82 -6.42
C LEU D 58 -8.52 -16.44 -7.78
N ASN D 59 -9.28 -17.37 -8.37
CA ASN D 59 -9.95 -17.15 -9.64
C ASN D 59 -8.98 -16.96 -10.81
N ASP D 60 -7.76 -17.44 -10.65
CA ASP D 60 -6.79 -17.46 -11.73
C ASP D 60 -6.40 -18.91 -11.99
N LYS D 61 -5.98 -19.22 -13.22
CA LYS D 61 -5.62 -20.58 -13.57
C LYS D 61 -4.51 -21.21 -12.71
N HIS D 62 -3.63 -20.41 -12.12
CA HIS D 62 -2.57 -21.01 -11.31
C HIS D 62 -3.06 -21.53 -9.96
N SER D 63 -4.33 -21.28 -9.65
CA SER D 63 -4.95 -21.89 -8.47
C SER D 63 -5.31 -23.36 -8.70
N ASN D 64 -5.18 -23.81 -9.95
CA ASN D 64 -5.41 -25.21 -10.32
C ASN D 64 -4.52 -26.16 -9.52
N GLY D 65 -5.13 -27.18 -8.90
CA GLY D 65 -4.37 -28.19 -8.19
C GLY D 65 -3.93 -27.84 -6.79
N THR D 66 -4.44 -26.74 -6.24
CA THR D 66 -3.98 -26.25 -4.94
C THR D 66 -4.44 -27.09 -3.72
N ILE D 67 -5.09 -28.21 -3.98
CA ILE D 67 -5.29 -29.20 -2.92
C ILE D 67 -3.92 -29.76 -2.50
N LYS D 68 -2.93 -29.66 -3.38
CA LYS D 68 -1.59 -30.20 -3.11
C LYS D 68 -0.93 -29.45 -1.94
N ASP D 69 -0.38 -30.21 -0.99
CA ASP D 69 0.17 -29.61 0.21
C ASP D 69 1.55 -28.98 0.08
N ARG D 70 2.46 -29.66 -0.58
CA ARG D 70 3.86 -29.26 -0.55
C ARG D 70 4.38 -29.04 -1.96
N SER D 71 4.85 -27.84 -2.22
CA SER D 71 5.38 -27.48 -3.53
C SER D 71 6.39 -26.38 -3.29
N PRO D 72 7.27 -26.14 -4.28
CA PRO D 72 8.26 -25.07 -4.15
C PRO D 72 7.65 -23.68 -4.26
N TYR D 73 6.36 -23.59 -4.58
CA TYR D 73 5.76 -22.29 -4.80
C TYR D 73 5.20 -21.71 -3.51
N ARG D 74 5.04 -22.54 -2.49
CA ARG D 74 4.40 -22.07 -1.28
C ARG D 74 5.32 -21.18 -0.45
N THR D 75 4.75 -20.11 0.09
CA THR D 75 5.53 -19.15 0.84
C THR D 75 4.75 -18.72 2.07
N LEU D 76 5.47 -18.50 3.16
CA LEU D 76 4.87 -17.94 4.36
C LEU D 76 4.88 -16.42 4.20
N MET D 77 3.71 -15.79 4.32
CA MET D 77 3.59 -14.34 4.30
C MET D 77 2.70 -13.92 5.45
N SER D 78 2.60 -12.61 5.69
CA SER D 78 1.73 -12.12 6.76
C SER D 78 1.12 -10.78 6.38
N CYS D 79 -0.02 -10.47 7.00
CA CYS D 79 -0.64 -9.15 6.80
C CYS D 79 -1.34 -8.77 8.11
N PRO D 80 -1.77 -7.49 8.25
CA PRO D 80 -2.48 -7.15 9.50
C PRO D 80 -3.74 -7.98 9.67
N ILE D 81 -4.09 -8.28 10.92
CA ILE D 81 -5.26 -9.09 11.20
C ILE D 81 -6.56 -8.52 10.58
N GLY D 82 -7.38 -9.40 9.99
CA GLY D 82 -8.64 -8.98 9.41
C GLY D 82 -8.57 -8.45 7.98
N GLU D 83 -7.37 -8.29 7.44
CA GLU D 83 -7.24 -7.83 6.07
C GLU D 83 -7.09 -9.04 5.18
N VAL D 84 -7.54 -8.95 3.93
CA VAL D 84 -7.36 -10.08 3.03
C VAL D 84 -5.89 -10.22 2.67
N PRO D 85 -5.42 -11.47 2.51
CA PRO D 85 -4.03 -11.70 2.12
C PRO D 85 -3.86 -11.38 0.64
N SER D 86 -3.27 -10.23 0.33
CA SER D 86 -3.06 -9.79 -1.04
C SER D 86 -1.57 -9.56 -1.30
N PRO D 87 -1.13 -9.69 -2.55
CA PRO D 87 0.26 -9.32 -2.85
C PRO D 87 0.50 -7.83 -2.58
N TYR D 88 -0.56 -7.04 -2.43
CA TYR D 88 -0.38 -5.60 -2.21
C TYR D 88 -0.35 -5.19 -0.74
N ASN D 89 -0.68 -6.09 0.16
CA ASN D 89 -0.65 -5.73 1.58
C ASN D 89 0.11 -6.73 2.45
N SER D 90 0.70 -7.74 1.83
CA SER D 90 1.35 -8.80 2.62
C SER D 90 2.87 -8.63 2.65
N ARG D 91 3.45 -8.98 3.80
CA ARG D 91 4.88 -8.98 4.00
C ARG D 91 5.39 -10.38 3.69
N PHE D 92 6.49 -10.49 2.96
CA PHE D 92 7.05 -11.80 2.67
C PHE D 92 7.81 -12.27 3.92
N GLU D 93 7.63 -13.52 4.32
CA GLU D 93 8.38 -14.06 5.46
C GLU D 93 9.41 -15.12 5.07
N SER D 94 8.99 -16.17 4.40
CA SER D 94 9.94 -17.18 3.92
C SER D 94 9.32 -18.14 2.93
N VAL D 95 10.16 -18.96 2.32
CA VAL D 95 9.65 -19.99 1.43
C VAL D 95 9.31 -21.19 2.31
N ALA D 96 8.06 -21.67 2.25
CA ALA D 96 7.60 -22.65 3.23
C ALA D 96 6.35 -23.39 2.80
N TRP D 97 6.32 -24.69 3.05
CA TRP D 97 5.08 -25.43 3.02
C TRP D 97 4.65 -25.93 4.41
N SER D 98 5.41 -25.54 5.44
CA SER D 98 5.01 -25.75 6.83
C SER D 98 5.71 -24.64 7.61
N ALA D 99 5.06 -24.11 8.64
CA ALA D 99 5.62 -22.91 9.28
C ALA D 99 5.15 -22.65 10.70
N SER D 100 5.84 -21.72 11.35
CA SER D 100 5.46 -21.21 12.64
C SER D 100 6.03 -19.79 12.73
N ALA D 101 5.51 -18.98 13.64
CA ALA D 101 6.06 -17.64 13.85
C ALA D 101 5.63 -17.13 15.19
N CYS D 102 6.46 -16.28 15.79
CA CYS D 102 6.12 -15.61 17.05
C CYS D 102 7.05 -14.44 17.32
N HIS D 103 6.59 -13.51 18.14
CA HIS D 103 7.35 -12.31 18.45
C HIS D 103 7.81 -12.39 19.90
N ASP D 104 9.08 -12.14 20.16
CA ASP D 104 9.60 -12.27 21.52
C ASP D 104 9.51 -10.98 22.32
N GLY D 105 8.86 -9.98 21.72
CA GLY D 105 8.78 -8.66 22.34
C GLY D 105 9.74 -7.68 21.69
N ILE D 106 10.74 -8.22 20.99
CA ILE D 106 11.74 -7.39 20.32
C ILE D 106 11.64 -7.54 18.78
N ASN D 107 11.66 -8.79 18.29
CA ASN D 107 11.58 -9.04 16.86
C ASN D 107 10.77 -10.27 16.55
N TRP D 108 10.34 -10.39 15.30
CA TRP D 108 9.65 -11.59 14.81
C TRP D 108 10.63 -12.75 14.61
N LEU D 109 10.24 -13.91 15.11
CA LEU D 109 10.86 -15.16 14.68
C LEU D 109 9.95 -15.83 13.67
N THR D 110 10.51 -16.29 12.56
CA THR D 110 9.74 -17.13 11.65
C THR D 110 10.50 -18.42 11.38
N ILE D 111 9.74 -19.48 11.14
CA ILE D 111 10.28 -20.79 10.84
C ILE D 111 9.56 -21.31 9.62
N GLY D 112 10.31 -21.51 8.53
CA GLY D 112 9.70 -21.91 7.28
C GLY D 112 10.39 -23.14 6.74
N ILE D 113 9.62 -24.22 6.56
CA ILE D 113 10.16 -25.48 6.07
C ILE D 113 9.87 -25.64 4.58
N SER D 114 10.92 -25.88 3.80
CA SER D 114 10.75 -26.18 2.39
C SER D 114 11.74 -27.28 2.01
N GLY D 115 11.79 -27.66 0.73
CA GLY D 115 12.65 -28.75 0.30
C GLY D 115 11.86 -30.03 0.01
N PRO D 116 12.57 -31.09 -0.39
CA PRO D 116 11.93 -32.38 -0.72
C PRO D 116 11.42 -33.11 0.52
N ASP D 117 10.45 -34.01 0.35
CA ASP D 117 9.91 -34.76 1.47
C ASP D 117 10.97 -35.57 2.22
N ASN D 118 11.98 -36.04 1.51
CA ASN D 118 13.01 -36.88 2.13
C ASN D 118 14.19 -36.11 2.72
N GLY D 119 14.11 -34.78 2.73
CA GLY D 119 15.20 -34.01 3.29
C GLY D 119 14.90 -32.55 3.52
N ALA D 120 13.72 -32.25 4.07
CA ALA D 120 13.27 -30.86 4.17
C ALA D 120 14.10 -30.10 5.19
N VAL D 121 14.18 -28.78 5.03
CA VAL D 121 14.97 -27.93 5.91
C VAL D 121 14.14 -26.77 6.43
N ALA D 122 14.11 -26.62 7.75
CA ALA D 122 13.48 -25.47 8.38
C ALA D 122 14.46 -24.33 8.37
N VAL D 123 14.06 -23.19 7.83
CA VAL D 123 14.88 -22.00 7.90
C VAL D 123 14.32 -21.07 8.97
N LEU D 124 15.16 -20.71 9.94
CA LEU D 124 14.77 -19.80 11.00
C LEU D 124 15.26 -18.39 10.67
N LYS D 125 14.35 -17.43 10.76
CA LYS D 125 14.69 -16.01 10.56
C LYS D 125 14.33 -15.24 11.82
N TYR D 126 15.17 -14.27 12.16
CA TYR D 126 14.91 -13.37 13.27
C TYR D 126 15.06 -11.98 12.69
N ASN D 127 14.01 -11.18 12.77
CA ASN D 127 13.96 -9.90 12.08
C ASN D 127 14.27 -10.02 10.59
N GLY D 128 13.82 -11.11 9.97
CA GLY D 128 13.97 -11.32 8.54
C GLY D 128 15.34 -11.78 8.04
N ILE D 129 16.27 -11.98 8.96
CA ILE D 129 17.62 -12.46 8.64
C ILE D 129 17.75 -13.93 9.04
N ILE D 130 18.29 -14.76 8.16
CA ILE D 130 18.48 -16.17 8.47
C ILE D 130 19.47 -16.35 9.62
N THR D 131 19.00 -17.04 10.66
CA THR D 131 19.80 -17.17 11.88
C THR D 131 20.14 -18.61 12.19
N ASP D 132 19.41 -19.56 11.60
CA ASP D 132 19.67 -20.98 11.84
C ASP D 132 18.86 -21.81 10.86
N THR D 133 19.21 -23.08 10.74
CA THR D 133 18.44 -24.02 9.95
C THR D 133 18.45 -25.33 10.71
N ILE D 134 17.43 -26.16 10.50
CA ILE D 134 17.53 -27.52 10.97
C ILE D 134 16.94 -28.46 9.91
N LYS D 135 17.66 -29.55 9.64
CA LYS D 135 17.27 -30.46 8.58
C LYS D 135 16.53 -31.67 9.14
N SER D 136 15.68 -32.25 8.31
CA SER D 136 14.95 -33.48 8.60
C SER D 136 15.87 -34.53 9.22
N TRP D 137 15.47 -35.13 10.35
CA TRP D 137 16.29 -36.16 10.97
C TRP D 137 15.72 -37.57 10.77
N ARG D 138 14.52 -37.67 10.19
CA ARG D 138 13.96 -38.97 9.83
C ARG D 138 13.70 -39.07 8.33
N ASN D 139 14.00 -38.00 7.59
CA ASN D 139 13.79 -37.98 6.13
C ASN D 139 12.37 -38.31 5.68
N ASN D 140 11.39 -37.83 6.43
CA ASN D 140 9.99 -38.13 6.14
C ASN D 140 9.10 -36.95 6.53
N ILE D 141 9.19 -35.89 5.73
CA ILE D 141 8.37 -34.68 5.86
C ILE D 141 8.53 -33.98 7.22
N LEU D 142 9.70 -33.36 7.43
CA LEU D 142 9.88 -32.49 8.59
C LEU D 142 8.78 -31.43 8.55
N ARG D 143 8.10 -31.22 9.68
CA ARG D 143 6.92 -30.37 9.69
C ARG D 143 6.71 -29.75 11.07
N THR D 144 5.96 -28.65 11.14
CA THR D 144 5.84 -27.95 12.40
C THR D 144 4.39 -27.47 12.64
N GLN D 145 4.23 -26.45 13.47
CA GLN D 145 2.94 -26.16 14.10
C GLN D 145 1.79 -25.73 13.21
N GLU D 146 2.08 -24.89 12.21
CA GLU D 146 1.05 -24.13 11.49
C GLU D 146 0.24 -23.20 12.43
N SER D 147 0.89 -22.75 13.50
CA SER D 147 0.32 -21.73 14.37
C SER D 147 1.48 -21.10 15.12
N GLU D 148 1.19 -20.15 15.99
CA GLU D 148 2.26 -19.38 16.61
C GLU D 148 3.12 -20.18 17.59
N CYS D 149 4.43 -19.90 17.62
CA CYS D 149 5.25 -20.44 18.69
C CYS D 149 4.96 -19.65 19.97
N ALA D 150 5.48 -20.12 21.10
CA ALA D 150 5.19 -19.46 22.38
C ALA D 150 6.47 -18.86 22.94
N CYS D 151 6.38 -17.65 23.50
CA CYS D 151 7.56 -16.96 24.01
C CYS D 151 7.49 -16.69 25.52
N VAL D 152 8.62 -16.93 26.20
CA VAL D 152 8.72 -16.65 27.63
C VAL D 152 10.11 -16.07 27.87
N ASN D 153 10.14 -14.83 28.35
CA ASN D 153 11.38 -14.20 28.81
C ASN D 153 12.53 -14.25 27.78
N GLY D 154 12.22 -13.92 26.53
CA GLY D 154 13.24 -13.85 25.50
C GLY D 154 13.59 -15.16 24.80
N SER D 155 12.97 -16.25 25.22
CA SER D 155 13.14 -17.53 24.53
C SER D 155 11.82 -17.94 23.89
N CYS D 156 11.88 -18.47 22.67
CA CYS D 156 10.69 -18.94 21.98
C CYS D 156 10.73 -20.46 21.81
N PHE D 157 9.55 -21.09 21.76
CA PHE D 157 9.48 -22.54 21.83
C PHE D 157 8.56 -23.06 20.75
N THR D 158 8.92 -24.17 20.14
CA THR D 158 8.08 -24.80 19.14
C THR D 158 8.26 -26.30 19.18
N VAL D 159 7.43 -27.01 18.41
CA VAL D 159 7.49 -28.46 18.33
C VAL D 159 7.54 -28.83 16.86
N MET D 160 8.38 -29.79 16.52
CA MET D 160 8.44 -30.30 15.15
C MET D 160 8.36 -31.81 15.14
N THR D 161 7.85 -32.35 14.03
CA THR D 161 7.66 -33.80 13.84
C THR D 161 8.33 -34.24 12.54
N ASP D 162 8.85 -35.47 12.53
CA ASP D 162 9.47 -36.05 11.35
C ASP D 162 9.19 -37.56 11.44
N GLY D 163 8.69 -38.14 10.36
CA GLY D 163 8.26 -39.54 10.39
C GLY D 163 6.85 -39.72 9.86
N PRO D 164 6.32 -40.95 9.93
CA PRO D 164 4.98 -41.29 9.41
C PRO D 164 3.86 -40.43 9.99
N SER D 165 2.85 -40.13 9.18
CA SER D 165 1.66 -39.47 9.69
C SER D 165 0.61 -40.51 10.06
N ASN D 166 0.93 -41.78 9.84
CA ASN D 166 0.00 -42.89 10.10
C ASN D 166 0.62 -43.98 10.95
N GLY D 167 1.56 -43.60 11.81
CA GLY D 167 2.22 -44.54 12.68
C GLY D 167 3.14 -43.76 13.58
N GLN D 168 3.89 -44.46 14.43
CA GLN D 168 4.83 -43.82 15.33
C GLN D 168 5.82 -42.91 14.57
N ALA D 169 5.92 -41.66 15.00
CA ALA D 169 6.89 -40.76 14.42
C ALA D 169 7.83 -40.25 15.50
N SER D 170 8.59 -39.21 15.18
CA SER D 170 9.55 -38.62 16.11
C SER D 170 9.18 -37.16 16.35
N TYR D 171 9.19 -36.73 17.61
CA TYR D 171 8.71 -35.40 17.99
C TYR D 171 9.78 -34.67 18.80
N LYS D 172 10.12 -33.45 18.39
CA LYS D 172 11.14 -32.68 19.10
C LYS D 172 10.61 -31.33 19.56
N ILE D 173 11.03 -30.94 20.76
CA ILE D 173 10.75 -29.63 21.30
C ILE D 173 12.02 -28.80 21.18
N PHE D 174 11.86 -27.52 20.85
CA PHE D 174 12.99 -26.63 20.63
C PHE D 174 12.89 -25.38 21.50
N ARG D 175 14.03 -24.91 21.99
CA ARG D 175 14.12 -23.58 22.56
C ARG D 175 14.96 -22.71 21.65
N ILE D 176 14.45 -21.54 21.32
CA ILE D 176 15.06 -20.65 20.34
C ILE D 176 15.26 -19.26 20.93
N GLU D 177 16.45 -18.72 20.80
CA GLU D 177 16.73 -17.38 21.31
C GLU D 177 17.34 -16.55 20.21
N LYS D 178 16.67 -15.44 19.92
CA LYS D 178 17.09 -14.57 18.82
C LYS D 178 17.29 -15.36 17.52
N GLY D 179 16.41 -16.33 17.28
CA GLY D 179 16.46 -17.10 16.05
C GLY D 179 17.48 -18.24 16.02
N LYS D 180 18.20 -18.45 17.12
CA LYS D 180 19.16 -19.55 17.23
C LYS D 180 18.58 -20.67 18.08
N ILE D 181 18.59 -21.89 17.55
CA ILE D 181 18.22 -23.05 18.36
C ILE D 181 19.29 -23.26 19.41
N VAL D 182 18.94 -23.09 20.68
CA VAL D 182 19.91 -23.22 21.76
C VAL D 182 19.73 -24.53 22.54
N LYS D 183 18.58 -25.17 22.36
CA LYS D 183 18.37 -26.48 22.95
C LYS D 183 17.24 -27.23 22.27
N SER D 184 17.39 -28.54 22.13
CA SER D 184 16.30 -29.37 21.65
C SER D 184 16.29 -30.68 22.42
N VAL D 185 15.09 -31.26 22.53
CA VAL D 185 14.89 -32.51 23.23
C VAL D 185 13.98 -33.37 22.38
N GLU D 186 14.31 -34.64 22.20
CA GLU D 186 13.37 -35.54 21.54
C GLU D 186 12.43 -36.16 22.57
N MET D 187 11.14 -36.01 22.36
CA MET D 187 10.17 -36.58 23.29
C MET D 187 10.18 -38.10 23.25
N ASN D 188 10.17 -38.70 24.42
CA ASN D 188 10.06 -40.15 24.52
C ASN D 188 8.59 -40.46 24.71
N ALA D 189 7.92 -40.72 23.59
CA ALA D 189 6.47 -40.81 23.60
C ALA D 189 5.98 -42.02 22.83
N PRO D 190 6.26 -43.23 23.34
CA PRO D 190 5.83 -44.42 22.62
C PRO D 190 4.31 -44.51 22.63
N ASN D 191 3.73 -44.81 21.46
CA ASN D 191 2.28 -44.92 21.28
C ASN D 191 1.54 -43.58 21.29
N TYR D 192 2.30 -42.48 21.29
CA TYR D 192 1.74 -41.14 21.14
C TYR D 192 1.98 -40.66 19.71
N HIS D 193 1.17 -39.73 19.23
CA HIS D 193 1.42 -39.09 17.94
C HIS D 193 1.15 -37.60 18.03
N TYR D 194 2.13 -36.79 17.62
CA TYR D 194 2.02 -35.33 17.70
C TYR D 194 2.20 -34.67 16.34
N GLU D 195 1.20 -33.89 15.93
CA GLU D 195 1.24 -33.09 14.70
C GLU D 195 0.68 -31.71 15.01
N GLU D 196 1.20 -30.68 14.35
CA GLU D 196 0.52 -29.38 14.26
C GLU D 196 0.09 -28.83 15.63
N CYS D 197 1.03 -28.77 16.56
CA CYS D 197 0.72 -28.36 17.93
C CYS D 197 0.30 -26.89 18.03
N SER D 198 -0.70 -26.65 18.86
CA SER D 198 -1.07 -25.29 19.25
C SER D 198 -0.52 -25.04 20.64
N CYS D 199 0.48 -24.16 20.74
CA CYS D 199 1.25 -23.97 21.97
C CYS D 199 1.06 -22.57 22.54
N TYR D 200 0.91 -22.46 23.87
CA TYR D 200 0.76 -21.14 24.46
C TYR D 200 1.50 -21.06 25.78
N PRO D 201 1.94 -19.86 26.18
CA PRO D 201 2.61 -19.67 27.46
C PRO D 201 1.59 -19.41 28.57
N ASP D 202 1.95 -19.83 29.77
CA ASP D 202 1.04 -19.72 30.91
C ASP D 202 1.92 -19.91 32.13
N SER D 203 2.09 -18.84 32.90
CA SER D 203 2.94 -18.88 34.11
C SER D 203 4.35 -19.42 33.84
N SER D 204 5.00 -18.89 32.82
CA SER D 204 6.38 -19.24 32.47
C SER D 204 6.57 -20.65 31.93
N GLU D 205 5.47 -21.35 31.67
CA GLU D 205 5.53 -22.68 31.07
C GLU D 205 4.70 -22.75 29.80
N ILE D 206 5.00 -23.74 28.97
CA ILE D 206 4.36 -23.86 27.67
C ILE D 206 3.45 -25.08 27.69
N THR D 207 2.22 -24.89 27.24
CA THR D 207 1.31 -26.01 27.03
C THR D 207 0.99 -26.10 25.55
N CYS D 208 1.15 -27.29 24.98
CA CYS D 208 0.83 -27.54 23.60
C CYS D 208 -0.26 -28.60 23.50
N VAL D 209 -1.27 -28.32 22.67
CA VAL D 209 -2.33 -29.29 22.40
C VAL D 209 -2.31 -29.53 20.89
N CYS D 210 -2.27 -30.80 20.50
CA CYS D 210 -1.86 -31.16 19.13
C CYS D 210 -2.85 -32.13 18.48
N ARG D 211 -2.40 -32.75 17.39
CA ARG D 211 -3.25 -33.64 16.60
C ARG D 211 -2.59 -35.01 16.50
N ASP D 212 -3.30 -36.05 16.94
CA ASP D 212 -2.81 -37.42 16.78
C ASP D 212 -3.41 -37.88 15.48
N ASN D 213 -2.58 -38.04 14.45
CA ASN D 213 -3.11 -38.40 13.14
C ASN D 213 -3.11 -39.91 12.95
N TRP D 214 -2.52 -40.60 13.92
CA TRP D 214 -2.27 -42.03 13.85
C TRP D 214 -3.46 -42.83 14.37
N HIS D 215 -3.79 -42.64 15.65
CA HIS D 215 -4.79 -43.48 16.30
C HIS D 215 -5.45 -42.84 17.52
N GLY D 216 -5.65 -41.52 17.46
CA GLY D 216 -6.26 -40.83 18.58
C GLY D 216 -7.31 -39.83 18.14
N SER D 217 -8.50 -39.95 18.72
CA SER D 217 -9.61 -39.03 18.45
C SER D 217 -9.72 -37.97 19.52
N ASN D 218 -9.05 -38.19 20.64
CA ASN D 218 -8.83 -37.12 21.61
C ASN D 218 -7.48 -36.48 21.28
N ARG D 219 -7.21 -35.30 21.82
CA ARG D 219 -5.96 -34.62 21.49
C ARG D 219 -4.83 -34.90 22.49
N PRO D 220 -3.63 -35.16 21.97
CA PRO D 220 -2.46 -35.32 22.83
C PRO D 220 -1.98 -33.94 23.26
N TRP D 221 -1.30 -33.86 24.40
CA TRP D 221 -0.71 -32.61 24.82
C TRP D 221 0.68 -32.84 25.35
N VAL D 222 1.48 -31.77 25.36
CA VAL D 222 2.78 -31.81 25.97
C VAL D 222 2.98 -30.46 26.65
N SER D 223 3.47 -30.51 27.88
CA SER D 223 3.77 -29.30 28.66
C SER D 223 5.23 -29.33 29.04
N PHE D 224 5.88 -28.17 29.03
CA PHE D 224 7.29 -28.11 29.38
C PHE D 224 7.72 -26.77 29.98
N ASN D 225 8.81 -26.78 30.73
CA ASN D 225 9.36 -25.53 31.23
C ASN D 225 10.46 -25.03 30.30
N GLN D 226 11.13 -23.95 30.69
CA GLN D 226 12.12 -23.30 29.84
C GLN D 226 13.35 -24.19 29.60
N ASN D 227 13.59 -25.14 30.50
CA ASN D 227 14.69 -26.08 30.33
C ASN D 227 14.30 -27.30 29.52
N LEU D 228 13.08 -27.27 28.97
CA LEU D 228 12.54 -28.35 28.15
C LEU D 228 12.35 -29.67 28.91
N GLU D 229 12.20 -29.59 30.23
CA GLU D 229 11.71 -30.72 31.00
C GLU D 229 10.21 -30.79 30.75
N TYR D 230 9.72 -31.97 30.37
CA TYR D 230 8.36 -32.06 29.83
C TYR D 230 7.50 -33.18 30.44
N GLN D 231 6.19 -33.05 30.26
CA GLN D 231 5.25 -34.10 30.60
C GLN D 231 4.30 -34.26 29.42
N ILE D 232 3.73 -35.45 29.26
CA ILE D 232 2.83 -35.72 28.15
C ILE D 232 1.58 -36.43 28.61
N GLY D 233 0.53 -36.35 27.80
CA GLY D 233 -0.71 -37.05 28.06
C GLY D 233 -1.70 -36.78 26.95
N TYR D 234 -2.93 -37.27 27.14
CA TYR D 234 -4.02 -36.97 26.20
C TYR D 234 -5.12 -36.31 27.01
N ILE D 235 -5.83 -35.38 26.38
CA ILE D 235 -6.98 -34.75 27.03
C ILE D 235 -7.99 -35.84 27.36
N CYS D 236 -8.38 -35.93 28.64
CA CYS D 236 -9.18 -37.04 29.14
C CYS D 236 -10.68 -36.95 28.86
N SER D 237 -11.17 -35.74 28.64
CA SER D 237 -12.61 -35.51 28.44
C SER D 237 -13.26 -36.42 27.40
N GLY D 238 -14.46 -36.89 27.70
CA GLY D 238 -15.24 -37.67 26.75
C GLY D 238 -15.84 -36.80 25.67
N ILE D 239 -15.64 -35.49 25.78
CA ILE D 239 -15.94 -34.56 24.70
C ILE D 239 -14.72 -34.55 23.78
N PHE D 240 -14.70 -35.44 22.80
CA PHE D 240 -13.51 -35.62 21.95
C PHE D 240 -13.27 -34.42 21.06
N GLY D 241 -11.99 -34.06 20.92
CA GLY D 241 -11.64 -32.81 20.28
C GLY D 241 -11.20 -32.89 18.83
N ASP D 242 -10.82 -34.07 18.34
CA ASP D 242 -10.33 -34.19 16.97
C ASP D 242 -11.46 -34.35 15.96
N ASN D 243 -11.12 -34.36 14.68
CA ASN D 243 -12.06 -34.64 13.62
C ASN D 243 -11.30 -35.39 12.53
N PRO D 244 -11.74 -36.59 12.16
CA PRO D 244 -12.92 -37.30 12.67
C PRO D 244 -12.79 -37.81 14.11
N ARG D 245 -13.90 -38.28 14.67
CA ARG D 245 -13.91 -38.74 16.05
C ARG D 245 -15.16 -39.60 16.23
N PRO D 246 -15.25 -40.34 17.35
CA PRO D 246 -16.49 -41.09 17.55
C PRO D 246 -17.53 -40.23 18.25
N ASN D 247 -18.68 -40.82 18.53
CA ASN D 247 -19.68 -40.20 19.39
C ASN D 247 -19.08 -39.92 20.77
N ASP D 248 -19.49 -38.82 21.39
CA ASP D 248 -19.08 -38.51 22.75
C ASP D 248 -19.53 -39.60 23.74
N LYS D 249 -18.59 -40.04 24.58
CA LYS D 249 -18.87 -41.10 25.53
C LYS D 249 -17.79 -41.02 26.59
N THR D 250 -17.55 -42.10 27.32
CA THR D 250 -16.49 -42.05 28.33
C THR D 250 -15.13 -41.88 27.64
N GLY D 251 -14.32 -40.97 28.16
CA GLY D 251 -13.04 -40.66 27.53
C GLY D 251 -11.89 -41.53 28.01
N SER D 252 -10.67 -41.10 27.69
CA SER D 252 -9.48 -41.83 28.08
C SER D 252 -8.29 -40.90 28.17
N CYS D 253 -7.39 -41.20 29.10
CA CYS D 253 -6.17 -40.43 29.25
C CYS D 253 -5.08 -40.91 28.30
N GLY D 254 -5.41 -41.93 27.51
CA GLY D 254 -4.55 -42.39 26.43
C GLY D 254 -5.27 -42.18 25.10
N PRO D 255 -4.62 -42.54 23.98
CA PRO D 255 -5.26 -42.29 22.69
C PRO D 255 -6.56 -43.07 22.51
N VAL D 256 -7.62 -42.38 22.11
CA VAL D 256 -8.90 -43.04 21.83
C VAL D 256 -8.89 -43.50 20.37
N SER D 257 -8.83 -44.82 20.17
CA SER D 257 -8.59 -45.37 18.83
C SER D 257 -9.74 -45.17 17.85
N SER D 258 -10.97 -45.27 18.35
CA SER D 258 -12.14 -45.20 17.48
C SER D 258 -12.18 -43.91 16.66
N ASN D 259 -12.18 -44.06 15.34
CA ASN D 259 -12.02 -42.92 14.41
C ASN D 259 -10.72 -42.12 14.65
N GLY D 260 -9.70 -42.77 15.19
CA GLY D 260 -8.47 -42.08 15.60
C GLY D 260 -7.53 -41.72 14.47
N ALA D 261 -7.56 -42.51 13.40
CA ALA D 261 -6.79 -42.20 12.21
C ALA D 261 -7.23 -40.85 11.60
N ASN D 262 -6.27 -40.17 10.99
CA ASN D 262 -6.45 -38.83 10.44
C ASN D 262 -6.75 -37.85 11.56
N GLY D 263 -7.21 -36.64 11.21
CA GLY D 263 -7.37 -35.60 12.21
C GLY D 263 -7.50 -34.22 11.60
N VAL D 264 -7.44 -33.21 12.46
CA VAL D 264 -7.45 -31.83 12.01
C VAL D 264 -6.66 -31.05 13.05
N LYS D 265 -5.91 -30.03 12.63
CA LYS D 265 -5.25 -29.19 13.62
C LYS D 265 -6.29 -28.52 14.50
N GLY D 266 -6.04 -28.51 15.81
CA GLY D 266 -6.95 -27.89 16.76
C GLY D 266 -6.19 -27.37 17.97
N PHE D 267 -6.92 -27.00 19.02
CA PHE D 267 -6.32 -26.40 20.21
C PHE D 267 -7.26 -26.65 21.40
N SER D 268 -6.75 -26.39 22.60
CA SER D 268 -7.57 -26.33 23.81
C SER D 268 -6.81 -25.51 24.82
N PHE D 269 -7.52 -24.93 25.78
CA PHE D 269 -6.89 -24.16 26.86
C PHE D 269 -7.13 -24.85 28.19
N LYS D 270 -6.05 -25.15 28.90
CA LYS D 270 -6.14 -25.80 30.21
C LYS D 270 -6.31 -24.79 31.34
N TYR D 271 -7.22 -25.09 32.28
CA TYR D 271 -7.43 -24.28 33.48
C TYR D 271 -7.60 -25.22 34.66
N GLY D 272 -6.50 -25.50 35.35
CA GLY D 272 -6.52 -26.50 36.41
C GLY D 272 -6.90 -27.86 35.84
N ASN D 273 -7.96 -28.44 36.38
CA ASN D 273 -8.51 -29.70 35.88
C ASN D 273 -9.47 -29.49 34.70
N GLY D 274 -9.80 -28.24 34.43
CA GLY D 274 -10.79 -27.92 33.39
C GLY D 274 -10.19 -27.57 32.04
N VAL D 275 -11.03 -27.57 31.01
CA VAL D 275 -10.52 -27.31 29.67
C VAL D 275 -11.56 -26.64 28.77
N TRP D 276 -11.11 -25.63 28.04
CA TRP D 276 -11.87 -25.06 26.94
C TRP D 276 -11.45 -25.80 25.68
N ILE D 277 -12.40 -26.47 25.06
CA ILE D 277 -12.15 -27.25 23.86
C ILE D 277 -12.81 -26.58 22.67
N GLY D 278 -12.02 -26.28 21.64
CA GLY D 278 -12.59 -25.89 20.36
C GLY D 278 -12.63 -27.11 19.45
N ARG D 279 -13.75 -27.31 18.77
CA ARG D 279 -13.83 -28.46 17.86
C ARG D 279 -14.86 -28.26 16.78
N THR D 280 -14.77 -29.07 15.72
CA THR D 280 -15.79 -29.06 14.69
C THR D 280 -17.08 -29.59 15.29
N LYS D 281 -18.20 -29.25 14.66
CA LYS D 281 -19.48 -29.79 15.12
C LYS D 281 -19.74 -31.20 14.59
N SER D 282 -19.26 -31.48 13.38
CA SER D 282 -19.40 -32.80 12.78
C SER D 282 -18.37 -33.77 13.35
N ILE D 283 -18.71 -35.05 13.45
CA ILE D 283 -17.73 -36.03 13.90
C ILE D 283 -16.96 -36.63 12.70
N SER D 284 -17.39 -36.30 11.50
CA SER D 284 -16.85 -36.97 10.31
C SER D 284 -16.14 -36.04 9.32
N SER D 285 -16.55 -34.78 9.25
CA SER D 285 -15.90 -33.86 8.31
C SER D 285 -15.73 -32.47 8.92
N ARG D 286 -15.00 -31.60 8.22
CA ARG D 286 -14.65 -30.29 8.79
C ARG D 286 -15.79 -29.32 8.56
N ASN D 287 -16.84 -29.51 9.36
CA ASN D 287 -18.08 -28.74 9.30
C ASN D 287 -18.39 -28.18 10.68
N GLY D 288 -18.67 -26.88 10.74
CA GLY D 288 -19.05 -26.25 11.98
C GLY D 288 -17.90 -26.03 12.93
N PHE D 289 -18.16 -25.23 13.95
CA PHE D 289 -17.20 -25.03 15.03
C PHE D 289 -17.91 -24.58 16.29
N GLU D 290 -17.42 -25.03 17.44
CA GLU D 290 -18.02 -24.68 18.72
C GLU D 290 -16.95 -24.66 19.79
N MET D 291 -17.18 -23.88 20.85
CA MET D 291 -16.30 -23.89 22.01
C MET D 291 -17.03 -24.52 23.18
N ILE D 292 -16.34 -25.40 23.90
CA ILE D 292 -16.96 -26.12 24.99
C ILE D 292 -16.10 -26.03 26.24
N TRP D 293 -16.71 -25.60 27.35
CA TRP D 293 -16.04 -25.60 28.64
C TRP D 293 -16.41 -26.84 29.43
N ASP D 294 -15.41 -27.67 29.71
CA ASP D 294 -15.58 -28.86 30.53
C ASP D 294 -14.73 -28.69 31.80
N PRO D 295 -15.40 -28.43 32.94
CA PRO D 295 -14.68 -28.05 34.17
C PRO D 295 -13.75 -29.13 34.75
N ASN D 296 -13.88 -30.38 34.32
CA ASN D 296 -12.93 -31.40 34.76
C ASN D 296 -12.40 -32.25 33.60
N GLY D 297 -12.41 -31.66 32.40
CA GLY D 297 -12.10 -32.39 31.18
C GLY D 297 -10.63 -32.59 30.85
N TRP D 298 -9.74 -31.93 31.58
CA TRP D 298 -8.33 -32.13 31.31
C TRP D 298 -7.92 -33.51 31.83
N THR D 299 -8.42 -33.85 33.00
CA THR D 299 -8.02 -35.05 33.72
C THR D 299 -9.16 -36.06 33.91
N GLY D 300 -10.41 -35.62 33.77
CA GLY D 300 -11.56 -36.47 34.03
C GLY D 300 -12.18 -36.96 32.74
N THR D 301 -12.73 -38.17 32.77
CA THR D 301 -13.13 -38.83 31.53
C THR D 301 -14.62 -38.77 31.18
N ASP D 302 -15.45 -38.11 31.99
CA ASP D 302 -16.88 -38.09 31.70
C ASP D 302 -17.14 -37.18 30.50
N ASN D 303 -18.33 -37.26 29.92
CA ASN D 303 -18.65 -36.37 28.81
C ASN D 303 -19.62 -35.24 29.19
N ASN D 304 -19.63 -34.85 30.45
CA ASN D 304 -20.41 -33.71 30.90
C ASN D 304 -19.67 -32.43 30.59
N PHE D 305 -20.40 -31.37 30.25
CA PHE D 305 -19.79 -30.05 30.06
C PHE D 305 -20.73 -28.98 30.58
N SER D 306 -20.21 -27.78 30.78
CA SER D 306 -20.97 -26.71 31.44
C SER D 306 -21.39 -25.55 30.52
N ILE D 307 -20.59 -25.28 29.49
CA ILE D 307 -20.88 -24.19 28.56
C ILE D 307 -20.59 -24.64 27.14
N LYS D 308 -21.49 -24.35 26.22
CA LYS D 308 -21.20 -24.51 24.81
C LYS D 308 -21.54 -23.23 24.05
N GLN D 309 -20.62 -22.76 23.22
CA GLN D 309 -20.86 -21.58 22.40
C GLN D 309 -20.67 -21.86 20.90
N ASP D 310 -21.70 -21.57 20.11
CA ASP D 310 -21.65 -21.78 18.67
C ASP D 310 -20.80 -20.73 17.96
N ILE D 311 -19.98 -21.17 17.01
CA ILE D 311 -19.03 -20.31 16.30
C ILE D 311 -19.25 -20.35 14.78
N VAL D 312 -19.36 -21.56 14.23
CA VAL D 312 -19.68 -21.78 12.81
C VAL D 312 -20.72 -22.90 12.75
N GLY D 313 -21.75 -22.72 11.90
CA GLY D 313 -22.83 -23.68 11.79
C GLY D 313 -22.39 -25.02 11.22
N ILE D 314 -23.04 -26.10 11.65
CA ILE D 314 -22.74 -27.46 11.20
C ILE D 314 -22.94 -27.59 9.68
N ASN D 315 -23.78 -26.71 9.12
CA ASN D 315 -24.01 -26.75 7.68
C ASN D 315 -23.08 -25.79 6.93
N GLU D 316 -21.94 -25.46 7.55
CA GLU D 316 -20.95 -24.59 6.92
C GLU D 316 -19.59 -25.23 7.07
N TRP D 317 -18.67 -24.87 6.18
CA TRP D 317 -17.32 -25.45 6.21
C TRP D 317 -16.47 -24.78 7.27
N SER D 318 -15.69 -25.59 7.99
CA SER D 318 -14.66 -25.04 8.85
C SER D 318 -13.31 -25.60 8.40
N GLY D 319 -12.45 -25.95 9.34
CA GLY D 319 -11.09 -26.35 9.00
C GLY D 319 -10.19 -26.33 10.21
N TYR D 320 -8.94 -25.94 10.01
CA TYR D 320 -7.99 -25.82 11.10
C TYR D 320 -8.45 -24.78 12.10
N SER D 321 -7.96 -24.91 13.32
CA SER D 321 -8.12 -23.87 14.33
C SER D 321 -6.88 -23.87 15.19
N GLY D 322 -6.64 -22.76 15.88
CA GLY D 322 -5.43 -22.68 16.67
C GLY D 322 -5.57 -21.61 17.72
N SER D 323 -4.76 -21.74 18.77
CA SER D 323 -4.71 -20.71 19.78
C SER D 323 -3.80 -19.56 19.36
N PHE D 324 -4.11 -18.35 19.83
CA PHE D 324 -3.10 -17.31 19.96
C PHE D 324 -3.36 -16.52 21.23
N VAL D 325 -2.33 -15.90 21.77
CA VAL D 325 -2.49 -15.13 23.00
C VAL D 325 -2.16 -13.67 22.80
N GLN D 326 -2.65 -12.85 23.72
CA GLN D 326 -2.26 -11.46 23.77
C GLN D 326 -1.65 -11.23 25.13
N HIS D 327 -0.37 -10.82 25.13
CA HIS D 327 0.39 -10.62 26.37
C HIS D 327 0.03 -9.29 27.01
N PRO D 328 0.19 -9.18 28.34
CA PRO D 328 0.00 -7.93 29.08
C PRO D 328 0.72 -6.73 28.46
N GLU D 329 1.87 -6.98 27.83
CA GLU D 329 2.64 -5.93 27.17
C GLU D 329 1.84 -5.29 26.04
N LEU D 330 0.94 -6.06 25.44
CA LEU D 330 0.04 -5.56 24.40
C LEU D 330 -1.27 -4.99 24.96
N THR D 331 -1.86 -5.70 25.92
CA THR D 331 -3.22 -5.39 26.37
C THR D 331 -3.28 -4.49 27.59
N GLY D 332 -2.24 -4.51 28.40
CA GLY D 332 -2.26 -3.76 29.64
C GLY D 332 -2.95 -4.51 30.78
N LEU D 333 -3.42 -5.73 30.51
CA LEU D 333 -4.06 -6.54 31.56
C LEU D 333 -2.99 -7.20 32.44
N ASP D 334 -3.42 -7.88 33.49
CA ASP D 334 -2.44 -8.51 34.40
C ASP D 334 -2.29 -10.00 34.14
N CYS D 335 -2.88 -10.48 33.06
CA CYS D 335 -2.82 -11.89 32.72
C CYS D 335 -2.69 -12.04 31.22
N ILE D 336 -2.30 -13.22 30.78
CA ILE D 336 -2.18 -13.53 29.36
C ILE D 336 -3.55 -13.92 28.84
N ARG D 337 -4.01 -13.23 27.80
CA ARG D 337 -5.37 -13.44 27.31
C ARG D 337 -5.44 -14.49 26.21
N PRO D 338 -6.35 -15.46 26.35
CA PRO D 338 -6.53 -16.49 25.32
C PRO D 338 -7.42 -16.02 24.19
N CYS D 339 -7.00 -16.35 22.97
CA CYS D 339 -7.77 -16.07 21.77
C CYS D 339 -7.64 -17.29 20.86
N PHE D 340 -8.46 -17.38 19.82
CA PHE D 340 -8.31 -18.46 18.86
C PHE D 340 -8.76 -18.02 17.48
N TRP D 341 -8.29 -18.74 16.46
CA TRP D 341 -8.70 -18.49 15.10
C TRP D 341 -9.26 -19.78 14.52
N VAL D 342 -10.09 -19.64 13.48
CA VAL D 342 -10.60 -20.77 12.73
C VAL D 342 -10.40 -20.53 11.26
N GLU D 343 -9.88 -21.54 10.57
CA GLU D 343 -9.71 -21.52 9.13
C GLU D 343 -10.98 -22.08 8.49
N LEU D 344 -11.55 -21.35 7.54
CA LEU D 344 -12.75 -21.83 6.87
C LEU D 344 -12.35 -22.27 5.47
N ILE D 345 -12.18 -23.58 5.30
CA ILE D 345 -11.66 -24.13 4.04
C ILE D 345 -12.75 -24.24 2.96
N ARG D 346 -12.47 -23.69 1.79
CA ARG D 346 -13.40 -23.78 0.65
C ARG D 346 -12.71 -24.48 -0.51
N GLY D 347 -13.49 -25.19 -1.33
CA GLY D 347 -12.92 -25.84 -2.50
C GLY D 347 -12.70 -27.33 -2.28
N ARG D 348 -11.62 -27.87 -2.84
CA ARG D 348 -11.40 -29.32 -2.78
C ARG D 348 -10.96 -29.73 -1.38
N PRO D 349 -11.27 -30.97 -0.98
CA PRO D 349 -11.92 -32.01 -1.78
C PRO D 349 -13.45 -32.04 -1.66
N LYS D 350 -14.03 -31.17 -0.87
CA LYS D 350 -15.46 -31.28 -0.59
C LYS D 350 -16.36 -30.60 -1.62
N GLU D 351 -15.79 -29.67 -2.38
CA GLU D 351 -16.56 -28.89 -3.34
C GLU D 351 -15.96 -28.98 -4.73
N ASN D 352 -16.79 -28.75 -5.75
CA ASN D 352 -16.42 -29.01 -7.14
C ASN D 352 -15.66 -27.84 -7.79
N THR D 353 -14.41 -27.66 -7.38
CA THR D 353 -13.59 -26.57 -7.88
C THR D 353 -12.23 -27.14 -8.27
N ILE D 354 -11.38 -26.32 -8.89
CA ILE D 354 -10.05 -26.80 -9.23
C ILE D 354 -9.06 -26.44 -8.11
N TRP D 355 -9.52 -25.63 -7.16
CA TRP D 355 -8.66 -25.02 -6.14
C TRP D 355 -9.12 -25.32 -4.72
N THR D 356 -8.24 -25.06 -3.75
CA THR D 356 -8.59 -25.08 -2.33
C THR D 356 -8.03 -23.83 -1.71
N SER D 357 -8.83 -23.12 -0.91
CA SER D 357 -8.32 -21.95 -0.21
C SER D 357 -9.10 -21.74 1.09
N GLY D 358 -8.65 -20.84 1.94
CA GLY D 358 -9.35 -20.64 3.20
C GLY D 358 -9.55 -19.18 3.50
N SER D 359 -10.56 -18.85 4.30
CA SER D 359 -10.62 -17.54 4.90
C SER D 359 -10.55 -17.77 6.40
N SER D 360 -10.61 -16.71 7.20
CA SER D 360 -10.46 -16.91 8.64
C SER D 360 -11.36 -16.01 9.48
N ILE D 361 -11.62 -16.47 10.71
CA ILE D 361 -12.28 -15.69 11.75
C ILE D 361 -11.46 -15.86 13.02
N SER D 362 -11.59 -14.93 13.94
CA SER D 362 -10.94 -15.10 15.23
C SER D 362 -11.76 -14.47 16.36
N PHE D 363 -11.46 -14.92 17.58
CA PHE D 363 -12.25 -14.60 18.76
C PHE D 363 -11.29 -14.40 19.92
N CYS D 364 -11.66 -13.56 20.87
CA CYS D 364 -10.86 -13.42 22.09
C CYS D 364 -11.70 -13.71 23.32
N GLY D 365 -11.05 -14.27 24.35
CA GLY D 365 -11.77 -14.65 25.56
C GLY D 365 -12.13 -13.43 26.38
N VAL D 366 -13.36 -13.41 26.89
CA VAL D 366 -13.82 -12.33 27.77
C VAL D 366 -14.62 -12.90 28.93
N ASN D 367 -14.89 -12.07 29.93
CA ASN D 367 -15.81 -12.42 31.00
C ASN D 367 -17.10 -11.61 30.97
N SER D 368 -17.34 -10.93 29.86
CA SER D 368 -18.58 -10.19 29.69
C SER D 368 -19.47 -10.93 28.70
N ASP D 369 -20.61 -10.34 28.36
CA ASP D 369 -21.62 -11.00 27.53
C ASP D 369 -21.10 -11.37 26.14
N THR D 370 -21.48 -12.55 25.66
CA THR D 370 -21.16 -12.97 24.30
C THR D 370 -22.41 -13.63 23.69
N VAL D 371 -22.34 -14.00 22.42
CA VAL D 371 -23.48 -14.67 21.81
C VAL D 371 -23.02 -15.71 20.80
N GLY D 372 -23.66 -16.87 20.80
CA GLY D 372 -23.39 -17.86 19.78
C GLY D 372 -24.02 -17.42 18.47
N TRP D 373 -23.33 -17.63 17.37
CA TRP D 373 -23.93 -17.38 16.06
C TRP D 373 -23.15 -18.23 15.08
N SER D 374 -23.25 -17.90 13.81
CA SER D 374 -22.43 -18.55 12.80
C SER D 374 -21.82 -17.48 11.94
N TRP D 375 -20.49 -17.45 11.87
CA TRP D 375 -19.79 -16.53 10.97
C TRP D 375 -19.00 -17.35 9.96
N PRO D 376 -19.67 -17.82 8.91
CA PRO D 376 -19.01 -18.73 7.97
C PRO D 376 -18.28 -17.98 6.85
N ASP D 377 -17.68 -18.73 5.94
CA ASP D 377 -16.87 -18.11 4.90
C ASP D 377 -17.70 -17.20 4.01
N GLY D 378 -18.83 -17.74 3.54
CA GLY D 378 -19.79 -16.95 2.81
C GLY D 378 -19.58 -16.81 1.31
N ALA D 379 -18.53 -17.42 0.76
CA ALA D 379 -18.35 -17.34 -0.69
C ALA D 379 -19.33 -18.25 -1.44
N GLU D 380 -19.68 -17.88 -2.66
CA GLU D 380 -20.54 -18.70 -3.49
C GLU D 380 -19.72 -19.45 -4.53
N LEU D 381 -19.59 -20.76 -4.35
CA LEU D 381 -18.83 -21.60 -5.28
C LEU D 381 -19.78 -22.31 -6.24
N PRO D 382 -19.30 -22.71 -7.42
CA PRO D 382 -17.92 -22.54 -7.93
C PRO D 382 -17.66 -21.12 -8.43
N PHE D 383 -16.38 -20.83 -8.66
CA PHE D 383 -15.95 -19.55 -9.21
C PHE D 383 -15.84 -19.61 -10.74
N THR D 384 -15.67 -18.45 -11.37
CA THR D 384 -15.51 -18.36 -12.81
C THR D 384 -14.44 -19.33 -13.35
N ILE D 385 -13.31 -19.42 -12.66
CA ILE D 385 -12.19 -20.24 -13.12
C ILE D 385 -12.53 -21.73 -13.12
N ASP D 386 -13.58 -22.08 -12.38
CA ASP D 386 -14.03 -23.46 -12.28
C ASP D 386 -14.96 -23.89 -13.42
N LYS D 387 -15.38 -22.95 -14.24
CA LYS D 387 -16.33 -23.23 -15.32
C LYS D 387 -15.62 -23.62 -16.62
C1 NAG E . -28.36 -12.72 -7.59
C2 NAG E . -27.79 -13.52 -8.77
C3 NAG E . -28.91 -14.17 -9.57
C4 NAG E . -29.76 -15.07 -8.66
C5 NAG E . -30.20 -14.31 -7.41
C6 NAG E . -30.76 -15.29 -6.39
C7 NAG E . -25.65 -12.80 -9.74
C8 NAG E . -24.96 -13.79 -8.86
N2 NAG E . -26.98 -12.69 -9.65
O3 NAG E . -28.39 -14.92 -10.65
O4 NAG E . -30.89 -15.50 -9.39
O5 NAG E . -29.15 -13.58 -6.79
O6 NAG E . -31.24 -14.58 -5.28
O7 NAG E . -24.98 -12.13 -10.53
C1 NAG E . -30.98 -16.94 -9.46
C2 NAG E . -32.45 -17.33 -9.63
C3 NAG E . -32.62 -18.85 -9.74
C4 NAG E . -31.63 -19.44 -10.73
C5 NAG E . -30.22 -18.95 -10.42
C6 NAG E . -29.20 -19.51 -11.41
C7 NAG E . -34.08 -15.83 -8.72
C8 NAG E . -34.89 -15.40 -7.53
N2 NAG E . -33.24 -16.84 -8.54
O3 NAG E . -33.93 -19.14 -10.16
O4 NAG E . -31.69 -20.86 -10.65
O5 NAG E . -30.18 -17.53 -10.47
O6 NAG E . -28.00 -19.78 -10.73
O7 NAG E . -34.20 -15.25 -9.81
CA CA F . -39.10 10.28 10.70
CA CA G . -36.70 30.73 11.83
C1 G39 H . -31.76 2.98 6.23
O1A G39 H . -31.19 3.05 5.11
O1B G39 H . -32.79 3.66 6.48
C2 G39 H . -31.17 2.14 7.36
C3 G39 H . -30.15 1.08 6.96
C4 G39 H . -29.41 0.70 8.24
C5 G39 H . -30.39 0.12 9.24
N5 G39 H . -29.71 -0.24 10.50
C10 G39 H . -29.50 -1.61 10.88
O10 G39 H . -29.89 -2.52 10.16
C11 G39 H . -28.80 -1.92 12.18
C6 G39 H . -31.53 1.08 9.57
C7 G39 H . -32.21 1.70 8.34
O7 G39 H . -32.50 0.49 10.36
C8 G39 H . -32.57 0.89 11.71
C9 G39 H . -33.47 -0.05 12.53
C81 G39 H . -32.80 2.41 11.96
C82 G39 H . -34.17 2.98 11.54
C91 G39 H . -33.16 -1.52 12.36
N4 G39 H . -28.26 -0.14 7.97
N1 EPE I . -33.67 -1.91 4.16
C2 EPE I . -34.04 -0.93 5.18
C3 EPE I . -33.60 0.45 4.73
N4 EPE I . -34.12 0.77 3.41
C5 EPE I . -34.02 -0.26 2.39
C6 EPE I . -34.42 -1.62 2.93
C7 EPE I . -34.15 2.17 3.03
C8 EPE I . -34.60 2.41 1.60
O8 EPE I . -34.47 3.79 1.29
C9 EPE I . -34.06 -3.25 4.66
C10 EPE I . -33.50 -4.33 3.73
S EPE I . -33.32 -5.91 4.60
O1S EPE I . -32.19 -5.84 5.53
O2S EPE I . -34.54 -6.18 5.36
O3S EPE I . -33.10 -6.96 3.61
C1 NAG J . -9.86 23.61 28.69
C2 NAG J . -9.67 25.04 29.17
C3 NAG J . -8.20 25.42 29.10
C4 NAG J . -7.39 24.41 29.91
C5 NAG J . -7.69 22.98 29.44
C6 NAG J . -6.97 21.94 30.28
C7 NAG J . -11.61 26.52 28.90
C8 NAG J . -11.92 26.26 30.35
N2 NAG J . -10.50 25.96 28.40
O3 NAG J . -8.00 26.72 29.60
O4 NAG J . -6.02 24.68 29.78
O5 NAG J . -9.09 22.72 29.48
O6 NAG J . -7.41 22.01 31.63
O7 NAG J . -12.36 27.21 28.23
C1 NAG K . -10.46 16.00 33.42
C2 NAG K . -11.18 16.57 34.65
C3 NAG K . -10.20 16.73 35.81
C4 NAG K . -9.54 15.39 36.08
C5 NAG K . -8.88 14.85 34.80
C6 NAG K . -8.29 13.46 35.03
C7 NAG K . -13.18 17.89 34.28
C8 NAG K . -13.96 16.78 34.94
N2 NAG K . -11.85 17.82 34.35
O3 NAG K . -10.89 17.17 36.95
O4 NAG K . -8.58 15.54 37.11
O5 NAG K . -9.80 14.79 33.73
O6 NAG K . -9.33 12.55 35.36
O7 NAG K . -13.78 18.80 33.70
CA CA L . -0.58 32.17 -26.47
CA CA M . 19.87 34.85 -28.41
C1 G39 N . -5.62 23.24 -21.86
O1A G39 N . -5.34 22.02 -22.05
O1B G39 N . -5.31 24.11 -22.75
C2 G39 N . -6.26 23.69 -20.56
C3 G39 N . -6.91 22.60 -19.71
C4 G39 N . -7.14 23.16 -18.31
C5 G39 N . -7.96 24.45 -18.38
N5 G39 N . -8.14 25.00 -17.03
C10 G39 N . -9.42 25.04 -16.37
O10 G39 N . -10.40 24.60 -16.91
C11 G39 N . -9.49 25.64 -14.99
C6 G39 N . -7.36 25.49 -19.30
C7 G39 N . -7.04 24.96 -20.70
O7 G39 N . -8.19 26.60 -19.43
C8 G39 N . -7.84 27.78 -18.77
C9 G39 N . -8.99 28.80 -18.79
C81 G39 N . -6.44 28.33 -19.14
C82 G39 N . -6.31 29.08 -20.47
C91 G39 N . -10.31 28.35 -18.18
N4 G39 N . -7.74 22.19 -17.42
N1 EPE O . -10.63 21.95 -23.43
C2 EPE O . -9.93 23.22 -23.67
C3 EPE O . -8.44 22.92 -23.84
N4 EPE O . -8.21 21.90 -24.86
C5 EPE O . -9.36 21.35 -25.54
C6 EPE O . -10.52 21.03 -24.60
C7 EPE O . -6.92 21.89 -25.52
C8 EPE O . -6.71 20.64 -26.36
O8 EPE O . -5.48 20.72 -27.04
C9 EPE O . -12.04 22.24 -23.13
C10 EPE O . -12.85 20.96 -22.97
S EPE O . -14.43 21.26 -22.13
O1S EPE O . -14.19 21.52 -20.71
O2S EPE O . -15.08 22.43 -22.71
O3S EPE O . -15.29 20.08 -22.29
C1 NAG P . 20.85 32.41 3.48
C2 NAG P . 22.32 32.81 3.57
C3 NAG P . 23.02 32.17 4.76
C4 NAG P . 22.24 32.43 6.03
C5 NAG P . 20.80 31.97 5.85
C6 NAG P . 19.99 32.32 7.10
C7 NAG P . 22.77 31.55 1.47
C8 NAG P . 23.14 30.13 1.81
N2 NAG P . 23.08 32.50 2.36
O3 NAG P . 24.33 32.68 4.89
O4 NAG P . 22.85 31.75 7.10
O5 NAG P . 20.20 32.58 4.72
O6 NAG P . 18.65 31.92 6.91
O7 NAG P . 22.21 31.81 0.41
C1 NAG Q . -19.15 7.31 -24.10
C2 NAG Q . -19.70 5.92 -24.46
C3 NAG Q . -20.14 5.86 -25.92
C4 NAG Q . -21.01 7.05 -26.30
C5 NAG Q . -20.38 8.35 -25.82
C6 NAG Q . -21.28 9.54 -26.09
C7 NAG Q . -18.66 4.19 -23.08
C8 NAG Q . -17.83 2.95 -23.09
N2 NAG Q . -18.73 4.87 -24.22
O3 NAG Q . -20.83 4.66 -26.18
O4 NAG Q . -21.17 7.08 -27.70
O5 NAG Q . -20.13 8.28 -24.42
O6 NAG Q . -22.45 9.42 -25.31
O7 NAG Q . -19.23 4.54 -22.04
C1 NAG R . 12.63 35.63 7.53
C2 NAG R . 14.02 36.11 7.95
C3 NAG R . 14.11 36.14 9.47
C4 NAG R . 12.77 36.52 10.13
C5 NAG R . 11.78 37.22 9.18
C6 NAG R . 12.07 38.71 9.06
C7 NAG R . 15.74 35.69 6.30
C8 NAG R . 15.75 37.17 6.02
N2 NAG R . 15.07 35.29 7.38
O3 NAG R . 15.10 37.06 9.87
O4 NAG R . 12.17 35.37 10.69
O5 NAG R . 11.68 36.61 7.89
O6 NAG R . 11.33 39.26 8.00
O7 NAG R . 16.31 34.90 5.54
CA CA S . 30.71 -16.35 -22.87
CA CA T . 39.00 -28.78 -8.49
C1 G39 U . 20.85 -11.17 -22.12
O1A G39 U . 19.76 -11.65 -21.73
O1B G39 U . 21.77 -11.91 -22.55
C2 G39 U . 21.11 -9.66 -22.01
C3 G39 U . 19.90 -8.77 -21.79
C4 G39 U . 20.42 -7.42 -21.29
C5 G39 U . 21.41 -6.84 -22.30
N5 G39 U . 21.89 -5.56 -21.78
C10 G39 U . 21.55 -4.33 -22.43
O10 G39 U . 20.86 -4.33 -23.44
C11 G39 U . 22.08 -3.04 -21.84
C6 G39 U . 22.57 -7.78 -22.59
C7 G39 U . 22.12 -9.19 -22.99
O7 G39 U . 23.39 -7.29 -23.60
C8 G39 U . 24.63 -6.72 -23.26
C9 G39 U . 25.26 -5.96 -24.42
C81 G39 U . 25.58 -7.66 -22.47
C82 G39 U . 26.23 -8.80 -23.24
C91 G39 U . 24.45 -4.77 -24.93
N4 G39 U . 19.37 -6.49 -20.95
N1 EPE V . 18.08 -9.94 -26.78
C2 EPE V . 19.49 -10.18 -26.45
C3 EPE V . 19.56 -11.23 -25.33
N4 EPE V . 18.86 -12.44 -25.70
C5 EPE V . 17.53 -12.28 -26.28
C6 EPE V . 17.50 -11.17 -27.34
C7 EPE V . 19.17 -13.63 -24.93
C8 EPE V . 18.29 -14.82 -25.27
O8 EPE V . 18.51 -15.85 -24.32
C9 EPE V . 18.08 -8.89 -27.82
C10 EPE V . 16.65 -8.51 -28.18
S EPE V . 16.63 -6.85 -28.91
O1S EPE V . 17.02 -5.85 -27.92
O2S EPE V . 17.58 -6.81 -30.02
O3S EPE V . 15.27 -6.57 -29.41
C1 NAG W . 36.55 -3.05 10.97
C2 NAG W . 37.61 -3.67 11.88
C3 NAG W . 37.33 -3.34 13.34
C4 NAG W . 37.12 -1.84 13.52
C5 NAG W . 36.08 -1.34 12.54
C6 NAG W . 35.88 0.17 12.66
C7 NAG W . 38.70 -5.76 11.20
C8 NAG W . 39.92 -4.97 10.85
N2 NAG W . 37.65 -5.11 11.70
O3 NAG W . 38.42 -3.76 14.14
O4 NAG W . 36.69 -1.56 14.84
O5 NAG W . 36.45 -1.66 11.21
O6 NAG W . 37.08 0.83 12.30
O7 NAG W . 38.68 -6.98 11.00
C1 NAG X . 2.10 -7.63 -30.93
C2 NAG X . 0.58 -7.68 -31.22
C3 NAG X . 0.30 -8.15 -32.65
C4 NAG X . 1.12 -7.35 -33.65
C5 NAG X . 2.59 -7.45 -33.25
C6 NAG X . 3.48 -6.73 -34.26
C7 NAG X . -0.86 -7.97 -29.30
C8 NAG X . -1.63 -8.90 -28.41
N2 NAG X . -0.13 -8.52 -30.27
O3 NAG X . -1.09 -8.00 -32.94
O4 NAG X . 0.90 -7.85 -34.95
O5 NAG X . 2.77 -6.91 -31.95
O6 NAG X . 3.15 -5.37 -34.30
O7 NAG X . -0.90 -6.75 -29.11
C1 NAG Y . 37.47 4.86 6.68
C2 NAG Y . 38.97 4.85 6.89
C3 NAG Y . 39.42 5.91 7.89
C4 NAG Y . 38.86 7.26 7.48
C5 NAG Y . 37.34 7.17 7.30
C6 NAG Y . 36.78 8.50 6.83
C7 NAG Y . 40.04 2.71 6.45
C8 NAG Y . 40.66 3.33 5.23
N2 NAG Y . 39.43 3.53 7.30
O3 NAG Y . 40.83 5.96 7.96
O4 NAG Y . 39.16 8.23 8.46
O5 NAG Y . 37.00 6.16 6.36
O6 NAG Y . 37.46 8.91 5.67
O7 NAG Y . 40.08 1.49 6.63
C1 NAG Z . 41.35 -33.29 -7.20
C2 NAG Z . 40.93 -34.58 -6.52
C3 NAG Z . 42.17 -35.27 -5.96
C4 NAG Z . 43.14 -35.53 -7.10
C5 NAG Z . 43.37 -34.31 -7.99
C6 NAG Z . 44.04 -34.75 -9.29
C7 NAG Z . 38.71 -34.87 -5.63
C8 NAG Z . 38.62 -36.37 -5.51
N2 NAG Z . 39.92 -34.34 -5.51
O3 NAG Z . 41.80 -36.48 -5.34
O4 NAG Z . 44.39 -35.95 -6.57
O5 NAG Z . 42.17 -33.61 -8.31
O6 NAG Z . 43.34 -35.84 -9.83
O7 NAG Z . 37.70 -34.20 -5.84
CA CA AA . -6.91 -38.33 15.02
CA CA BA . -16.74 -33.19 32.37
C1 G39 CA . -4.81 -31.49 6.46
O1A G39 CA . -5.59 -30.65 5.96
O1B G39 CA . -5.24 -32.51 7.07
C2 G39 CA . -3.30 -31.26 6.39
C3 G39 CA . -2.84 -30.20 5.40
C4 G39 CA . -1.39 -29.85 5.73
C5 G39 CA . -0.52 -31.10 5.78
N5 G39 CA . 0.84 -30.75 6.16
C10 G39 CA . 1.98 -30.92 5.30
O10 G39 CA . 1.87 -31.38 4.19
C11 G39 CA . 3.33 -30.52 5.85
C6 G39 CA . -1.06 -32.16 6.75
C7 G39 CA . -2.52 -32.53 6.45
O7 G39 CA . -0.32 -33.32 6.75
C8 G39 CA . 0.55 -33.58 7.82
C9 G39 CA . 1.47 -34.77 7.54
C81 G39 CA . -0.12 -33.58 9.22
C82 G39 CA . -1.04 -34.76 9.54
C91 G39 CA . 2.37 -34.59 6.34
N4 G39 CA . -0.87 -28.85 4.83
N1 EPE DA . -4.33 -33.48 1.31
C2 EPE DA . -4.16 -34.03 2.67
C3 EPE DA . -5.15 -33.37 3.62
N4 EPE DA . -6.51 -33.47 3.12
C5 EPE DA . -6.73 -33.19 1.71
C6 EPE DA . -5.67 -33.83 0.83
C7 EPE DA . -7.58 -33.25 4.07
C8 EPE DA . -8.97 -33.30 3.43
O8 EPE DA . -9.93 -32.89 4.37
C9 EPE DA . -3.31 -34.12 0.47
C10 EPE DA . -3.40 -33.63 -0.98
S EPE DA . -1.83 -33.94 -1.82
O1S EPE DA . -0.79 -33.16 -1.18
O2S EPE DA . -1.50 -35.37 -1.74
O3S EPE DA . -1.97 -33.58 -3.24
C1 NAG EA . 6.94 -11.30 35.96
C2 NAG EA . 6.68 -11.15 37.46
C3 NAG EA . 7.00 -9.73 37.93
C4 NAG EA . 8.36 -9.28 37.44
C5 NAG EA . 8.47 -9.48 35.94
C6 NAG EA . 9.85 -9.08 35.43
C7 NAG EA . 4.93 -12.64 38.32
C8 NAG EA . 6.02 -13.51 38.90
N2 NAG EA . 5.31 -11.47 37.77
O3 NAG EA . 6.96 -9.68 39.34
O4 NAG EA . 8.57 -7.92 37.77
O5 NAG EA . 8.23 -10.83 35.61
O6 NAG EA . 10.84 -9.76 36.19
O7 NAG EA . 3.76 -13.00 38.35
C1 NAG FA . -6.37 -27.80 -14.37
C2 NAG FA . -6.87 -27.24 -15.72
C3 NAG FA . -7.43 -28.33 -16.63
C4 NAG FA . -6.50 -29.53 -16.71
C5 NAG FA . -6.17 -30.00 -15.31
C6 NAG FA . -5.19 -31.16 -15.34
C7 NAG FA . -7.55 -24.91 -15.69
C8 NAG FA . -8.68 -23.93 -15.57
N2 NAG FA . -7.85 -26.19 -15.53
O3 NAG FA . -7.62 -27.80 -17.93
O4 NAG FA . -7.09 -30.56 -17.47
O5 NAG FA . -5.57 -28.95 -14.59
O6 NAG FA . -3.92 -30.67 -15.71
O7 NAG FA . -6.40 -24.51 -15.91
C1 NAG GA . 14.60 -13.66 32.30
C2 NAG GA . 14.93 -14.08 33.73
C3 NAG GA . 16.27 -13.58 34.30
C4 NAG GA . 17.32 -13.30 33.24
C5 NAG GA . 16.69 -12.56 32.08
C6 NAG GA . 17.71 -12.09 31.05
C7 NAG GA . 12.93 -14.46 35.06
C8 NAG GA . 11.70 -13.84 35.64
N2 NAG GA . 13.86 -13.63 34.59
O3 NAG GA . 16.78 -14.55 35.19
O4 NAG GA . 18.36 -12.52 33.80
O5 NAG GA . 15.75 -13.44 31.49
O6 NAG GA . 18.41 -13.20 30.53
O7 NAG GA . 13.06 -15.69 35.01
#